data_2K24
#
_entry.id   2K24
#
_entity_poly.entity_id   1
_entity_poly.type   'polypeptide(L)'
_entity_poly.pdbx_seq_one_letter_code
;MTLCAMYNISMAGSHPTTICVVMDRFLESFSELYDIIDENDTDVMMDFISRFARTDEIMPEDKTVGFVVVNADKKLMSVS
FSDIDENMKKVIKATAEKFKNKGFKVETDM
;
_entity_poly.pdbx_strand_id   A
#
# COMPACT_ATOMS: atom_id res chain seq x y z
N MET A 1 16.10 12.56 -4.91
CA MET A 1 15.00 12.14 -5.76
C MET A 1 13.79 11.73 -4.93
N THR A 2 12.65 11.58 -5.60
CA THR A 2 11.41 11.20 -4.93
C THR A 2 11.07 9.74 -5.19
N LEU A 3 10.78 8.99 -4.13
CA LEU A 3 10.43 7.58 -4.26
C LEU A 3 8.96 7.35 -3.91
N CYS A 4 8.26 6.64 -4.79
CA CYS A 4 6.85 6.34 -4.58
C CYS A 4 6.60 4.84 -4.58
N ALA A 5 5.47 4.43 -4.02
CA ALA A 5 5.11 3.02 -3.95
C ALA A 5 3.62 2.81 -4.22
N MET A 6 3.29 1.72 -4.92
CA MET A 6 1.90 1.42 -5.23
C MET A 6 1.45 0.15 -4.52
N TYR A 7 0.38 0.25 -3.76
CA TYR A 7 -0.17 -0.89 -3.03
C TYR A 7 -1.60 -1.19 -3.44
N ASN A 8 -1.93 -2.48 -3.53
CA ASN A 8 -3.26 -2.89 -3.93
C ASN A 8 -3.93 -3.70 -2.81
N ILE A 9 -5.20 -3.40 -2.55
CA ILE A 9 -5.94 -4.09 -1.50
C ILE A 9 -7.10 -4.88 -2.10
N SER A 10 -7.21 -6.15 -1.70
CA SER A 10 -8.27 -7.02 -2.19
C SER A 10 -9.27 -7.34 -1.09
N MET A 11 -10.54 -7.03 -1.35
CA MET A 11 -11.59 -7.28 -0.38
C MET A 11 -12.14 -8.70 -0.52
N ALA A 12 -11.65 -9.41 -1.53
CA ALA A 12 -12.08 -10.79 -1.78
C ALA A 12 -11.39 -11.37 -2.99
N GLY A 13 -11.92 -12.48 -3.50
CA GLY A 13 -11.34 -13.13 -4.66
C GLY A 13 -11.81 -12.50 -5.96
N SER A 14 -11.87 -11.18 -6.00
CA SER A 14 -12.32 -10.46 -7.18
C SER A 14 -11.37 -9.30 -7.50
N HIS A 15 -11.41 -8.84 -8.75
CA HIS A 15 -10.56 -7.73 -9.18
C HIS A 15 -10.31 -6.76 -8.03
N PRO A 16 -9.09 -6.83 -7.45
CA PRO A 16 -8.70 -5.97 -6.34
C PRO A 16 -8.52 -4.51 -6.77
N THR A 17 -8.17 -3.66 -5.81
CA THR A 17 -7.97 -2.24 -6.09
C THR A 17 -6.52 -1.84 -5.88
N THR A 18 -5.91 -1.25 -6.91
CA THR A 18 -4.52 -0.82 -6.84
C THR A 18 -4.42 0.70 -6.69
N ILE A 19 -3.46 1.15 -5.91
CA ILE A 19 -3.26 2.58 -5.68
C ILE A 19 -1.77 2.92 -5.67
N CYS A 20 -1.45 4.09 -6.21
CA CYS A 20 -0.06 4.55 -6.26
C CYS A 20 0.11 5.88 -5.54
N VAL A 21 0.92 5.87 -4.48
CA VAL A 21 1.16 7.07 -3.70
C VAL A 21 2.62 7.16 -3.27
N VAL A 22 3.13 8.38 -3.17
CA VAL A 22 4.51 8.61 -2.78
C VAL A 22 4.74 8.19 -1.33
N MET A 23 5.99 7.87 -1.01
CA MET A 23 6.35 7.46 0.35
C MET A 23 5.87 8.48 1.37
N ASP A 24 5.99 9.76 1.04
CA ASP A 24 5.57 10.83 1.92
C ASP A 24 4.09 10.70 2.26
N ARG A 25 3.29 10.31 1.27
CA ARG A 25 1.85 10.15 1.46
C ARG A 25 1.50 8.71 1.74
N PHE A 26 2.45 7.81 1.50
CA PHE A 26 2.23 6.38 1.72
C PHE A 26 1.97 6.10 3.20
N LEU A 27 2.77 6.72 4.06
CA LEU A 27 2.63 6.54 5.50
C LEU A 27 1.23 6.92 5.97
N GLU A 28 0.77 8.10 5.55
CA GLU A 28 -0.55 8.58 5.92
C GLU A 28 -1.64 7.75 5.24
N SER A 29 -1.47 7.50 3.96
CA SER A 29 -2.44 6.72 3.19
C SER A 29 -2.66 5.36 3.83
N PHE A 30 -1.58 4.75 4.30
CA PHE A 30 -1.65 3.43 4.93
C PHE A 30 -2.40 3.51 6.26
N SER A 31 -2.06 4.52 7.07
CA SER A 31 -2.70 4.70 8.36
C SER A 31 -4.21 4.80 8.22
N GLU A 32 -4.66 5.60 7.27
CA GLU A 32 -6.09 5.78 7.03
C GLU A 32 -6.68 4.56 6.34
N LEU A 33 -5.96 4.03 5.36
CA LEU A 33 -6.41 2.86 4.61
C LEU A 33 -6.68 1.69 5.56
N TYR A 34 -5.84 1.54 6.56
CA TYR A 34 -5.99 0.45 7.53
C TYR A 34 -7.24 0.66 8.38
N ASP A 35 -7.59 1.91 8.62
CA ASP A 35 -8.76 2.24 9.42
C ASP A 35 -10.04 1.98 8.63
N ILE A 36 -9.95 2.10 7.31
CA ILE A 36 -11.10 1.87 6.44
C ILE A 36 -11.13 0.44 5.93
N ILE A 37 -9.97 -0.21 5.95
CA ILE A 37 -9.86 -1.59 5.50
C ILE A 37 -10.78 -2.52 6.31
N ASP A 38 -11.20 -2.04 7.47
CA ASP A 38 -12.08 -2.81 8.34
C ASP A 38 -13.43 -3.06 7.67
N GLU A 39 -13.80 -2.17 6.74
CA GLU A 39 -15.07 -2.29 6.02
C GLU A 39 -14.94 -3.26 4.85
N ASN A 40 -16.00 -3.37 4.07
CA ASN A 40 -16.01 -4.27 2.91
C ASN A 40 -16.94 -3.74 1.82
N ASP A 41 -17.25 -2.45 1.90
CA ASP A 41 -18.14 -1.82 0.91
C ASP A 41 -17.34 -1.30 -0.28
N THR A 42 -17.86 -1.56 -1.48
CA THR A 42 -17.20 -1.12 -2.71
C THR A 42 -17.25 0.39 -2.84
N ASP A 43 -18.35 0.99 -2.43
CA ASP A 43 -18.51 2.44 -2.50
C ASP A 43 -17.53 3.15 -1.58
N VAL A 44 -17.38 2.63 -0.36
CA VAL A 44 -16.47 3.21 0.62
C VAL A 44 -15.02 3.02 0.18
N MET A 45 -14.71 1.84 -0.34
CA MET A 45 -13.35 1.53 -0.79
C MET A 45 -13.00 2.32 -2.05
N MET A 46 -13.94 2.36 -2.99
CA MET A 46 -13.73 3.08 -4.24
C MET A 46 -13.67 4.58 -3.99
N ASP A 47 -14.50 5.06 -3.06
CA ASP A 47 -14.54 6.48 -2.75
C ASP A 47 -13.26 6.91 -2.03
N PHE A 48 -12.78 6.07 -1.12
CA PHE A 48 -11.56 6.36 -0.37
C PHE A 48 -10.33 6.25 -1.26
N ILE A 49 -10.27 5.18 -2.04
CA ILE A 49 -9.15 4.96 -2.94
C ILE A 49 -9.05 6.06 -3.99
N SER A 50 -10.18 6.36 -4.63
CA SER A 50 -10.23 7.39 -5.65
C SER A 50 -9.90 8.76 -5.05
N ARG A 51 -10.37 9.00 -3.84
CA ARG A 51 -10.13 10.26 -3.16
C ARG A 51 -8.69 10.37 -2.70
N PHE A 52 -8.08 9.22 -2.40
CA PHE A 52 -6.69 9.19 -1.94
C PHE A 52 -5.73 9.04 -3.12
N ALA A 53 -6.28 8.67 -4.27
CA ALA A 53 -5.47 8.50 -5.47
C ALA A 53 -5.82 9.55 -6.53
N ARG A 54 -4.96 9.69 -7.52
CA ARG A 54 -5.17 10.67 -8.59
C ARG A 54 -4.68 10.12 -9.92
N THR A 55 -4.43 8.81 -9.98
CA THR A 55 -3.94 8.18 -11.20
C THR A 55 -2.79 8.97 -11.82
N ASP A 56 -1.58 8.70 -11.35
CA ASP A 56 -0.40 9.38 -11.86
C ASP A 56 0.78 8.43 -11.97
N GLU A 57 1.71 8.73 -12.89
CA GLU A 57 2.88 7.89 -13.09
C GLU A 57 4.10 8.48 -12.38
N ILE A 58 5.27 7.96 -12.72
CA ILE A 58 6.52 8.44 -12.11
C ILE A 58 7.35 9.23 -13.12
N MET A 59 7.78 10.41 -12.72
CA MET A 59 8.59 11.27 -13.58
C MET A 59 10.03 10.77 -13.65
N PRO A 60 10.78 11.24 -14.66
CA PRO A 60 12.18 10.86 -14.85
C PRO A 60 13.10 11.43 -13.77
N GLU A 61 12.58 12.38 -13.02
CA GLU A 61 13.35 13.01 -11.95
C GLU A 61 13.27 12.19 -10.66
N ASP A 62 12.25 11.34 -10.57
CA ASP A 62 12.06 10.50 -9.40
C ASP A 62 11.97 9.03 -9.79
N LYS A 63 11.57 8.20 -8.83
CA LYS A 63 11.43 6.76 -9.07
C LYS A 63 10.37 6.15 -8.17
N THR A 64 10.20 4.83 -8.27
CA THR A 64 9.21 4.13 -7.48
C THR A 64 9.88 3.11 -6.55
N VAL A 65 9.81 3.36 -5.24
CA VAL A 65 10.40 2.47 -4.26
C VAL A 65 9.96 1.03 -4.50
N GLY A 66 8.70 0.85 -4.89
CA GLY A 66 8.17 -0.47 -5.14
C GLY A 66 6.66 -0.53 -5.00
N PHE A 67 6.12 -1.74 -5.00
CA PHE A 67 4.68 -1.94 -4.87
C PHE A 67 4.36 -2.97 -3.78
N VAL A 68 3.21 -2.80 -3.13
CA VAL A 68 2.79 -3.71 -2.09
C VAL A 68 1.49 -4.42 -2.45
N VAL A 69 1.49 -5.74 -2.33
CA VAL A 69 0.31 -6.54 -2.65
C VAL A 69 -0.37 -7.05 -1.40
N VAL A 70 -1.63 -6.64 -1.20
CA VAL A 70 -2.39 -7.07 -0.03
C VAL A 70 -3.70 -7.71 -0.44
N ASN A 71 -3.86 -8.98 -0.08
CA ASN A 71 -5.08 -9.72 -0.41
C ASN A 71 -5.79 -10.19 0.86
N ALA A 72 -6.94 -9.60 1.14
CA ALA A 72 -7.71 -9.97 2.32
C ALA A 72 -8.30 -11.38 2.18
N ASP A 73 -8.69 -11.72 0.96
CA ASP A 73 -9.27 -13.04 0.70
C ASP A 73 -8.28 -14.15 1.05
N LYS A 74 -7.00 -13.89 0.78
CA LYS A 74 -5.95 -14.86 1.07
C LYS A 74 -5.33 -14.61 2.44
N LYS A 75 -5.59 -13.43 2.98
CA LYS A 75 -5.05 -13.06 4.29
C LYS A 75 -3.53 -12.99 4.27
N LEU A 76 -3.00 -12.45 3.18
CA LEU A 76 -1.54 -12.33 3.03
C LEU A 76 -1.18 -10.99 2.39
N MET A 77 0.01 -10.49 2.72
CA MET A 77 0.48 -9.22 2.17
C MET A 77 1.98 -9.25 1.93
N SER A 78 2.39 -8.90 0.70
CA SER A 78 3.79 -8.90 0.34
C SER A 78 4.22 -7.52 -0.15
N VAL A 79 5.41 -7.09 0.28
CA VAL A 79 5.94 -5.79 -0.11
C VAL A 79 7.24 -5.94 -0.90
N SER A 80 7.22 -5.46 -2.13
CA SER A 80 8.41 -5.54 -3.00
C SER A 80 8.93 -4.14 -3.34
N PHE A 81 10.16 -3.87 -2.95
CA PHE A 81 10.78 -2.58 -3.21
C PHE A 81 12.23 -2.74 -3.67
N SER A 82 12.66 -1.89 -4.59
CA SER A 82 14.01 -1.95 -5.11
C SER A 82 14.77 -0.66 -4.81
N ASP A 83 16.09 -0.75 -4.75
CA ASP A 83 16.93 0.40 -4.47
C ASP A 83 16.21 1.38 -3.54
N ILE A 84 16.31 1.13 -2.24
CA ILE A 84 15.67 2.00 -1.25
C ILE A 84 16.64 2.39 -0.15
N ASP A 85 16.10 2.95 0.93
CA ASP A 85 16.93 3.37 2.06
C ASP A 85 16.29 2.95 3.38
N GLU A 86 17.06 3.01 4.46
CA GLU A 86 16.57 2.65 5.78
C GLU A 86 15.52 3.64 6.26
N ASN A 87 15.61 4.87 5.78
CA ASN A 87 14.66 5.92 6.16
C ASN A 87 13.23 5.52 5.80
N MET A 88 13.04 5.11 4.55
CA MET A 88 11.72 4.69 4.07
C MET A 88 11.40 3.26 4.53
N LYS A 89 12.43 2.44 4.63
CA LYS A 89 12.27 1.06 5.04
C LYS A 89 11.48 0.97 6.35
N LYS A 90 11.74 1.90 7.25
CA LYS A 90 11.06 1.93 8.54
C LYS A 90 9.56 2.06 8.35
N VAL A 91 9.15 2.85 7.36
CA VAL A 91 7.73 3.04 7.07
C VAL A 91 7.12 1.80 6.44
N ILE A 92 7.90 1.12 5.61
CA ILE A 92 7.43 -0.09 4.94
C ILE A 92 7.23 -1.23 5.95
N LYS A 93 8.20 -1.41 6.83
CA LYS A 93 8.12 -2.46 7.85
C LYS A 93 7.00 -2.18 8.83
N ALA A 94 6.89 -0.93 9.27
CA ALA A 94 5.85 -0.54 10.21
C ALA A 94 4.47 -0.71 9.60
N THR A 95 4.33 -0.35 8.33
CA THR A 95 3.06 -0.47 7.63
C THR A 95 2.68 -1.93 7.43
N ALA A 96 3.65 -2.73 7.01
CA ALA A 96 3.41 -4.16 6.78
C ALA A 96 3.09 -4.88 8.09
N GLU A 97 3.92 -4.64 9.11
CA GLU A 97 3.73 -5.27 10.40
C GLU A 97 2.42 -4.82 11.04
N LYS A 98 2.03 -3.58 10.77
CA LYS A 98 0.79 -3.04 11.31
C LYS A 98 -0.40 -3.90 10.91
N PHE A 99 -0.39 -4.38 9.67
CA PHE A 99 -1.47 -5.21 9.16
C PHE A 99 -1.54 -6.54 9.90
N LYS A 100 -0.37 -7.04 10.31
CA LYS A 100 -0.29 -8.31 11.03
C LYS A 100 -1.04 -8.23 12.35
N ASN A 101 -1.09 -7.03 12.93
CA ASN A 101 -1.79 -6.83 14.19
C ASN A 101 -3.28 -7.09 14.05
N LYS A 102 -3.75 -7.12 12.80
CA LYS A 102 -5.15 -7.37 12.52
C LYS A 102 -5.40 -8.84 12.21
N GLY A 103 -4.32 -9.59 12.06
CA GLY A 103 -4.43 -11.02 11.77
C GLY A 103 -4.19 -11.31 10.31
N PHE A 104 -2.98 -11.04 9.84
CA PHE A 104 -2.62 -11.28 8.45
C PHE A 104 -1.15 -11.69 8.33
N LYS A 105 -0.73 -12.01 7.11
CA LYS A 105 0.66 -12.42 6.87
C LYS A 105 1.45 -11.29 6.23
N VAL A 106 2.67 -11.09 6.71
CA VAL A 106 3.54 -10.03 6.19
C VAL A 106 4.77 -10.63 5.51
N GLU A 107 5.02 -10.21 4.27
CA GLU A 107 6.17 -10.70 3.52
C GLU A 107 7.00 -9.54 2.99
N THR A 108 8.32 -9.73 2.96
CA THR A 108 9.23 -8.70 2.47
C THR A 108 10.03 -9.19 1.27
N ASP A 109 10.11 -8.37 0.24
CA ASP A 109 10.86 -8.72 -0.97
C ASP A 109 11.86 -7.63 -1.32
N MET A 110 13.12 -8.04 -1.52
CA MET A 110 14.17 -7.10 -1.87
C MET A 110 15.33 -7.81 -2.57
N MET A 1 16.05 12.65 -4.50
CA MET A 1 15.06 12.24 -5.49
C MET A 1 13.74 11.87 -4.82
N THR A 2 12.71 11.66 -5.63
CA THR A 2 11.39 11.30 -5.11
C THR A 2 11.11 9.82 -5.34
N LEU A 3 10.65 9.14 -4.30
CA LEU A 3 10.33 7.72 -4.39
C LEU A 3 8.84 7.48 -4.17
N CYS A 4 8.23 6.72 -5.07
CA CYS A 4 6.81 6.41 -4.97
C CYS A 4 6.58 4.91 -4.87
N ALA A 5 5.44 4.52 -4.31
CA ALA A 5 5.10 3.11 -4.16
C ALA A 5 3.63 2.86 -4.47
N MET A 6 3.35 1.72 -5.11
CA MET A 6 1.99 1.36 -5.46
C MET A 6 1.52 0.14 -4.68
N TYR A 7 0.43 0.29 -3.93
CA TYR A 7 -0.11 -0.80 -3.14
C TYR A 7 -1.54 -1.12 -3.56
N ASN A 8 -1.88 -2.40 -3.56
CA ASN A 8 -3.22 -2.84 -3.94
C ASN A 8 -3.89 -3.59 -2.79
N ILE A 9 -5.17 -3.30 -2.57
CA ILE A 9 -5.92 -3.95 -1.50
C ILE A 9 -7.05 -4.79 -2.07
N SER A 10 -7.13 -6.05 -1.62
CA SER A 10 -8.17 -6.96 -2.08
C SER A 10 -9.15 -7.28 -0.96
N MET A 11 -10.43 -7.04 -1.22
CA MET A 11 -11.47 -7.29 -0.24
C MET A 11 -12.04 -8.70 -0.40
N ALA A 12 -11.54 -9.42 -1.40
CA ALA A 12 -11.99 -10.78 -1.66
C ALA A 12 -11.25 -11.39 -2.85
N GLY A 13 -11.79 -12.49 -3.36
CA GLY A 13 -11.18 -13.14 -4.51
C GLY A 13 -11.61 -12.54 -5.82
N SER A 14 -11.66 -11.21 -5.87
CA SER A 14 -12.07 -10.51 -7.09
C SER A 14 -11.11 -9.36 -7.39
N HIS A 15 -11.11 -8.92 -8.65
CA HIS A 15 -10.25 -7.83 -9.08
C HIS A 15 -10.06 -6.80 -7.96
N PRO A 16 -8.87 -6.81 -7.34
CA PRO A 16 -8.56 -5.89 -6.25
C PRO A 16 -8.41 -4.45 -6.73
N THR A 17 -8.05 -3.56 -5.81
CA THR A 17 -7.87 -2.15 -6.13
C THR A 17 -6.43 -1.71 -5.95
N THR A 18 -5.87 -1.07 -6.98
CA THR A 18 -4.49 -0.60 -6.93
C THR A 18 -4.43 0.91 -6.74
N ILE A 19 -3.45 1.37 -5.96
CA ILE A 19 -3.28 2.79 -5.71
C ILE A 19 -1.81 3.19 -5.73
N CYS A 20 -1.53 4.39 -6.21
CA CYS A 20 -0.16 4.89 -6.29
C CYS A 20 0.02 6.12 -5.41
N VAL A 21 0.90 6.02 -4.42
CA VAL A 21 1.16 7.13 -3.51
C VAL A 21 2.64 7.21 -3.15
N VAL A 22 3.14 8.44 -3.00
CA VAL A 22 4.54 8.64 -2.65
C VAL A 22 4.85 8.17 -1.24
N MET A 23 6.10 7.86 -0.98
CA MET A 23 6.52 7.39 0.34
C MET A 23 6.10 8.38 1.42
N ASP A 24 6.25 9.67 1.13
CA ASP A 24 5.88 10.71 2.08
C ASP A 24 4.40 10.62 2.45
N ARG A 25 3.57 10.30 1.46
CA ARG A 25 2.14 10.19 1.67
C ARG A 25 1.74 8.73 1.91
N PHE A 26 2.67 7.82 1.64
CA PHE A 26 2.42 6.40 1.83
C PHE A 26 2.14 6.08 3.29
N LEU A 27 2.96 6.64 4.17
CA LEU A 27 2.82 6.42 5.61
C LEU A 27 1.42 6.82 6.09
N GLU A 28 0.99 8.02 5.71
CA GLU A 28 -0.31 8.52 6.09
C GLU A 28 -1.43 7.75 5.38
N SER A 29 -1.26 7.54 4.07
CA SER A 29 -2.24 6.84 3.28
C SER A 29 -2.53 5.46 3.87
N PHE A 30 -1.46 4.75 4.22
CA PHE A 30 -1.60 3.41 4.81
C PHE A 30 -2.33 3.47 6.14
N SER A 31 -1.96 4.44 6.97
CA SER A 31 -2.58 4.61 8.28
C SER A 31 -4.10 4.71 8.15
N GLU A 32 -4.54 5.54 7.21
CA GLU A 32 -5.98 5.73 6.99
C GLU A 32 -6.59 4.53 6.29
N LEU A 33 -5.88 4.01 5.29
CA LEU A 33 -6.35 2.86 4.54
C LEU A 33 -6.63 1.67 5.46
N TYR A 34 -5.76 1.50 6.45
CA TYR A 34 -5.91 0.40 7.41
C TYR A 34 -7.15 0.60 8.26
N ASP A 35 -7.48 1.86 8.54
CA ASP A 35 -8.65 2.17 9.35
C ASP A 35 -9.94 1.93 8.57
N ILE A 36 -9.87 2.10 7.26
CA ILE A 36 -11.03 1.90 6.41
C ILE A 36 -11.07 0.47 5.86
N ILE A 37 -9.93 -0.21 5.90
CA ILE A 37 -9.83 -1.57 5.42
C ILE A 37 -10.75 -2.50 6.20
N ASP A 38 -11.19 -2.04 7.37
CA ASP A 38 -12.08 -2.82 8.22
C ASP A 38 -13.44 -3.01 7.56
N GLU A 39 -13.84 -2.02 6.76
CA GLU A 39 -15.12 -2.08 6.07
C GLU A 39 -15.08 -3.10 4.93
N ASN A 40 -16.17 -3.18 4.17
CA ASN A 40 -16.27 -4.12 3.06
C ASN A 40 -17.19 -3.57 1.98
N ASP A 41 -17.39 -2.26 1.97
CA ASP A 41 -18.24 -1.62 0.98
C ASP A 41 -17.42 -1.13 -0.22
N THR A 42 -17.93 -1.39 -1.42
CA THR A 42 -17.24 -0.98 -2.64
C THR A 42 -17.27 0.54 -2.80
N ASP A 43 -18.37 1.16 -2.37
CA ASP A 43 -18.53 2.60 -2.47
C ASP A 43 -17.51 3.31 -1.57
N VAL A 44 -17.37 2.81 -0.34
CA VAL A 44 -16.45 3.40 0.62
C VAL A 44 -15.00 3.19 0.19
N MET A 45 -14.71 2.00 -0.32
CA MET A 45 -13.36 1.66 -0.77
C MET A 45 -13.02 2.42 -2.05
N MET A 46 -13.95 2.47 -2.98
CA MET A 46 -13.75 3.16 -4.25
C MET A 46 -13.67 4.67 -4.03
N ASP A 47 -14.49 5.17 -3.11
CA ASP A 47 -14.51 6.60 -2.81
C ASP A 47 -13.25 7.02 -2.07
N PHE A 48 -12.81 6.18 -1.13
CA PHE A 48 -11.61 6.47 -0.35
C PHE A 48 -10.35 6.37 -1.22
N ILE A 49 -10.27 5.30 -2.01
CA ILE A 49 -9.13 5.09 -2.88
C ILE A 49 -9.06 6.15 -3.97
N SER A 50 -10.19 6.39 -4.63
CA SER A 50 -10.26 7.39 -5.69
C SER A 50 -9.92 8.78 -5.15
N ARG A 51 -10.37 9.06 -3.93
CA ARG A 51 -10.12 10.36 -3.31
C ARG A 51 -8.67 10.46 -2.83
N PHE A 52 -8.08 9.32 -2.49
CA PHE A 52 -6.70 9.27 -2.02
C PHE A 52 -5.73 9.23 -3.19
N ALA A 53 -6.18 8.64 -4.29
CA ALA A 53 -5.34 8.54 -5.49
C ALA A 53 -5.72 9.61 -6.52
N ARG A 54 -4.85 9.81 -7.50
CA ARG A 54 -5.09 10.79 -8.54
C ARG A 54 -4.53 10.32 -9.88
N THR A 55 -4.29 9.02 -9.99
CA THR A 55 -3.74 8.45 -11.21
C THR A 55 -2.54 9.24 -11.71
N ASP A 56 -1.35 8.84 -11.27
CA ASP A 56 -0.12 9.51 -11.67
C ASP A 56 1.02 8.51 -11.83
N GLU A 57 1.98 8.85 -12.68
CA GLU A 57 3.13 7.98 -12.93
C GLU A 57 4.39 8.54 -12.27
N ILE A 58 5.53 7.99 -12.64
CA ILE A 58 6.81 8.43 -12.08
C ILE A 58 7.63 9.18 -13.13
N MET A 59 8.15 10.35 -12.75
CA MET A 59 8.95 11.16 -13.65
C MET A 59 10.37 10.60 -13.76
N PRO A 60 11.09 11.04 -14.81
CA PRO A 60 12.47 10.59 -15.05
C PRO A 60 13.44 11.16 -14.02
N GLU A 61 12.99 12.14 -13.25
CA GLU A 61 13.82 12.76 -12.23
C GLU A 61 13.74 11.99 -10.92
N ASP A 62 12.69 11.19 -10.78
CA ASP A 62 12.49 10.39 -9.56
C ASP A 62 12.38 8.91 -9.90
N LYS A 63 11.92 8.12 -8.93
CA LYS A 63 11.77 6.69 -9.13
C LYS A 63 10.65 6.14 -8.24
N THR A 64 10.45 4.82 -8.30
CA THR A 64 9.42 4.18 -7.50
C THR A 64 10.02 3.18 -6.52
N VAL A 65 9.86 3.45 -5.23
CA VAL A 65 10.40 2.57 -4.20
C VAL A 65 9.98 1.13 -4.43
N GLY A 66 8.73 0.93 -4.86
CA GLY A 66 8.24 -0.41 -5.11
C GLY A 66 6.72 -0.49 -5.02
N PHE A 67 6.20 -1.71 -5.01
CA PHE A 67 4.76 -1.93 -4.92
C PHE A 67 4.43 -2.92 -3.81
N VAL A 68 3.28 -2.73 -3.17
CA VAL A 68 2.85 -3.61 -2.10
C VAL A 68 1.55 -4.33 -2.47
N VAL A 69 1.54 -5.64 -2.29
CA VAL A 69 0.36 -6.44 -2.61
C VAL A 69 -0.33 -6.94 -1.33
N VAL A 70 -1.58 -6.54 -1.15
CA VAL A 70 -2.34 -6.94 0.02
C VAL A 70 -3.64 -7.63 -0.38
N ASN A 71 -3.77 -8.89 0.00
CA ASN A 71 -4.97 -9.66 -0.31
C ASN A 71 -5.67 -10.14 0.96
N ALA A 72 -6.84 -9.56 1.23
CA ALA A 72 -7.60 -9.93 2.42
C ALA A 72 -8.19 -11.33 2.28
N ASP A 73 -8.51 -11.71 1.05
CA ASP A 73 -9.07 -13.03 0.77
C ASP A 73 -8.15 -14.14 1.25
N LYS A 74 -6.84 -13.95 1.05
CA LYS A 74 -5.86 -14.93 1.45
C LYS A 74 -5.27 -14.57 2.82
N LYS A 75 -5.46 -13.32 3.23
CA LYS A 75 -4.95 -12.86 4.51
C LYS A 75 -3.43 -12.77 4.50
N LEU A 76 -2.88 -12.21 3.43
CA LEU A 76 -1.43 -12.07 3.29
C LEU A 76 -1.07 -10.75 2.62
N MET A 77 0.13 -10.25 2.93
CA MET A 77 0.59 -9.00 2.34
C MET A 77 2.09 -9.05 2.05
N SER A 78 2.46 -8.73 0.82
CA SER A 78 3.85 -8.75 0.41
C SER A 78 4.29 -7.38 -0.11
N VAL A 79 5.48 -6.95 0.31
CA VAL A 79 6.01 -5.66 -0.10
C VAL A 79 7.32 -5.83 -0.89
N SER A 80 7.31 -5.35 -2.13
CA SER A 80 8.49 -5.45 -2.98
C SER A 80 9.03 -4.07 -3.34
N PHE A 81 10.26 -3.80 -2.94
CA PHE A 81 10.88 -2.50 -3.22
C PHE A 81 12.33 -2.68 -3.67
N SER A 82 12.78 -1.80 -4.56
CA SER A 82 14.14 -1.87 -5.07
C SER A 82 14.94 -0.63 -4.66
N ASP A 83 16.26 -0.78 -4.56
CA ASP A 83 17.13 0.32 -4.18
C ASP A 83 16.39 1.31 -3.31
N ILE A 84 16.36 1.04 -2.00
CA ILE A 84 15.69 1.92 -1.05
C ILE A 84 16.58 2.22 0.14
N ASP A 85 16.26 3.29 0.87
CA ASP A 85 17.03 3.69 2.03
C ASP A 85 16.38 3.16 3.31
N GLU A 86 17.18 3.08 4.37
CA GLU A 86 16.68 2.59 5.66
C GLU A 86 15.65 3.54 6.25
N ASN A 87 15.74 4.82 5.85
CA ASN A 87 14.82 5.83 6.34
C ASN A 87 13.38 5.48 5.97
N MET A 88 13.16 5.14 4.70
CA MET A 88 11.83 4.77 4.23
C MET A 88 11.49 3.34 4.60
N LYS A 89 12.51 2.48 4.61
CA LYS A 89 12.32 1.08 4.96
C LYS A 89 11.55 0.93 6.27
N LYS A 90 11.85 1.80 7.22
CA LYS A 90 11.18 1.78 8.52
C LYS A 90 9.68 1.93 8.36
N VAL A 91 9.27 2.79 7.42
CA VAL A 91 7.86 3.03 7.16
C VAL A 91 7.22 1.84 6.46
N ILE A 92 7.96 1.21 5.56
CA ILE A 92 7.47 0.06 4.82
C ILE A 92 7.27 -1.14 5.74
N LYS A 93 8.27 -1.41 6.57
CA LYS A 93 8.21 -2.54 7.50
C LYS A 93 7.12 -2.31 8.54
N ALA A 94 7.03 -1.09 9.04
CA ALA A 94 6.01 -0.75 10.05
C ALA A 94 4.61 -0.87 9.47
N THR A 95 4.46 -0.51 8.20
CA THR A 95 3.17 -0.57 7.53
C THR A 95 2.72 -2.02 7.32
N ALA A 96 3.65 -2.86 6.87
CA ALA A 96 3.36 -4.27 6.63
C ALA A 96 3.08 -4.99 7.94
N GLU A 97 3.95 -4.80 8.92
CA GLU A 97 3.79 -5.43 10.22
C GLU A 97 2.51 -4.96 10.90
N LYS A 98 2.16 -3.70 10.68
CA LYS A 98 0.96 -3.12 11.27
C LYS A 98 -0.28 -3.91 10.88
N PHE A 99 -0.32 -4.36 9.63
CA PHE A 99 -1.45 -5.14 9.13
C PHE A 99 -1.56 -6.47 9.86
N LYS A 100 -0.42 -7.02 10.27
CA LYS A 100 -0.39 -8.30 10.97
C LYS A 100 -1.17 -8.20 12.29
N ASN A 101 -1.20 -7.01 12.87
CA ASN A 101 -1.91 -6.78 14.12
C ASN A 101 -3.40 -7.05 13.96
N LYS A 102 -3.86 -7.09 12.72
CA LYS A 102 -5.27 -7.34 12.43
C LYS A 102 -5.49 -8.79 11.98
N GLY A 103 -4.39 -9.51 11.78
CA GLY A 103 -4.47 -10.90 11.36
C GLY A 103 -4.20 -11.08 9.88
N PHE A 104 -3.02 -10.67 9.44
CA PHE A 104 -2.63 -10.78 8.04
C PHE A 104 -1.14 -11.08 7.91
N LYS A 105 -0.81 -12.12 7.15
CA LYS A 105 0.58 -12.50 6.94
C LYS A 105 1.38 -11.34 6.34
N VAL A 106 2.65 -11.26 6.71
CA VAL A 106 3.52 -10.19 6.21
C VAL A 106 4.76 -10.78 5.55
N GLU A 107 5.02 -10.37 4.32
CA GLU A 107 6.17 -10.85 3.58
C GLU A 107 6.96 -9.69 2.98
N THR A 108 8.29 -9.80 3.00
CA THR A 108 9.16 -8.76 2.46
C THR A 108 10.01 -9.30 1.33
N ASP A 109 10.06 -8.56 0.23
CA ASP A 109 10.86 -8.96 -0.93
C ASP A 109 11.70 -7.79 -1.44
N MET A 110 12.85 -8.11 -2.01
CA MET A 110 13.75 -7.08 -2.54
C MET A 110 14.40 -7.56 -3.84
N MET A 1 15.91 12.69 -4.86
CA MET A 1 14.97 12.15 -5.85
C MET A 1 13.64 11.82 -5.20
N THR A 2 12.64 11.52 -6.03
CA THR A 2 11.31 11.20 -5.53
C THR A 2 11.04 9.70 -5.65
N LEU A 3 10.59 9.10 -4.56
CA LEU A 3 10.29 7.67 -4.54
C LEU A 3 8.81 7.42 -4.23
N CYS A 4 8.13 6.71 -5.12
CA CYS A 4 6.73 6.40 -4.94
C CYS A 4 6.49 4.89 -4.92
N ALA A 5 5.45 4.48 -4.21
CA ALA A 5 5.12 3.06 -4.10
C ALA A 5 3.64 2.82 -4.37
N MET A 6 3.34 1.73 -5.08
CA MET A 6 1.96 1.39 -5.40
C MET A 6 1.53 0.12 -4.68
N TYR A 7 0.44 0.22 -3.92
CA TYR A 7 -0.07 -0.92 -3.17
C TYR A 7 -1.51 -1.23 -3.57
N ASN A 8 -1.87 -2.51 -3.53
CA ASN A 8 -3.22 -2.94 -3.90
C ASN A 8 -3.86 -3.73 -2.76
N ILE A 9 -5.13 -3.44 -2.49
CA ILE A 9 -5.86 -4.12 -1.42
C ILE A 9 -7.01 -4.94 -1.99
N SER A 10 -7.11 -6.19 -1.55
CA SER A 10 -8.16 -7.09 -2.01
C SER A 10 -9.15 -7.38 -0.88
N MET A 11 -10.42 -7.08 -1.12
CA MET A 11 -11.47 -7.31 -0.14
C MET A 11 -12.02 -8.73 -0.27
N ALA A 12 -11.53 -9.46 -1.25
CA ALA A 12 -11.99 -10.82 -1.49
C ALA A 12 -11.27 -11.46 -2.68
N GLY A 13 -11.82 -12.55 -3.18
CA GLY A 13 -11.22 -13.22 -4.32
C GLY A 13 -11.66 -12.62 -5.64
N SER A 14 -11.71 -11.30 -5.70
CA SER A 14 -12.14 -10.61 -6.91
C SER A 14 -11.18 -9.47 -7.24
N HIS A 15 -11.20 -9.03 -8.50
CA HIS A 15 -10.33 -7.94 -8.94
C HIS A 15 -10.15 -6.91 -7.83
N PRO A 16 -8.96 -6.91 -7.21
CA PRO A 16 -8.63 -5.98 -6.13
C PRO A 16 -8.49 -4.55 -6.62
N THR A 17 -8.09 -3.66 -5.71
CA THR A 17 -7.91 -2.25 -6.05
C THR A 17 -6.45 -1.83 -5.93
N THR A 18 -5.94 -1.17 -6.96
CA THR A 18 -4.55 -0.72 -6.97
C THR A 18 -4.46 0.79 -6.74
N ILE A 19 -3.44 1.21 -6.01
CA ILE A 19 -3.24 2.62 -5.71
C ILE A 19 -1.76 2.97 -5.68
N CYS A 20 -1.41 4.14 -6.23
CA CYS A 20 -0.03 4.59 -6.26
C CYS A 20 0.12 5.92 -5.52
N VAL A 21 0.95 5.92 -4.49
CA VAL A 21 1.19 7.12 -3.70
C VAL A 21 2.65 7.24 -3.30
N VAL A 22 3.14 8.47 -3.19
CA VAL A 22 4.52 8.72 -2.81
C VAL A 22 4.79 8.29 -1.38
N MET A 23 6.05 7.98 -1.08
CA MET A 23 6.43 7.56 0.26
C MET A 23 5.96 8.57 1.31
N ASP A 24 6.07 9.85 0.98
CA ASP A 24 5.66 10.91 1.88
C ASP A 24 4.19 10.78 2.25
N ARG A 25 3.37 10.39 1.26
CA ARG A 25 1.94 10.22 1.48
C ARG A 25 1.60 8.76 1.75
N PHE A 26 2.55 7.88 1.49
CA PHE A 26 2.35 6.44 1.71
C PHE A 26 2.11 6.15 3.18
N LEU A 27 2.91 6.77 4.04
CA LEU A 27 2.79 6.57 5.48
C LEU A 27 1.39 6.94 5.97
N GLU A 28 0.93 8.12 5.56
CA GLU A 28 -0.40 8.59 5.96
C GLU A 28 -1.49 7.78 5.27
N SER A 29 -1.30 7.50 3.99
CA SER A 29 -2.28 6.73 3.22
C SER A 29 -2.50 5.36 3.85
N PHE A 30 -1.42 4.72 4.28
CA PHE A 30 -1.50 3.41 4.89
C PHE A 30 -2.22 3.47 6.23
N SER A 31 -1.86 4.47 7.03
CA SER A 31 -2.47 4.65 8.35
C SER A 31 -3.99 4.76 8.23
N GLU A 32 -4.45 5.55 7.28
CA GLU A 32 -5.88 5.73 7.07
C GLU A 32 -6.49 4.51 6.40
N LEU A 33 -5.78 3.97 5.42
CA LEU A 33 -6.25 2.79 4.69
C LEU A 33 -6.56 1.64 5.65
N TYR A 34 -5.72 1.50 6.67
CA TYR A 34 -5.90 0.44 7.65
C TYR A 34 -7.15 0.68 8.50
N ASP A 35 -7.47 1.94 8.72
CA ASP A 35 -8.65 2.31 9.50
C ASP A 35 -9.92 2.07 8.70
N ILE A 36 -9.81 2.15 7.38
CA ILE A 36 -10.95 1.94 6.51
C ILE A 36 -10.98 0.51 5.97
N ILE A 37 -9.85 -0.18 6.08
CA ILE A 37 -9.75 -1.56 5.61
C ILE A 37 -10.74 -2.46 6.33
N ASP A 38 -11.27 -1.98 7.45
CA ASP A 38 -12.24 -2.75 8.23
C ASP A 38 -13.65 -2.49 7.73
N GLU A 39 -13.91 -2.85 6.47
CA GLU A 39 -15.22 -2.65 5.89
C GLU A 39 -15.52 -3.73 4.84
N ASN A 40 -16.62 -3.57 4.13
CA ASN A 40 -17.02 -4.52 3.10
C ASN A 40 -17.88 -3.86 2.03
N ASP A 41 -17.73 -2.54 1.90
CA ASP A 41 -18.50 -1.78 0.92
C ASP A 41 -17.59 -1.30 -0.22
N THR A 42 -18.06 -1.48 -1.45
CA THR A 42 -17.29 -1.07 -2.62
C THR A 42 -17.27 0.45 -2.75
N ASP A 43 -18.38 1.08 -2.40
CA ASP A 43 -18.50 2.54 -2.49
C ASP A 43 -17.50 3.21 -1.55
N VAL A 44 -17.38 2.68 -0.33
CA VAL A 44 -16.46 3.23 0.65
C VAL A 44 -15.01 3.02 0.22
N MET A 45 -14.73 1.84 -0.32
CA MET A 45 -13.38 1.52 -0.77
C MET A 45 -13.00 2.34 -2.00
N MET A 46 -13.92 2.42 -2.95
CA MET A 46 -13.68 3.18 -4.18
C MET A 46 -13.62 4.68 -3.89
N ASP A 47 -14.45 5.13 -2.96
CA ASP A 47 -14.48 6.54 -2.59
C ASP A 47 -13.20 6.95 -1.90
N PHE A 48 -12.71 6.09 -1.00
CA PHE A 48 -11.48 6.37 -0.27
C PHE A 48 -10.26 6.25 -1.18
N ILE A 49 -10.23 5.18 -1.96
CA ILE A 49 -9.11 4.94 -2.88
C ILE A 49 -9.02 6.05 -3.92
N SER A 50 -10.15 6.37 -4.54
CA SER A 50 -10.20 7.42 -5.56
C SER A 50 -9.84 8.78 -4.97
N ARG A 51 -10.30 9.02 -3.75
CA ARG A 51 -10.04 10.28 -3.06
C ARG A 51 -8.58 10.36 -2.62
N PHE A 52 -8.00 9.20 -2.33
CA PHE A 52 -6.61 9.14 -1.89
C PHE A 52 -5.66 8.98 -3.08
N ALA A 53 -6.23 8.64 -4.23
CA ALA A 53 -5.44 8.47 -5.45
C ALA A 53 -5.79 9.53 -6.49
N ARG A 54 -4.96 9.63 -7.53
CA ARG A 54 -5.18 10.60 -8.60
C ARG A 54 -4.47 10.17 -9.87
N THR A 55 -4.27 8.87 -10.02
CA THR A 55 -3.60 8.34 -11.20
C THR A 55 -2.32 9.11 -11.50
N ASP A 56 -1.21 8.67 -10.91
CA ASP A 56 0.08 9.31 -11.11
C ASP A 56 1.18 8.27 -11.36
N GLU A 57 2.23 8.67 -12.08
CA GLU A 57 3.33 7.78 -12.38
C GLU A 57 4.65 8.35 -11.84
N ILE A 58 5.75 7.74 -12.26
CA ILE A 58 7.07 8.19 -11.83
C ILE A 58 7.83 8.85 -12.97
N MET A 59 8.40 10.02 -12.70
CA MET A 59 9.16 10.75 -13.70
C MET A 59 10.53 10.13 -13.91
N PRO A 60 11.19 10.50 -15.02
CA PRO A 60 12.52 9.99 -15.36
C PRO A 60 13.61 10.51 -14.41
N GLU A 61 13.30 11.61 -13.72
CA GLU A 61 14.26 12.21 -12.79
C GLU A 61 14.15 11.56 -11.41
N ASP A 62 13.02 10.89 -11.16
CA ASP A 62 12.79 10.22 -9.89
C ASP A 62 12.69 8.71 -10.07
N LYS A 63 12.17 8.03 -9.06
CA LYS A 63 12.01 6.58 -9.10
C LYS A 63 10.80 6.13 -8.29
N THR A 64 10.58 4.83 -8.25
CA THR A 64 9.46 4.27 -7.50
C THR A 64 9.94 3.33 -6.40
N VAL A 65 9.51 3.60 -5.17
CA VAL A 65 9.90 2.78 -4.03
C VAL A 65 9.66 1.30 -4.31
N GLY A 66 8.47 0.99 -4.84
CA GLY A 66 8.13 -0.39 -5.15
C GLY A 66 6.64 -0.62 -5.19
N PHE A 67 6.24 -1.90 -5.18
CA PHE A 67 4.83 -2.25 -5.23
C PHE A 67 4.48 -3.20 -4.08
N VAL A 68 3.32 -2.98 -3.46
CA VAL A 68 2.87 -3.81 -2.36
C VAL A 68 1.57 -4.51 -2.70
N VAL A 69 1.52 -5.82 -2.46
CA VAL A 69 0.33 -6.61 -2.74
C VAL A 69 -0.31 -7.11 -1.46
N VAL A 70 -1.57 -6.73 -1.23
CA VAL A 70 -2.30 -7.13 -0.04
C VAL A 70 -3.62 -7.80 -0.42
N ASN A 71 -3.75 -9.08 -0.05
CA ASN A 71 -4.96 -9.84 -0.34
C ASN A 71 -5.62 -10.32 0.94
N ALA A 72 -6.78 -9.74 1.25
CA ALA A 72 -7.52 -10.11 2.46
C ALA A 72 -8.11 -11.51 2.33
N ASP A 73 -8.53 -11.86 1.12
CA ASP A 73 -9.11 -13.17 0.85
C ASP A 73 -8.15 -14.29 1.24
N LYS A 74 -6.87 -14.07 0.96
CA LYS A 74 -5.84 -15.06 1.27
C LYS A 74 -5.19 -14.75 2.61
N LYS A 75 -5.44 -13.56 3.13
CA LYS A 75 -4.88 -13.14 4.42
C LYS A 75 -3.36 -13.05 4.33
N LEU A 76 -2.86 -12.60 3.20
CA LEU A 76 -1.41 -12.47 2.99
C LEU A 76 -1.09 -11.20 2.23
N MET A 77 0.05 -10.58 2.54
CA MET A 77 0.48 -9.36 1.88
C MET A 77 1.99 -9.33 1.73
N SER A 78 2.46 -9.02 0.53
CA SER A 78 3.90 -8.95 0.25
C SER A 78 4.29 -7.56 -0.22
N VAL A 79 5.42 -7.07 0.29
CA VAL A 79 5.91 -5.75 -0.09
C VAL A 79 7.25 -5.84 -0.81
N SER A 80 7.28 -5.37 -2.06
CA SER A 80 8.50 -5.42 -2.85
C SER A 80 8.98 -4.00 -3.18
N PHE A 81 10.21 -3.69 -2.77
CA PHE A 81 10.78 -2.38 -3.01
C PHE A 81 12.20 -2.50 -3.55
N SER A 82 12.58 -1.58 -4.44
CA SER A 82 13.91 -1.58 -5.03
C SER A 82 14.67 -0.32 -4.66
N ASP A 83 16.00 -0.44 -4.62
CA ASP A 83 16.85 0.71 -4.27
C ASP A 83 16.06 1.78 -3.52
N ILE A 84 15.85 1.54 -2.23
CA ILE A 84 15.11 2.48 -1.40
C ILE A 84 15.98 3.02 -0.26
N ASP A 85 15.43 3.98 0.48
CA ASP A 85 16.16 4.58 1.60
C ASP A 85 15.74 3.93 2.91
N GLU A 86 16.69 3.84 3.85
CA GLU A 86 16.42 3.25 5.15
C GLU A 86 15.38 4.07 5.92
N ASN A 87 15.33 5.36 5.64
CA ASN A 87 14.38 6.24 6.30
C ASN A 87 12.94 5.84 5.99
N MET A 88 12.67 5.59 4.72
CA MET A 88 11.34 5.18 4.29
C MET A 88 11.08 3.71 4.61
N LYS A 89 12.14 2.90 4.55
CA LYS A 89 12.03 1.48 4.83
C LYS A 89 11.30 1.24 6.15
N LYS A 90 11.57 2.10 7.13
CA LYS A 90 10.93 1.98 8.44
C LYS A 90 9.41 2.07 8.31
N VAL A 91 8.94 2.93 7.41
CA VAL A 91 7.51 3.10 7.19
C VAL A 91 6.92 1.91 6.46
N ILE A 92 7.68 1.35 5.53
CA ILE A 92 7.23 0.21 4.75
C ILE A 92 7.11 -1.03 5.63
N LYS A 93 8.15 -1.29 6.42
CA LYS A 93 8.16 -2.45 7.32
C LYS A 93 7.08 -2.31 8.39
N ALA A 94 6.95 -1.11 8.94
CA ALA A 94 5.97 -0.85 9.98
C ALA A 94 4.55 -0.95 9.43
N THR A 95 4.39 -0.59 8.16
CA THR A 95 3.09 -0.65 7.50
C THR A 95 2.63 -2.09 7.30
N ALA A 96 3.53 -2.92 6.78
CA ALA A 96 3.22 -4.32 6.53
C ALA A 96 3.01 -5.07 7.85
N GLU A 97 3.90 -4.85 8.80
CA GLU A 97 3.81 -5.52 10.09
C GLU A 97 2.58 -5.03 10.86
N LYS A 98 2.22 -3.77 10.66
CA LYS A 98 1.07 -3.19 11.34
C LYS A 98 -0.20 -4.00 11.05
N PHE A 99 -0.32 -4.47 9.81
CA PHE A 99 -1.48 -5.27 9.41
C PHE A 99 -1.57 -6.56 10.21
N LYS A 100 -0.41 -7.10 10.58
CA LYS A 100 -0.35 -8.33 11.35
C LYS A 100 -1.04 -8.15 12.70
N ASN A 101 -1.03 -6.93 13.21
CA ASN A 101 -1.66 -6.63 14.49
C ASN A 101 -3.16 -6.89 14.45
N LYS A 102 -3.69 -7.01 13.23
CA LYS A 102 -5.12 -7.25 13.05
C LYS A 102 -5.38 -8.73 12.79
N GLY A 103 -4.31 -9.50 12.61
CA GLY A 103 -4.44 -10.92 12.36
C GLY A 103 -4.32 -11.27 10.89
N PHE A 104 -3.11 -11.13 10.35
CA PHE A 104 -2.87 -11.43 8.94
C PHE A 104 -1.41 -11.84 8.72
N LYS A 105 -1.08 -12.14 7.47
CA LYS A 105 0.28 -12.55 7.11
C LYS A 105 0.96 -11.48 6.28
N VAL A 106 2.10 -10.99 6.77
CA VAL A 106 2.85 -9.95 6.06
C VAL A 106 4.26 -10.44 5.73
N GLU A 107 4.68 -10.22 4.48
CA GLU A 107 6.00 -10.64 4.04
C GLU A 107 6.73 -9.49 3.35
N THR A 108 8.04 -9.40 3.58
CA THR A 108 8.85 -8.35 2.98
C THR A 108 9.93 -8.94 2.07
N ASP A 109 10.04 -8.38 0.87
CA ASP A 109 11.04 -8.84 -0.09
C ASP A 109 11.59 -7.67 -0.91
N MET A 110 12.52 -7.98 -1.82
CA MET A 110 13.12 -6.96 -2.67
C MET A 110 12.57 -7.04 -4.08
N MET A 1 15.60 13.36 -4.79
CA MET A 1 14.96 12.25 -5.50
C MET A 1 13.63 11.89 -4.84
N THR A 2 12.63 11.58 -5.66
CA THR A 2 11.31 11.22 -5.17
C THR A 2 11.05 9.73 -5.35
N LEU A 3 10.60 9.07 -4.28
CA LEU A 3 10.31 7.65 -4.33
C LEU A 3 8.84 7.38 -4.00
N CYS A 4 8.15 6.71 -4.92
CA CYS A 4 6.74 6.38 -4.72
C CYS A 4 6.52 4.88 -4.75
N ALA A 5 5.43 4.43 -4.12
CA ALA A 5 5.10 3.01 -4.08
C ALA A 5 3.61 2.79 -4.30
N MET A 6 3.28 1.71 -5.00
CA MET A 6 1.88 1.38 -5.28
C MET A 6 1.48 0.09 -4.58
N TYR A 7 0.39 0.15 -3.81
CA TYR A 7 -0.09 -1.01 -3.09
C TYR A 7 -1.53 -1.35 -3.49
N ASN A 8 -1.81 -2.63 -3.64
CA ASN A 8 -3.14 -3.08 -4.03
C ASN A 8 -3.81 -3.83 -2.88
N ILE A 9 -5.07 -3.48 -2.62
CA ILE A 9 -5.83 -4.12 -1.54
C ILE A 9 -7.02 -4.90 -2.09
N SER A 10 -7.17 -6.14 -1.66
CA SER A 10 -8.27 -6.98 -2.11
C SER A 10 -9.25 -7.26 -0.98
N MET A 11 -10.52 -6.91 -1.20
CA MET A 11 -11.56 -7.11 -0.20
C MET A 11 -12.13 -8.52 -0.30
N ALA A 12 -11.66 -9.28 -1.27
CA ALA A 12 -12.12 -10.65 -1.47
C ALA A 12 -11.41 -11.31 -2.64
N GLY A 13 -12.01 -12.38 -3.16
CA GLY A 13 -11.42 -13.08 -4.29
C GLY A 13 -11.79 -12.46 -5.62
N SER A 14 -12.22 -11.20 -5.59
CA SER A 14 -12.62 -10.50 -6.80
C SER A 14 -11.57 -9.45 -7.18
N HIS A 15 -11.58 -9.04 -8.45
CA HIS A 15 -10.64 -8.05 -8.93
C HIS A 15 -10.31 -7.03 -7.83
N PRO A 16 -9.07 -7.10 -7.33
CA PRO A 16 -8.60 -6.20 -6.28
C PRO A 16 -8.43 -4.76 -6.78
N THR A 17 -8.08 -3.85 -5.86
CA THR A 17 -7.88 -2.46 -6.21
C THR A 17 -6.44 -2.04 -5.99
N THR A 18 -5.84 -1.42 -7.01
CA THR A 18 -4.46 -0.97 -6.93
C THR A 18 -4.38 0.54 -6.77
N ILE A 19 -3.46 1.00 -5.94
CA ILE A 19 -3.27 2.42 -5.70
C ILE A 19 -1.80 2.81 -5.68
N CYS A 20 -1.49 3.97 -6.24
CA CYS A 20 -0.11 4.45 -6.30
C CYS A 20 0.02 5.79 -5.57
N VAL A 21 0.85 5.80 -4.52
CA VAL A 21 1.07 7.02 -3.75
C VAL A 21 2.54 7.15 -3.35
N VAL A 22 3.02 8.39 -3.27
CA VAL A 22 4.40 8.66 -2.90
C VAL A 22 4.65 8.30 -1.44
N MET A 23 5.90 8.02 -1.11
CA MET A 23 6.28 7.68 0.25
C MET A 23 5.78 8.72 1.24
N ASP A 24 5.85 9.99 0.85
CA ASP A 24 5.40 11.08 1.70
C ASP A 24 3.92 10.92 2.06
N ARG A 25 3.14 10.46 1.09
CA ARG A 25 1.70 10.27 1.30
C ARG A 25 1.40 8.80 1.61
N PHE A 26 2.38 7.94 1.39
CA PHE A 26 2.22 6.51 1.65
C PHE A 26 1.98 6.24 3.13
N LEU A 27 2.79 6.87 3.97
CA LEU A 27 2.68 6.71 5.41
C LEU A 27 1.28 7.09 5.90
N GLU A 28 0.82 8.26 5.48
CA GLU A 28 -0.50 8.74 5.87
C GLU A 28 -1.60 7.92 5.23
N SER A 29 -1.45 7.66 3.93
CA SER A 29 -2.43 6.87 3.19
C SER A 29 -2.65 5.51 3.83
N PHE A 30 -1.55 4.90 4.28
CA PHE A 30 -1.62 3.59 4.91
C PHE A 30 -2.34 3.67 6.26
N SER A 31 -1.97 4.69 7.05
CA SER A 31 -2.58 4.88 8.37
C SER A 31 -4.09 4.97 8.26
N GLU A 32 -4.57 5.77 7.31
CA GLU A 32 -6.00 5.95 7.10
C GLU A 32 -6.61 4.72 6.42
N LEU A 33 -5.90 4.20 5.43
CA LEU A 33 -6.37 3.03 4.68
C LEU A 33 -6.62 1.86 5.63
N TYR A 34 -5.75 1.70 6.62
CA TYR A 34 -5.89 0.62 7.60
C TYR A 34 -7.13 0.80 8.44
N ASP A 35 -7.50 2.05 8.68
CA ASP A 35 -8.69 2.37 9.48
C ASP A 35 -9.96 2.09 8.69
N ILE A 36 -9.89 2.25 7.37
CA ILE A 36 -11.04 2.01 6.51
C ILE A 36 -11.05 0.57 5.99
N ILE A 37 -9.89 -0.06 6.02
CA ILE A 37 -9.77 -1.44 5.55
C ILE A 37 -10.68 -2.37 6.34
N ASP A 38 -11.12 -1.91 7.51
CA ASP A 38 -12.00 -2.70 8.36
C ASP A 38 -13.38 -2.86 7.71
N GLU A 39 -13.72 -1.94 6.81
CA GLU A 39 -14.99 -1.99 6.12
C GLU A 39 -15.03 -3.13 5.11
N ASN A 40 -16.10 -3.20 4.34
CA ASN A 40 -16.26 -4.25 3.33
C ASN A 40 -17.20 -3.79 2.21
N ASP A 41 -17.35 -2.48 2.07
CA ASP A 41 -18.22 -1.92 1.05
C ASP A 41 -17.41 -1.39 -0.13
N THR A 42 -17.89 -1.65 -1.34
CA THR A 42 -17.21 -1.20 -2.55
C THR A 42 -17.32 0.30 -2.72
N ASP A 43 -18.42 0.87 -2.23
CA ASP A 43 -18.64 2.31 -2.33
C ASP A 43 -17.63 3.08 -1.49
N VAL A 44 -17.45 2.63 -0.24
CA VAL A 44 -16.52 3.27 0.67
C VAL A 44 -15.08 3.06 0.23
N MET A 45 -14.79 1.85 -0.26
CA MET A 45 -13.45 1.51 -0.72
C MET A 45 -13.12 2.25 -2.01
N MET A 46 -14.07 2.28 -2.93
CA MET A 46 -13.86 2.95 -4.21
C MET A 46 -13.78 4.47 -4.02
N ASP A 47 -14.56 4.98 -3.09
CA ASP A 47 -14.57 6.41 -2.80
C ASP A 47 -13.28 6.84 -2.10
N PHE A 48 -12.83 6.01 -1.16
CA PHE A 48 -11.61 6.31 -0.42
C PHE A 48 -10.38 6.15 -1.32
N ILE A 49 -10.34 5.07 -2.08
CA ILE A 49 -9.22 4.80 -2.98
C ILE A 49 -9.12 5.88 -4.05
N SER A 50 -10.24 6.18 -4.70
CA SER A 50 -10.28 7.18 -5.75
C SER A 50 -9.93 8.56 -5.20
N ARG A 51 -10.42 8.84 -3.98
CA ARG A 51 -10.16 10.13 -3.34
C ARG A 51 -8.71 10.23 -2.89
N PHE A 52 -8.11 9.09 -2.56
CA PHE A 52 -6.73 9.06 -2.11
C PHE A 52 -5.78 8.89 -3.30
N ALA A 53 -6.32 8.48 -4.43
CA ALA A 53 -5.52 8.29 -5.64
C ALA A 53 -5.88 9.31 -6.71
N ARG A 54 -5.06 9.39 -7.74
CA ARG A 54 -5.28 10.34 -8.83
C ARG A 54 -4.50 9.94 -10.07
N THR A 55 -4.19 8.65 -10.18
CA THR A 55 -3.46 8.13 -11.33
C THR A 55 -2.24 9.00 -11.63
N ASP A 56 -1.13 8.71 -10.97
CA ASP A 56 0.10 9.48 -11.17
C ASP A 56 1.25 8.55 -11.57
N GLU A 57 2.19 9.09 -12.34
CA GLU A 57 3.34 8.31 -12.79
C GLU A 57 4.63 8.83 -12.16
N ILE A 58 5.74 8.19 -12.49
CA ILE A 58 7.05 8.58 -11.97
C ILE A 58 7.90 9.23 -13.04
N MET A 59 8.46 10.40 -12.73
CA MET A 59 9.31 11.12 -13.66
C MET A 59 10.69 10.48 -13.75
N PRO A 60 11.44 10.84 -14.80
CA PRO A 60 12.79 10.31 -15.02
C PRO A 60 13.80 10.83 -13.99
N GLU A 61 13.41 11.88 -13.28
CA GLU A 61 14.28 12.48 -12.27
C GLU A 61 14.10 11.77 -10.93
N ASP A 62 12.99 11.07 -10.77
CA ASP A 62 12.71 10.34 -9.54
C ASP A 62 12.59 8.85 -9.80
N LYS A 63 12.02 8.13 -8.84
CA LYS A 63 11.86 6.68 -8.96
C LYS A 63 10.68 6.20 -8.12
N THR A 64 10.47 4.88 -8.12
CA THR A 64 9.38 4.29 -7.35
C THR A 64 9.90 3.30 -6.32
N VAL A 65 9.56 3.53 -5.06
CA VAL A 65 9.99 2.64 -3.97
C VAL A 65 9.70 1.19 -4.31
N GLY A 66 8.50 0.93 -4.81
CA GLY A 66 8.12 -0.42 -5.16
C GLY A 66 6.61 -0.63 -5.14
N PHE A 67 6.19 -1.89 -5.15
CA PHE A 67 4.77 -2.21 -5.14
C PHE A 67 4.44 -3.19 -4.02
N VAL A 68 3.30 -2.98 -3.36
CA VAL A 68 2.88 -3.85 -2.27
C VAL A 68 1.58 -4.56 -2.61
N VAL A 69 1.56 -5.87 -2.40
CA VAL A 69 0.37 -6.68 -2.68
C VAL A 69 -0.32 -7.09 -1.39
N VAL A 70 -1.57 -6.66 -1.23
CA VAL A 70 -2.36 -7.00 -0.04
C VAL A 70 -3.67 -7.66 -0.42
N ASN A 71 -3.83 -8.92 -0.02
CA ASN A 71 -5.05 -9.66 -0.32
C ASN A 71 -5.74 -10.11 0.97
N ALA A 72 -6.89 -9.52 1.26
CA ALA A 72 -7.66 -9.86 2.46
C ALA A 72 -8.25 -11.26 2.35
N ASP A 73 -8.65 -11.64 1.14
CA ASP A 73 -9.24 -12.95 0.91
C ASP A 73 -8.26 -14.06 1.29
N LYS A 74 -6.97 -13.83 1.01
CA LYS A 74 -5.94 -14.80 1.32
C LYS A 74 -5.32 -14.52 2.69
N LYS A 75 -5.57 -13.32 3.22
CA LYS A 75 -5.03 -12.93 4.52
C LYS A 75 -3.51 -12.85 4.48
N LEU A 76 -2.97 -12.32 3.39
CA LEU A 76 -1.53 -12.19 3.24
C LEU A 76 -1.17 -10.85 2.59
N MET A 77 0.02 -10.36 2.92
CA MET A 77 0.48 -9.08 2.36
C MET A 77 1.98 -9.12 2.11
N SER A 78 2.38 -8.78 0.88
CA SER A 78 3.79 -8.78 0.50
C SER A 78 4.21 -7.40 0.01
N VAL A 79 5.39 -6.96 0.45
CA VAL A 79 5.92 -5.67 0.05
C VAL A 79 7.22 -5.81 -0.73
N SER A 80 7.21 -5.36 -1.98
CA SER A 80 8.39 -5.43 -2.84
C SER A 80 8.90 -4.04 -3.19
N PHE A 81 10.13 -3.75 -2.78
CA PHE A 81 10.75 -2.46 -3.06
C PHE A 81 12.19 -2.63 -3.51
N SER A 82 12.68 -1.67 -4.29
CA SER A 82 14.05 -1.71 -4.79
C SER A 82 15.00 -0.97 -3.85
N ASP A 83 16.30 -1.08 -4.12
CA ASP A 83 17.30 -0.43 -3.30
C ASP A 83 16.80 0.90 -2.77
N ILE A 84 16.32 0.91 -1.52
CA ILE A 84 15.81 2.12 -0.91
C ILE A 84 16.51 2.40 0.42
N ASP A 85 16.63 3.68 0.76
CA ASP A 85 17.28 4.08 2.00
C ASP A 85 16.61 3.43 3.20
N GLU A 86 17.31 3.38 4.32
CA GLU A 86 16.78 2.77 5.54
C GLU A 86 15.70 3.66 6.16
N ASN A 87 15.80 4.97 5.91
CA ASN A 87 14.83 5.92 6.44
C ASN A 87 13.42 5.58 5.96
N MET A 88 13.28 5.40 4.66
CA MET A 88 11.98 5.06 4.07
C MET A 88 11.59 3.63 4.37
N LYS A 89 12.57 2.73 4.31
CA LYS A 89 12.34 1.32 4.58
C LYS A 89 11.62 1.13 5.91
N LYS A 90 11.98 1.95 6.90
CA LYS A 90 11.36 1.88 8.22
C LYS A 90 9.85 2.04 8.13
N VAL A 91 9.42 3.00 7.31
CA VAL A 91 8.00 3.27 7.14
C VAL A 91 7.31 2.11 6.42
N ILE A 92 8.01 1.50 5.48
CA ILE A 92 7.46 0.38 4.72
C ILE A 92 7.25 -0.83 5.63
N LYS A 93 8.25 -1.14 6.44
CA LYS A 93 8.16 -2.28 7.35
C LYS A 93 7.07 -2.06 8.39
N ALA A 94 6.99 -0.84 8.92
CA ALA A 94 6.00 -0.49 9.92
C ALA A 94 4.59 -0.63 9.35
N THR A 95 4.43 -0.27 8.08
CA THR A 95 3.13 -0.35 7.42
C THR A 95 2.69 -1.79 7.23
N ALA A 96 3.62 -2.63 6.76
CA ALA A 96 3.33 -4.04 6.54
C ALA A 96 3.07 -4.76 7.86
N GLU A 97 3.95 -4.54 8.84
CA GLU A 97 3.82 -5.17 10.14
C GLU A 97 2.56 -4.71 10.84
N LYS A 98 2.19 -3.46 10.61
CA LYS A 98 0.99 -2.89 11.22
C LYS A 98 -0.25 -3.70 10.86
N PHE A 99 -0.30 -4.16 9.61
CA PHE A 99 -1.43 -4.95 9.14
C PHE A 99 -1.53 -6.27 9.88
N LYS A 100 -0.38 -6.80 10.28
CA LYS A 100 -0.32 -8.06 11.01
C LYS A 100 -1.10 -7.96 12.33
N ASN A 101 -1.14 -6.76 12.89
CA ASN A 101 -1.84 -6.53 14.15
C ASN A 101 -3.34 -6.80 13.99
N LYS A 102 -3.80 -6.85 12.75
CA LYS A 102 -5.20 -7.11 12.46
C LYS A 102 -5.46 -8.60 12.28
N GLY A 103 -4.39 -9.37 12.23
CA GLY A 103 -4.52 -10.81 12.05
C GLY A 103 -4.26 -11.25 10.62
N PHE A 104 -3.15 -10.81 10.06
CA PHE A 104 -2.79 -11.16 8.69
C PHE A 104 -1.32 -11.58 8.60
N LYS A 105 -0.87 -11.87 7.38
CA LYS A 105 0.51 -12.28 7.16
C LYS A 105 1.31 -11.17 6.47
N VAL A 106 2.52 -10.94 6.95
CA VAL A 106 3.38 -9.91 6.39
C VAL A 106 4.65 -10.52 5.78
N GLU A 107 4.91 -10.18 4.52
CA GLU A 107 6.09 -10.69 3.83
C GLU A 107 6.89 -9.55 3.20
N THR A 108 8.21 -9.67 3.24
CA THR A 108 9.09 -8.67 2.67
C THR A 108 9.96 -9.24 1.57
N ASP A 109 10.06 -8.52 0.46
CA ASP A 109 10.85 -8.96 -0.68
C ASP A 109 11.68 -7.80 -1.25
N MET A 110 12.55 -8.12 -2.20
CA MET A 110 13.39 -7.10 -2.82
C MET A 110 13.47 -7.32 -4.34
N MET A 1 15.84 12.76 -4.64
CA MET A 1 14.99 12.20 -5.68
C MET A 1 13.59 11.91 -5.16
N THR A 2 12.66 11.60 -6.06
CA THR A 2 11.29 11.31 -5.68
C THR A 2 11.01 9.80 -5.75
N LEU A 3 10.55 9.25 -4.64
CA LEU A 3 10.24 7.82 -4.57
C LEU A 3 8.75 7.60 -4.27
N CYS A 4 8.10 6.82 -5.13
CA CYS A 4 6.68 6.53 -4.96
C CYS A 4 6.45 5.03 -4.79
N ALA A 5 5.31 4.68 -4.21
CA ALA A 5 4.97 3.27 -3.99
C ALA A 5 3.50 3.02 -4.25
N MET A 6 3.19 1.88 -4.87
CA MET A 6 1.83 1.51 -5.18
C MET A 6 1.44 0.20 -4.51
N TYR A 7 0.33 0.22 -3.78
CA TYR A 7 -0.14 -0.97 -3.08
C TYR A 7 -1.55 -1.35 -3.55
N ASN A 8 -1.82 -2.65 -3.58
CA ASN A 8 -3.12 -3.16 -4.01
C ASN A 8 -3.83 -3.89 -2.87
N ILE A 9 -5.09 -3.55 -2.65
CA ILE A 9 -5.87 -4.17 -1.59
C ILE A 9 -7.02 -4.99 -2.16
N SER A 10 -7.14 -6.24 -1.71
CA SER A 10 -8.19 -7.13 -2.19
C SER A 10 -9.19 -7.42 -1.06
N MET A 11 -10.46 -7.12 -1.32
CA MET A 11 -11.51 -7.34 -0.34
C MET A 11 -12.05 -8.77 -0.46
N ALA A 12 -11.56 -9.51 -1.44
CA ALA A 12 -11.99 -10.89 -1.66
C ALA A 12 -11.30 -11.49 -2.88
N GLY A 13 -11.87 -12.58 -3.38
CA GLY A 13 -11.29 -13.24 -4.55
C GLY A 13 -11.72 -12.60 -5.85
N SER A 14 -12.26 -11.38 -5.76
CA SER A 14 -12.72 -10.66 -6.94
C SER A 14 -11.75 -9.53 -7.28
N HIS A 15 -11.82 -9.06 -8.54
CA HIS A 15 -10.95 -7.98 -8.99
C HIS A 15 -10.64 -7.02 -7.86
N PRO A 16 -9.38 -7.07 -7.37
CA PRO A 16 -8.92 -6.21 -6.28
C PRO A 16 -8.80 -4.75 -6.70
N THR A 17 -8.18 -3.94 -5.84
CA THR A 17 -8.00 -2.53 -6.13
C THR A 17 -6.54 -2.11 -5.97
N THR A 18 -6.00 -1.45 -6.99
CA THR A 18 -4.61 -1.00 -6.96
C THR A 18 -4.53 0.51 -6.76
N ILE A 19 -3.54 0.94 -5.99
CA ILE A 19 -3.35 2.35 -5.72
C ILE A 19 -1.88 2.73 -5.78
N CYS A 20 -1.59 3.90 -6.36
CA CYS A 20 -0.21 4.38 -6.48
C CYS A 20 -0.08 5.79 -5.92
N VAL A 21 0.72 5.92 -4.86
CA VAL A 21 0.93 7.22 -4.24
C VAL A 21 2.39 7.39 -3.81
N VAL A 22 2.86 8.63 -3.81
CA VAL A 22 4.24 8.93 -3.42
C VAL A 22 4.48 8.58 -1.96
N MET A 23 5.74 8.32 -1.61
CA MET A 23 6.10 7.98 -0.25
C MET A 23 5.59 9.04 0.73
N ASP A 24 5.60 10.30 0.31
CA ASP A 24 5.14 11.40 1.14
C ASP A 24 3.69 11.16 1.57
N ARG A 25 2.88 10.63 0.68
CA ARG A 25 1.48 10.36 0.96
C ARG A 25 1.24 8.87 1.18
N PHE A 26 2.25 8.06 0.88
CA PHE A 26 2.16 6.61 1.04
C PHE A 26 2.00 6.24 2.51
N LEU A 27 2.81 6.86 3.36
CA LEU A 27 2.77 6.60 4.79
C LEU A 27 1.38 6.89 5.35
N GLU A 28 0.85 8.07 5.04
CA GLU A 28 -0.47 8.47 5.52
C GLU A 28 -1.56 7.65 4.84
N SER A 29 -1.43 7.46 3.53
CA SER A 29 -2.41 6.70 2.76
C SER A 29 -2.58 5.30 3.33
N PHE A 30 -1.47 4.57 3.46
CA PHE A 30 -1.50 3.21 4.00
C PHE A 30 -2.04 3.21 5.42
N SER A 31 -1.52 4.10 6.25
CA SER A 31 -1.96 4.20 7.64
C SER A 31 -3.47 4.37 7.73
N GLU A 32 -4.00 5.27 6.90
CA GLU A 32 -5.44 5.53 6.88
C GLU A 32 -6.20 4.37 6.28
N LEU A 33 -5.65 3.78 5.21
CA LEU A 33 -6.28 2.66 4.54
C LEU A 33 -6.52 1.51 5.51
N TYR A 34 -5.58 1.32 6.45
CA TYR A 34 -5.69 0.26 7.43
C TYR A 34 -6.87 0.50 8.37
N ASP A 35 -7.19 1.76 8.61
CA ASP A 35 -8.29 2.13 9.48
C ASP A 35 -9.63 1.92 8.77
N ILE A 36 -9.65 2.14 7.47
CA ILE A 36 -10.86 1.96 6.67
C ILE A 36 -10.97 0.55 6.12
N ILE A 37 -9.84 -0.16 6.12
CA ILE A 37 -9.81 -1.53 5.62
C ILE A 37 -10.87 -2.40 6.31
N ASP A 38 -11.29 -1.97 7.49
CA ASP A 38 -12.31 -2.70 8.24
C ASP A 38 -13.71 -2.26 7.83
N GLU A 39 -14.01 -2.42 6.54
CA GLU A 39 -15.32 -2.04 6.02
C GLU A 39 -15.83 -3.08 5.00
N ASN A 40 -14.96 -3.45 4.08
CA ASN A 40 -15.32 -4.43 3.06
C ASN A 40 -16.40 -3.89 2.13
N ASP A 41 -16.63 -2.58 2.20
CA ASP A 41 -17.63 -1.94 1.37
C ASP A 41 -17.03 -1.44 0.06
N THR A 42 -17.72 -1.72 -1.04
CA THR A 42 -17.24 -1.30 -2.36
C THR A 42 -17.32 0.21 -2.51
N ASP A 43 -18.41 0.80 -2.04
CA ASP A 43 -18.60 2.24 -2.12
C ASP A 43 -17.58 2.98 -1.27
N VAL A 44 -17.36 2.48 -0.06
CA VAL A 44 -16.40 3.10 0.86
C VAL A 44 -14.97 2.88 0.38
N MET A 45 -14.70 1.69 -0.15
CA MET A 45 -13.37 1.37 -0.64
C MET A 45 -13.07 2.12 -1.93
N MET A 46 -14.02 2.12 -2.85
CA MET A 46 -13.86 2.80 -4.13
C MET A 46 -13.78 4.32 -3.92
N ASP A 47 -14.56 4.83 -2.98
CA ASP A 47 -14.58 6.25 -2.68
C ASP A 47 -13.30 6.68 -1.99
N PHE A 48 -12.84 5.86 -1.04
CA PHE A 48 -11.62 6.17 -0.30
C PHE A 48 -10.39 5.97 -1.18
N ILE A 49 -10.36 4.87 -1.91
CA ILE A 49 -9.24 4.57 -2.80
C ILE A 49 -9.08 5.63 -3.87
N SER A 50 -10.19 5.97 -4.54
CA SER A 50 -10.17 6.98 -5.59
C SER A 50 -9.79 8.35 -5.02
N ARG A 51 -10.26 8.64 -3.82
CA ARG A 51 -9.97 9.91 -3.17
C ARG A 51 -8.53 9.94 -2.66
N PHE A 52 -7.99 8.77 -2.34
CA PHE A 52 -6.62 8.67 -1.85
C PHE A 52 -5.66 8.33 -2.98
N ALA A 53 -6.21 8.05 -4.16
CA ALA A 53 -5.40 7.71 -5.32
C ALA A 53 -5.10 8.95 -6.16
N ARG A 54 -3.99 8.91 -6.88
CA ARG A 54 -3.58 10.03 -7.72
C ARG A 54 -3.06 9.53 -9.07
N THR A 55 -3.63 10.07 -10.15
CA THR A 55 -3.22 9.69 -11.49
C THR A 55 -1.89 10.33 -11.87
N ASP A 56 -0.83 9.91 -11.19
CA ASP A 56 0.50 10.44 -11.46
C ASP A 56 1.50 9.31 -11.68
N GLU A 57 2.63 9.63 -12.29
CA GLU A 57 3.66 8.64 -12.57
C GLU A 57 5.01 9.07 -12.00
N ILE A 58 6.07 8.37 -12.38
CA ILE A 58 7.41 8.69 -11.90
C ILE A 58 8.26 9.29 -13.02
N MET A 59 8.92 10.40 -12.72
CA MET A 59 9.78 11.07 -13.69
C MET A 59 11.09 10.33 -13.87
N PRO A 60 11.83 10.66 -14.93
CA PRO A 60 13.11 10.03 -15.24
C PRO A 60 14.20 10.42 -14.25
N GLU A 61 13.99 11.54 -13.56
CA GLU A 61 14.95 12.02 -12.58
C GLU A 61 14.71 11.39 -11.20
N ASP A 62 13.51 10.83 -11.03
CA ASP A 62 13.14 10.19 -9.77
C ASP A 62 13.03 8.68 -9.94
N LYS A 63 12.35 8.03 -9.00
CA LYS A 63 12.16 6.59 -9.05
C LYS A 63 10.93 6.17 -8.26
N THR A 64 10.69 4.86 -8.21
CA THR A 64 9.52 4.33 -7.49
C THR A 64 9.95 3.36 -6.39
N VAL A 65 9.58 3.67 -5.16
CA VAL A 65 9.92 2.82 -4.02
C VAL A 65 9.65 1.36 -4.32
N GLY A 66 8.43 1.07 -4.78
CA GLY A 66 8.06 -0.29 -5.10
C GLY A 66 6.56 -0.51 -5.09
N PHE A 67 6.15 -1.77 -5.13
CA PHE A 67 4.72 -2.11 -5.13
C PHE A 67 4.39 -3.10 -4.01
N VAL A 68 3.26 -2.90 -3.36
CA VAL A 68 2.83 -3.77 -2.27
C VAL A 68 1.54 -4.49 -2.62
N VAL A 69 1.52 -5.81 -2.42
CA VAL A 69 0.34 -6.62 -2.71
C VAL A 69 -0.33 -7.08 -1.42
N VAL A 70 -1.58 -6.68 -1.24
CA VAL A 70 -2.34 -7.07 -0.06
C VAL A 70 -3.66 -7.74 -0.43
N ASN A 71 -3.79 -9.01 -0.05
CA ASN A 71 -5.00 -9.77 -0.34
C ASN A 71 -5.69 -10.22 0.94
N ALA A 72 -6.86 -9.64 1.22
CA ALA A 72 -7.62 -9.98 2.41
C ALA A 72 -8.20 -11.39 2.31
N ASP A 73 -8.59 -11.77 1.10
CA ASP A 73 -9.16 -13.10 0.87
C ASP A 73 -8.16 -14.19 1.24
N LYS A 74 -6.89 -13.93 0.98
CA LYS A 74 -5.83 -14.90 1.28
C LYS A 74 -5.22 -14.61 2.65
N LYS A 75 -5.57 -13.47 3.23
CA LYS A 75 -5.06 -13.09 4.54
C LYS A 75 -3.54 -12.98 4.52
N LEU A 76 -3.00 -12.43 3.43
CA LEU A 76 -1.56 -12.27 3.30
C LEU A 76 -1.22 -10.93 2.64
N MET A 77 -0.04 -10.41 2.97
CA MET A 77 0.40 -9.14 2.41
C MET A 77 1.91 -9.15 2.15
N SER A 78 2.29 -8.82 0.92
CA SER A 78 3.71 -8.81 0.55
C SER A 78 4.12 -7.43 0.03
N VAL A 79 5.28 -6.95 0.47
CA VAL A 79 5.78 -5.65 0.05
C VAL A 79 7.09 -5.79 -0.71
N SER A 80 7.10 -5.34 -1.96
CA SER A 80 8.29 -5.41 -2.80
C SER A 80 8.79 -4.01 -3.15
N PHE A 81 10.01 -3.72 -2.74
CA PHE A 81 10.61 -2.42 -3.01
C PHE A 81 12.06 -2.56 -3.47
N SER A 82 12.49 -1.66 -4.35
CA SER A 82 13.85 -1.70 -4.88
C SER A 82 14.62 -0.44 -4.49
N ASP A 83 15.94 -0.57 -4.37
CA ASP A 83 16.78 0.56 -4.00
C ASP A 83 15.98 1.64 -3.30
N ILE A 84 15.74 1.45 -2.01
CA ILE A 84 14.98 2.41 -1.22
C ILE A 84 15.82 2.97 -0.07
N ASP A 85 15.22 3.89 0.68
CA ASP A 85 15.91 4.49 1.82
C ASP A 85 15.44 3.89 3.14
N GLU A 86 16.34 3.80 4.10
CA GLU A 86 16.00 3.24 5.41
C GLU A 86 14.95 4.08 6.11
N ASN A 87 14.91 5.37 5.80
CA ASN A 87 13.96 6.29 6.40
C ASN A 87 12.53 5.86 6.08
N MET A 88 12.28 5.56 4.81
CA MET A 88 10.96 5.13 4.37
C MET A 88 10.69 3.68 4.75
N LYS A 89 11.75 2.87 4.76
CA LYS A 89 11.63 1.46 5.10
C LYS A 89 10.89 1.28 6.42
N LYS A 90 11.18 2.16 7.36
CA LYS A 90 10.54 2.10 8.68
C LYS A 90 9.02 2.19 8.55
N VAL A 91 8.55 3.01 7.62
CA VAL A 91 7.12 3.18 7.39
C VAL A 91 6.53 1.94 6.72
N ILE A 92 7.30 1.34 5.81
CA ILE A 92 6.85 0.15 5.09
C ILE A 92 6.72 -1.04 6.04
N LYS A 93 7.75 -1.25 6.86
CA LYS A 93 7.74 -2.36 7.82
C LYS A 93 6.64 -2.17 8.86
N ALA A 94 6.50 -0.94 9.35
CA ALA A 94 5.48 -0.63 10.34
C ALA A 94 4.07 -0.87 9.80
N THR A 95 3.87 -0.51 8.54
CA THR A 95 2.57 -0.67 7.89
C THR A 95 2.26 -2.14 7.67
N ALA A 96 3.25 -2.89 7.20
CA ALA A 96 3.07 -4.31 6.94
C ALA A 96 2.83 -5.08 8.24
N GLU A 97 3.66 -4.81 9.24
CA GLU A 97 3.54 -5.47 10.54
C GLU A 97 2.23 -5.09 11.21
N LYS A 98 1.78 -3.86 10.98
CA LYS A 98 0.55 -3.37 11.58
C LYS A 98 -0.63 -4.23 11.17
N PHE A 99 -0.63 -4.68 9.91
CA PHE A 99 -1.71 -5.51 9.40
C PHE A 99 -1.78 -6.84 10.15
N LYS A 100 -0.63 -7.33 10.58
CA LYS A 100 -0.55 -8.58 11.31
C LYS A 100 -1.32 -8.49 12.63
N ASN A 101 -1.37 -7.28 13.20
CA ASN A 101 -2.06 -7.06 14.46
C ASN A 101 -3.56 -7.32 14.31
N LYS A 102 -4.02 -7.37 13.06
CA LYS A 102 -5.43 -7.61 12.78
C LYS A 102 -5.65 -9.05 12.32
N GLY A 103 -4.56 -9.80 12.19
CA GLY A 103 -4.65 -11.18 11.77
C GLY A 103 -4.35 -11.36 10.30
N PHE A 104 -3.10 -11.12 9.92
CA PHE A 104 -2.69 -11.25 8.53
C PHE A 104 -1.21 -11.61 8.43
N LYS A 105 -0.79 -12.09 7.26
CA LYS A 105 0.60 -12.46 7.04
C LYS A 105 1.39 -11.31 6.44
N VAL A 106 2.63 -11.14 6.91
CA VAL A 106 3.48 -10.08 6.42
C VAL A 106 4.72 -10.64 5.72
N GLU A 107 4.95 -10.20 4.49
CA GLU A 107 6.10 -10.67 3.72
C GLU A 107 6.87 -9.49 3.14
N THR A 108 8.20 -9.63 3.09
CA THR A 108 9.05 -8.58 2.56
C THR A 108 9.86 -9.07 1.36
N ASP A 109 9.94 -8.24 0.32
CA ASP A 109 10.68 -8.60 -0.88
C ASP A 109 11.61 -7.46 -1.29
N MET A 110 12.84 -7.81 -1.64
CA MET A 110 13.83 -6.82 -2.05
C MET A 110 14.52 -7.25 -3.34
N MET A 1 15.93 12.56 -4.64
CA MET A 1 14.98 12.10 -5.64
C MET A 1 13.64 11.75 -5.01
N THR A 2 12.64 11.48 -5.84
CA THR A 2 11.30 11.15 -5.37
C THR A 2 11.03 9.65 -5.52
N LEU A 3 10.57 9.03 -4.44
CA LEU A 3 10.27 7.60 -4.45
C LEU A 3 8.78 7.36 -4.17
N CYS A 4 8.13 6.66 -5.08
CA CYS A 4 6.71 6.34 -4.92
C CYS A 4 6.47 4.83 -4.92
N ALA A 5 5.40 4.41 -4.26
CA ALA A 5 5.07 3.00 -4.18
C ALA A 5 3.58 2.78 -4.44
N MET A 6 3.25 1.68 -5.12
CA MET A 6 1.87 1.35 -5.42
C MET A 6 1.43 0.08 -4.70
N TYR A 7 0.35 0.19 -3.93
CA TYR A 7 -0.16 -0.95 -3.18
C TYR A 7 -1.60 -1.26 -3.57
N ASN A 8 -1.95 -2.54 -3.57
CA ASN A 8 -3.30 -2.97 -3.93
C ASN A 8 -3.94 -3.77 -2.79
N ILE A 9 -5.19 -3.45 -2.48
CA ILE A 9 -5.90 -4.14 -1.41
C ILE A 9 -7.09 -4.91 -1.97
N SER A 10 -7.22 -6.17 -1.55
CA SER A 10 -8.31 -7.03 -2.00
C SER A 10 -9.28 -7.31 -0.86
N MET A 11 -10.55 -6.98 -1.08
CA MET A 11 -11.57 -7.21 -0.06
C MET A 11 -12.13 -8.63 -0.17
N ALA A 12 -11.68 -9.37 -1.18
CA ALA A 12 -12.13 -10.73 -1.39
C ALA A 12 -11.44 -11.36 -2.60
N GLY A 13 -12.00 -12.46 -3.09
CA GLY A 13 -11.43 -13.13 -4.24
C GLY A 13 -11.91 -12.55 -5.56
N SER A 14 -11.98 -11.23 -5.61
CA SER A 14 -12.44 -10.54 -6.82
C SER A 14 -11.51 -9.38 -7.18
N HIS A 15 -11.55 -8.96 -8.43
CA HIS A 15 -10.72 -7.86 -8.89
C HIS A 15 -10.44 -6.87 -7.77
N PRO A 16 -9.21 -6.91 -7.23
CA PRO A 16 -8.80 -6.03 -6.13
C PRO A 16 -8.66 -4.57 -6.59
N THR A 17 -8.23 -3.71 -5.66
CA THR A 17 -8.06 -2.30 -5.97
C THR A 17 -6.59 -1.89 -5.87
N THR A 18 -6.08 -1.23 -6.91
CA THR A 18 -4.70 -0.79 -6.94
C THR A 18 -4.60 0.72 -6.72
N ILE A 19 -3.57 1.14 -6.00
CA ILE A 19 -3.36 2.55 -5.72
C ILE A 19 -1.88 2.90 -5.70
N CYS A 20 -1.54 4.05 -6.27
CA CYS A 20 -0.15 4.49 -6.32
C CYS A 20 0.02 5.83 -5.61
N VAL A 21 0.84 5.84 -4.57
CA VAL A 21 1.09 7.05 -3.80
C VAL A 21 2.55 7.16 -3.39
N VAL A 22 3.05 8.39 -3.31
CA VAL A 22 4.43 8.64 -2.93
C VAL A 22 4.69 8.24 -1.48
N MET A 23 5.93 7.92 -1.17
CA MET A 23 6.31 7.54 0.19
C MET A 23 5.84 8.57 1.20
N ASP A 24 5.97 9.84 0.83
CA ASP A 24 5.55 10.94 1.70
C ASP A 24 4.08 10.82 2.07
N ARG A 25 3.27 10.39 1.12
CA ARG A 25 1.84 10.24 1.33
C ARG A 25 1.48 8.78 1.63
N PHE A 26 2.43 7.89 1.37
CA PHE A 26 2.23 6.46 1.60
C PHE A 26 2.00 6.17 3.08
N LEU A 27 2.81 6.80 3.93
CA LEU A 27 2.71 6.61 5.38
C LEU A 27 1.30 6.99 5.87
N GLU A 28 0.84 8.16 5.46
CA GLU A 28 -0.48 8.65 5.85
C GLU A 28 -1.58 7.82 5.20
N SER A 29 -1.44 7.58 3.89
CA SER A 29 -2.41 6.81 3.14
C SER A 29 -2.63 5.43 3.77
N PHE A 30 -1.53 4.82 4.22
CA PHE A 30 -1.60 3.50 4.84
C PHE A 30 -2.32 3.57 6.18
N SER A 31 -1.96 4.57 6.99
CA SER A 31 -2.57 4.74 8.30
C SER A 31 -4.08 4.82 8.19
N GLU A 32 -4.56 5.64 7.24
CA GLU A 32 -5.99 5.81 7.03
C GLU A 32 -6.59 4.58 6.35
N LEU A 33 -5.88 4.05 5.35
CA LEU A 33 -6.34 2.89 4.63
C LEU A 33 -6.62 1.72 5.57
N TYR A 34 -5.78 1.59 6.59
CA TYR A 34 -5.93 0.51 7.57
C TYR A 34 -7.17 0.73 8.42
N ASP A 35 -7.50 1.99 8.67
CA ASP A 35 -8.67 2.33 9.48
C ASP A 35 -9.96 2.08 8.70
N ILE A 36 -9.86 2.14 7.38
CA ILE A 36 -11.02 1.92 6.52
C ILE A 36 -11.05 0.49 5.99
N ILE A 37 -9.89 -0.17 6.02
CA ILE A 37 -9.78 -1.55 5.55
C ILE A 37 -10.74 -2.46 6.30
N ASP A 38 -11.19 -2.01 7.47
CA ASP A 38 -12.11 -2.79 8.29
C ASP A 38 -13.45 -2.95 7.59
N GLU A 39 -13.85 -1.93 6.84
CA GLU A 39 -15.11 -1.97 6.11
C GLU A 39 -15.12 -3.09 5.08
N ASN A 40 -16.23 -3.23 4.37
CA ASN A 40 -16.36 -4.27 3.35
C ASN A 40 -17.27 -3.81 2.21
N ASP A 41 -17.44 -2.49 2.10
CA ASP A 41 -18.29 -1.92 1.06
C ASP A 41 -17.44 -1.37 -0.09
N THR A 42 -17.88 -1.62 -1.32
CA THR A 42 -17.17 -1.16 -2.50
C THR A 42 -17.27 0.35 -2.65
N ASP A 43 -18.38 0.92 -2.18
CA ASP A 43 -18.60 2.36 -2.26
C ASP A 43 -17.61 3.11 -1.40
N VAL A 44 -17.44 2.65 -0.16
CA VAL A 44 -16.51 3.29 0.77
C VAL A 44 -15.06 3.08 0.33
N MET A 45 -14.77 1.88 -0.17
CA MET A 45 -13.43 1.56 -0.63
C MET A 45 -13.08 2.31 -1.91
N MET A 46 -14.03 2.34 -2.84
CA MET A 46 -13.83 3.04 -4.11
C MET A 46 -13.75 4.54 -3.90
N ASP A 47 -14.56 5.05 -2.96
CA ASP A 47 -14.58 6.48 -2.67
C ASP A 47 -13.29 6.91 -1.98
N PHE A 48 -12.82 6.08 -1.05
CA PHE A 48 -11.60 6.37 -0.31
C PHE A 48 -10.38 6.25 -1.21
N ILE A 49 -10.32 5.17 -1.98
CA ILE A 49 -9.21 4.92 -2.88
C ILE A 49 -9.12 6.02 -3.95
N SER A 50 -10.26 6.30 -4.58
CA SER A 50 -10.31 7.32 -5.63
C SER A 50 -9.96 8.70 -5.07
N ARG A 51 -10.41 8.96 -3.84
CA ARG A 51 -10.15 10.25 -3.20
C ARG A 51 -8.70 10.33 -2.74
N PHE A 52 -8.10 9.17 -2.42
CA PHE A 52 -6.72 9.13 -1.97
C PHE A 52 -5.77 8.98 -3.16
N ALA A 53 -6.32 8.60 -4.31
CA ALA A 53 -5.53 8.43 -5.52
C ALA A 53 -5.85 9.50 -6.55
N ARG A 54 -4.94 9.69 -7.50
CA ARG A 54 -5.13 10.69 -8.55
C ARG A 54 -4.45 10.25 -9.84
N THR A 55 -4.18 8.96 -9.96
CA THR A 55 -3.53 8.41 -11.14
C THR A 55 -2.29 9.23 -11.51
N ASP A 56 -1.16 8.86 -10.94
CA ASP A 56 0.10 9.55 -11.21
C ASP A 56 1.20 8.56 -11.59
N GLU A 57 2.26 9.08 -12.21
CA GLU A 57 3.37 8.24 -12.64
C GLU A 57 4.69 8.73 -12.04
N ILE A 58 5.79 8.10 -12.43
CA ILE A 58 7.10 8.48 -11.94
C ILE A 58 7.92 9.15 -13.03
N MET A 59 8.50 10.31 -12.70
CA MET A 59 9.32 11.05 -13.65
C MET A 59 10.68 10.40 -13.82
N PRO A 60 11.40 10.79 -14.89
CA PRO A 60 12.73 10.25 -15.18
C PRO A 60 13.78 10.72 -14.19
N GLU A 61 13.47 11.79 -13.47
CA GLU A 61 14.40 12.34 -12.48
C GLU A 61 14.23 11.63 -11.13
N ASP A 62 13.09 10.98 -10.95
CA ASP A 62 12.80 10.27 -9.71
C ASP A 62 12.65 8.77 -9.97
N LYS A 63 12.18 8.05 -8.96
CA LYS A 63 11.98 6.61 -9.07
C LYS A 63 10.79 6.15 -8.24
N THR A 64 10.57 4.84 -8.21
CA THR A 64 9.46 4.28 -7.45
C THR A 64 9.96 3.31 -6.39
N VAL A 65 9.52 3.51 -5.15
CA VAL A 65 9.92 2.65 -4.04
C VAL A 65 9.65 1.19 -4.36
N GLY A 66 8.45 0.92 -4.87
CA GLY A 66 8.09 -0.45 -5.21
C GLY A 66 6.59 -0.67 -5.22
N PHE A 67 6.17 -1.93 -5.23
CA PHE A 67 4.75 -2.27 -5.23
C PHE A 67 4.41 -3.22 -4.10
N VAL A 68 3.27 -2.98 -3.46
CA VAL A 68 2.82 -3.82 -2.35
C VAL A 68 1.52 -4.54 -2.69
N VAL A 69 1.49 -5.85 -2.45
CA VAL A 69 0.30 -6.64 -2.74
C VAL A 69 -0.39 -7.07 -1.44
N VAL A 70 -1.64 -6.66 -1.28
CA VAL A 70 -2.41 -7.01 -0.09
C VAL A 70 -3.72 -7.69 -0.46
N ASN A 71 -3.85 -8.96 -0.07
CA ASN A 71 -5.06 -9.73 -0.36
C ASN A 71 -5.72 -10.22 0.92
N ALA A 72 -6.87 -9.66 1.24
CA ALA A 72 -7.61 -10.04 2.44
C ALA A 72 -8.18 -11.44 2.31
N ASP A 73 -8.61 -11.78 1.10
CA ASP A 73 -9.18 -13.10 0.84
C ASP A 73 -8.18 -14.21 1.16
N LYS A 74 -6.91 -13.95 0.86
CA LYS A 74 -5.85 -14.93 1.11
C LYS A 74 -5.20 -14.67 2.47
N LYS A 75 -5.49 -13.52 3.05
CA LYS A 75 -4.93 -13.16 4.34
C LYS A 75 -3.42 -13.07 4.28
N LEU A 76 -2.90 -12.53 3.19
CA LEU A 76 -1.46 -12.39 3.01
C LEU A 76 -1.11 -11.05 2.37
N MET A 77 0.06 -10.53 2.71
CA MET A 77 0.50 -9.25 2.18
C MET A 77 2.02 -9.26 1.92
N SER A 78 2.41 -8.91 0.71
CA SER A 78 3.81 -8.88 0.34
C SER A 78 4.23 -7.50 -0.15
N VAL A 79 5.40 -7.04 0.30
CA VAL A 79 5.90 -5.72 -0.09
C VAL A 79 7.22 -5.85 -0.85
N SER A 80 7.23 -5.40 -2.10
CA SER A 80 8.42 -5.46 -2.93
C SER A 80 8.93 -4.07 -3.27
N PHE A 81 10.14 -3.77 -2.85
CA PHE A 81 10.75 -2.47 -3.11
C PHE A 81 12.19 -2.61 -3.55
N SER A 82 12.70 -1.61 -4.28
CA SER A 82 14.07 -1.63 -4.76
C SER A 82 14.98 -0.82 -3.85
N ASP A 83 16.29 -0.89 -4.10
CA ASP A 83 17.26 -0.16 -3.30
C ASP A 83 16.68 1.13 -2.76
N ILE A 84 16.24 1.09 -1.50
CA ILE A 84 15.65 2.27 -0.86
C ILE A 84 16.38 2.61 0.43
N ASP A 85 16.32 3.87 0.82
CA ASP A 85 16.97 4.35 2.04
C ASP A 85 16.34 3.70 3.27
N GLU A 86 17.11 3.64 4.36
CA GLU A 86 16.63 3.05 5.60
C GLU A 86 15.55 3.92 6.22
N ASN A 87 15.60 5.21 5.95
CA ASN A 87 14.63 6.15 6.49
C ASN A 87 13.21 5.79 6.04
N MET A 88 13.05 5.57 4.74
CA MET A 88 11.76 5.21 4.19
C MET A 88 11.43 3.75 4.45
N LYS A 89 12.46 2.91 4.44
CA LYS A 89 12.28 1.48 4.69
C LYS A 89 11.54 1.24 5.99
N LYS A 90 11.84 2.05 7.00
CA LYS A 90 11.19 1.92 8.30
C LYS A 90 9.68 2.07 8.16
N VAL A 91 9.25 2.96 7.28
CA VAL A 91 7.82 3.20 7.06
C VAL A 91 7.19 2.03 6.32
N ILE A 92 7.93 1.44 5.38
CA ILE A 92 7.42 0.31 4.61
C ILE A 92 7.27 -0.93 5.49
N LYS A 93 8.29 -1.23 6.27
CA LYS A 93 8.26 -2.39 7.17
C LYS A 93 7.21 -2.21 8.24
N ALA A 94 7.11 -1.00 8.79
CA ALA A 94 6.14 -0.70 9.83
C ALA A 94 4.72 -0.79 9.29
N THR A 95 4.54 -0.43 8.03
CA THR A 95 3.22 -0.47 7.40
C THR A 95 2.76 -1.90 7.20
N ALA A 96 3.64 -2.74 6.68
CA ALA A 96 3.33 -4.14 6.43
C ALA A 96 3.12 -4.89 7.74
N GLU A 97 4.04 -4.68 8.69
CA GLU A 97 3.95 -5.34 9.99
C GLU A 97 2.73 -4.85 10.77
N LYS A 98 2.38 -3.58 10.59
CA LYS A 98 1.24 -2.99 11.27
C LYS A 98 -0.03 -3.78 10.99
N PHE A 99 -0.16 -4.26 9.75
CA PHE A 99 -1.33 -5.03 9.36
C PHE A 99 -1.44 -6.32 10.17
N LYS A 100 -0.29 -6.87 10.55
CA LYS A 100 -0.25 -8.10 11.33
C LYS A 100 -0.95 -7.91 12.67
N ASN A 101 -0.95 -6.68 13.18
CA ASN A 101 -1.59 -6.38 14.45
C ASN A 101 -3.09 -6.64 14.37
N LYS A 102 -3.61 -6.74 13.15
CA LYS A 102 -5.03 -6.98 12.95
C LYS A 102 -5.30 -8.47 12.71
N GLY A 103 -4.23 -9.24 12.57
CA GLY A 103 -4.36 -10.67 12.34
C GLY A 103 -4.20 -11.04 10.87
N PHE A 104 -2.99 -10.84 10.35
CA PHE A 104 -2.70 -11.15 8.95
C PHE A 104 -1.22 -11.48 8.77
N LYS A 105 -0.89 -12.01 7.60
CA LYS A 105 0.49 -12.37 7.30
C LYS A 105 1.14 -11.32 6.40
N VAL A 106 2.31 -10.85 6.81
CA VAL A 106 3.04 -9.83 6.05
C VAL A 106 4.46 -10.30 5.74
N GLU A 107 4.87 -10.13 4.48
CA GLU A 107 6.21 -10.54 4.06
C GLU A 107 6.90 -9.39 3.31
N THR A 108 8.23 -9.33 3.45
CA THR A 108 9.02 -8.30 2.80
C THR A 108 10.03 -8.91 1.83
N ASP A 109 10.08 -8.37 0.62
CA ASP A 109 11.01 -8.85 -0.39
C ASP A 109 11.78 -7.70 -1.04
N MET A 110 12.70 -8.02 -1.93
CA MET A 110 13.50 -7.01 -2.61
C MET A 110 13.53 -7.27 -4.12
N MET A 1 16.05 12.50 -4.51
CA MET A 1 15.01 12.15 -5.47
C MET A 1 13.72 11.75 -4.77
N THR A 2 12.65 11.60 -5.55
CA THR A 2 11.36 11.22 -5.00
C THR A 2 11.04 9.75 -5.29
N LEU A 3 10.62 9.04 -4.26
CA LEU A 3 10.28 7.63 -4.40
C LEU A 3 8.80 7.39 -4.13
N CYS A 4 8.15 6.64 -5.02
CA CYS A 4 6.74 6.33 -4.88
C CYS A 4 6.51 4.82 -4.80
N ALA A 5 5.40 4.43 -4.19
CA ALA A 5 5.06 3.02 -4.06
C ALA A 5 3.57 2.78 -4.31
N MET A 6 3.26 1.67 -4.96
CA MET A 6 1.88 1.33 -5.26
C MET A 6 1.47 0.03 -4.55
N TYR A 7 0.40 0.11 -3.77
CA TYR A 7 -0.09 -1.05 -3.03
C TYR A 7 -1.53 -1.39 -3.44
N ASN A 8 -1.81 -2.68 -3.55
CA ASN A 8 -3.15 -3.13 -3.92
C ASN A 8 -3.82 -3.88 -2.77
N ILE A 9 -5.08 -3.55 -2.52
CA ILE A 9 -5.83 -4.20 -1.45
C ILE A 9 -6.99 -5.02 -2.00
N SER A 10 -7.10 -6.26 -1.54
CA SER A 10 -8.16 -7.15 -1.99
C SER A 10 -9.12 -7.48 -0.86
N MET A 11 -10.40 -7.18 -1.06
CA MET A 11 -11.42 -7.44 -0.05
C MET A 11 -11.96 -8.85 -0.18
N ALA A 12 -11.44 -9.60 -1.15
CA ALA A 12 -11.88 -10.97 -1.39
C ALA A 12 -11.13 -11.59 -2.56
N GLY A 13 -11.66 -12.69 -3.08
CA GLY A 13 -11.03 -13.36 -4.21
C GLY A 13 -11.45 -12.77 -5.54
N SER A 14 -11.96 -11.55 -5.51
CA SER A 14 -12.40 -10.88 -6.73
C SER A 14 -11.42 -9.77 -7.11
N HIS A 15 -11.46 -9.36 -8.38
CA HIS A 15 -10.58 -8.32 -8.88
C HIS A 15 -10.26 -7.31 -7.78
N PRO A 16 -9.02 -7.36 -7.28
CA PRO A 16 -8.56 -6.46 -6.22
C PRO A 16 -8.41 -5.02 -6.70
N THR A 17 -8.05 -4.12 -5.78
CA THR A 17 -7.88 -2.72 -6.12
C THR A 17 -6.43 -2.28 -5.93
N THR A 18 -5.88 -1.64 -6.96
CA THR A 18 -4.50 -1.17 -6.91
C THR A 18 -4.44 0.34 -6.72
N ILE A 19 -3.48 0.80 -5.93
CA ILE A 19 -3.31 2.21 -5.67
C ILE A 19 -1.84 2.62 -5.72
N CYS A 20 -1.57 3.77 -6.32
CA CYS A 20 -0.20 4.27 -6.43
C CYS A 20 -0.06 5.64 -5.78
N VAL A 21 0.76 5.70 -4.73
CA VAL A 21 0.98 6.95 -4.01
C VAL A 21 2.44 7.09 -3.57
N VAL A 22 2.92 8.33 -3.52
CA VAL A 22 4.30 8.59 -3.11
C VAL A 22 4.51 8.24 -1.64
N MET A 23 5.76 7.96 -1.29
CA MET A 23 6.09 7.61 0.09
C MET A 23 5.59 8.68 1.06
N ASP A 24 5.66 9.93 0.63
CA ASP A 24 5.21 11.05 1.45
C ASP A 24 3.74 10.90 1.82
N ARG A 25 2.94 10.40 0.88
CA ARG A 25 1.52 10.21 1.10
C ARG A 25 1.21 8.76 1.43
N PHE A 26 2.18 7.88 1.19
CA PHE A 26 2.02 6.45 1.44
C PHE A 26 1.82 6.19 2.94
N LEU A 27 2.63 6.85 3.76
CA LEU A 27 2.55 6.69 5.20
C LEU A 27 1.17 7.06 5.72
N GLU A 28 0.69 8.23 5.30
CA GLU A 28 -0.63 8.70 5.72
C GLU A 28 -1.74 7.85 5.10
N SER A 29 -1.62 7.58 3.81
CA SER A 29 -2.60 6.78 3.09
C SER A 29 -2.77 5.41 3.76
N PHE A 30 -1.66 4.82 4.20
CA PHE A 30 -1.69 3.52 4.85
C PHE A 30 -2.39 3.61 6.21
N SER A 31 -2.04 4.63 6.98
CA SER A 31 -2.62 4.82 8.31
C SER A 31 -4.15 4.90 8.21
N GLU A 32 -4.64 5.68 7.27
CA GLU A 32 -6.07 5.85 7.09
C GLU A 32 -6.67 4.61 6.43
N LEU A 33 -5.97 4.08 5.44
CA LEU A 33 -6.44 2.89 4.73
C LEU A 33 -6.70 1.74 5.69
N TYR A 34 -5.86 1.63 6.71
CA TYR A 34 -6.00 0.58 7.72
C TYR A 34 -7.25 0.78 8.56
N ASP A 35 -7.62 2.04 8.75
CA ASP A 35 -8.80 2.38 9.54
C ASP A 35 -10.08 2.10 8.75
N ILE A 36 -9.98 2.17 7.43
CA ILE A 36 -11.12 1.94 6.56
C ILE A 36 -11.13 0.50 6.05
N ILE A 37 -9.97 -0.14 6.10
CA ILE A 37 -9.84 -1.52 5.64
C ILE A 37 -10.81 -2.44 6.38
N ASP A 38 -11.27 -1.99 7.54
CA ASP A 38 -12.21 -2.77 8.34
C ASP A 38 -13.56 -2.89 7.63
N GLU A 39 -13.83 -1.96 6.72
CA GLU A 39 -15.08 -1.96 5.97
C GLU A 39 -15.10 -3.08 4.94
N ASN A 40 -16.27 -3.29 4.33
CA ASN A 40 -16.41 -4.33 3.32
C ASN A 40 -17.31 -3.85 2.17
N ASP A 41 -17.57 -2.55 2.14
CA ASP A 41 -18.40 -1.96 1.11
C ASP A 41 -17.56 -1.47 -0.07
N THR A 42 -18.02 -1.74 -1.28
CA THR A 42 -17.30 -1.33 -2.48
C THR A 42 -17.39 0.18 -2.68
N ASP A 43 -18.49 0.77 -2.23
CA ASP A 43 -18.70 2.21 -2.37
C ASP A 43 -17.70 2.99 -1.51
N VAL A 44 -17.56 2.57 -0.26
CA VAL A 44 -16.63 3.22 0.66
C VAL A 44 -15.19 2.96 0.26
N MET A 45 -14.90 1.75 -0.19
CA MET A 45 -13.56 1.37 -0.61
C MET A 45 -13.18 2.08 -1.91
N MET A 46 -14.10 2.10 -2.86
CA MET A 46 -13.86 2.75 -4.14
C MET A 46 -13.76 4.27 -3.98
N ASP A 47 -14.59 4.81 -3.10
CA ASP A 47 -14.59 6.25 -2.85
C ASP A 47 -13.31 6.68 -2.14
N PHE A 48 -12.87 5.88 -1.17
CA PHE A 48 -11.66 6.17 -0.42
C PHE A 48 -10.42 5.96 -1.27
N ILE A 49 -10.39 4.84 -1.99
CA ILE A 49 -9.26 4.52 -2.86
C ILE A 49 -9.08 5.57 -3.94
N SER A 50 -10.17 5.90 -4.62
CA SER A 50 -10.13 6.89 -5.69
C SER A 50 -9.77 8.26 -5.14
N ARG A 51 -10.29 8.58 -3.96
CA ARG A 51 -10.02 9.87 -3.33
C ARG A 51 -8.58 9.93 -2.82
N PHE A 52 -8.03 8.78 -2.45
CA PHE A 52 -6.67 8.70 -1.94
C PHE A 52 -5.68 8.39 -3.06
N ALA A 53 -6.22 8.03 -4.23
CA ALA A 53 -5.40 7.72 -5.39
C ALA A 53 -5.24 8.92 -6.30
N ARG A 54 -4.16 8.93 -7.08
CA ARG A 54 -3.89 10.03 -7.99
C ARG A 54 -3.55 9.50 -9.39
N THR A 55 -4.26 10.00 -10.40
CA THR A 55 -4.05 9.57 -11.77
C THR A 55 -2.78 10.20 -12.34
N ASP A 56 -1.63 9.85 -11.77
CA ASP A 56 -0.36 10.38 -12.23
C ASP A 56 0.69 9.27 -12.33
N GLU A 57 1.86 9.62 -12.84
CA GLU A 57 2.94 8.64 -12.99
C GLU A 57 4.22 9.14 -12.30
N ILE A 58 5.34 8.52 -12.65
CA ILE A 58 6.63 8.90 -12.07
C ILE A 58 7.49 9.63 -13.08
N MET A 59 8.02 10.79 -12.67
CA MET A 59 8.88 11.58 -13.56
C MET A 59 10.27 10.97 -13.65
N PRO A 60 11.04 11.41 -14.66
CA PRO A 60 12.40 10.93 -14.88
C PRO A 60 13.37 11.40 -13.81
N GLU A 61 12.95 12.38 -13.02
CA GLU A 61 13.78 12.92 -11.95
C GLU A 61 13.64 12.08 -10.68
N ASP A 62 12.57 11.30 -10.62
CA ASP A 62 12.33 10.44 -9.45
C ASP A 62 12.19 8.98 -9.87
N LYS A 63 11.70 8.16 -8.95
CA LYS A 63 11.52 6.74 -9.22
C LYS A 63 10.45 6.14 -8.32
N THR A 64 10.24 4.83 -8.42
CA THR A 64 9.25 4.14 -7.61
C THR A 64 9.90 3.16 -6.65
N VAL A 65 9.76 3.42 -5.35
CA VAL A 65 10.35 2.54 -4.33
C VAL A 65 9.93 1.09 -4.55
N GLY A 66 8.70 0.90 -4.99
CA GLY A 66 8.19 -0.44 -5.23
C GLY A 66 6.68 -0.54 -5.07
N PHE A 67 6.17 -1.77 -5.07
CA PHE A 67 4.73 -1.99 -4.92
C PHE A 67 4.45 -3.02 -3.83
N VAL A 68 3.31 -2.85 -3.17
CA VAL A 68 2.92 -3.78 -2.10
C VAL A 68 1.62 -4.49 -2.45
N VAL A 69 1.63 -5.81 -2.30
CA VAL A 69 0.44 -6.61 -2.59
C VAL A 69 -0.25 -7.07 -1.31
N VAL A 70 -1.51 -6.67 -1.15
CA VAL A 70 -2.29 -7.03 0.03
C VAL A 70 -3.57 -7.75 -0.35
N ASN A 71 -3.69 -9.01 0.05
CA ASN A 71 -4.87 -9.81 -0.27
C ASN A 71 -5.53 -10.30 1.02
N ALA A 72 -6.71 -9.75 1.32
CA ALA A 72 -7.44 -10.13 2.52
C ALA A 72 -8.00 -11.55 2.39
N ASP A 73 -8.40 -11.91 1.18
CA ASP A 73 -8.94 -13.24 0.92
C ASP A 73 -7.93 -14.32 1.27
N LYS A 74 -6.66 -14.05 0.98
CA LYS A 74 -5.59 -15.00 1.26
C LYS A 74 -4.95 -14.71 2.61
N LYS A 75 -5.28 -13.56 3.19
CA LYS A 75 -4.74 -13.17 4.48
C LYS A 75 -3.21 -13.08 4.43
N LEU A 76 -2.69 -12.53 3.34
CA LEU A 76 -1.26 -12.38 3.17
C LEU A 76 -0.92 -11.04 2.52
N MET A 77 0.27 -10.53 2.82
CA MET A 77 0.71 -9.26 2.26
C MET A 77 2.21 -9.27 1.99
N SER A 78 2.59 -8.92 0.76
CA SER A 78 4.00 -8.91 0.37
C SER A 78 4.40 -7.52 -0.14
N VAL A 79 5.58 -7.07 0.27
CA VAL A 79 6.08 -5.77 -0.14
C VAL A 79 7.37 -5.91 -0.93
N SER A 80 7.34 -5.43 -2.18
CA SER A 80 8.50 -5.52 -3.06
C SER A 80 9.01 -4.11 -3.41
N PHE A 81 10.24 -3.82 -3.02
CA PHE A 81 10.85 -2.52 -3.30
C PHE A 81 12.30 -2.67 -3.75
N SER A 82 12.75 -1.74 -4.56
CA SER A 82 14.12 -1.77 -5.07
C SER A 82 15.06 -0.97 -4.15
N ASP A 83 16.35 -1.07 -4.42
CA ASP A 83 17.35 -0.36 -3.62
C ASP A 83 16.78 0.95 -3.09
N ILE A 84 16.38 0.92 -1.82
CA ILE A 84 15.82 2.10 -1.18
C ILE A 84 16.58 2.45 0.09
N ASP A 85 16.36 3.66 0.60
CA ASP A 85 17.01 4.11 1.82
C ASP A 85 16.35 3.52 3.06
N GLU A 86 17.11 3.43 4.15
CA GLU A 86 16.58 2.88 5.39
C GLU A 86 15.54 3.80 6.00
N ASN A 87 15.62 5.09 5.68
CA ASN A 87 14.68 6.08 6.20
C ASN A 87 13.25 5.72 5.82
N MET A 88 13.04 5.43 4.55
CA MET A 88 11.71 5.07 4.06
C MET A 88 11.38 3.62 4.41
N LYS A 89 12.40 2.77 4.44
CA LYS A 89 12.22 1.36 4.76
C LYS A 89 11.43 1.20 6.06
N LYS A 90 11.71 2.07 7.03
CA LYS A 90 11.04 2.03 8.31
C LYS A 90 9.53 2.17 8.14
N VAL A 91 9.12 3.02 7.20
CA VAL A 91 7.71 3.25 6.93
C VAL A 91 7.08 2.04 6.23
N ILE A 92 7.85 1.41 5.34
CA ILE A 92 7.37 0.25 4.61
C ILE A 92 7.17 -0.94 5.54
N LYS A 93 8.17 -1.21 6.37
CA LYS A 93 8.10 -2.32 7.31
C LYS A 93 7.01 -2.09 8.35
N ALA A 94 6.92 -0.85 8.85
CA ALA A 94 5.92 -0.50 9.84
C ALA A 94 4.51 -0.65 9.28
N THR A 95 4.35 -0.33 8.01
CA THR A 95 3.05 -0.43 7.34
C THR A 95 2.63 -1.88 7.18
N ALA A 96 3.55 -2.71 6.70
CA ALA A 96 3.27 -4.13 6.50
C ALA A 96 3.07 -4.84 7.82
N GLU A 97 3.97 -4.61 8.76
CA GLU A 97 3.90 -5.23 10.08
C GLU A 97 2.65 -4.78 10.83
N LYS A 98 2.26 -3.52 10.61
CA LYS A 98 1.08 -2.97 11.25
C LYS A 98 -0.16 -3.78 10.93
N PHE A 99 -0.25 -4.25 9.69
CA PHE A 99 -1.39 -5.05 9.25
C PHE A 99 -1.44 -6.37 10.01
N LYS A 100 -0.28 -6.90 10.36
CA LYS A 100 -0.20 -8.16 11.08
C LYS A 100 -0.88 -8.05 12.44
N ASN A 101 -0.89 -6.84 13.00
CA ASN A 101 -1.52 -6.60 14.30
C ASN A 101 -3.02 -6.88 14.24
N LYS A 102 -3.55 -6.95 13.02
CA LYS A 102 -4.98 -7.20 12.82
C LYS A 102 -5.22 -8.67 12.47
N GLY A 103 -4.14 -9.40 12.23
CA GLY A 103 -4.25 -10.80 11.88
C GLY A 103 -4.00 -11.07 10.41
N PHE A 104 -2.75 -10.87 9.99
CA PHE A 104 -2.39 -11.09 8.59
C PHE A 104 -0.91 -11.45 8.47
N LYS A 105 -0.53 -12.00 7.32
CA LYS A 105 0.85 -12.39 7.08
C LYS A 105 1.61 -11.27 6.36
N VAL A 106 2.84 -11.03 6.81
CA VAL A 106 3.67 -9.99 6.22
C VAL A 106 4.94 -10.58 5.59
N GLU A 107 5.21 -10.19 4.35
CA GLU A 107 6.38 -10.69 3.64
C GLU A 107 7.20 -9.54 3.06
N THR A 108 8.52 -9.67 3.08
CA THR A 108 9.40 -8.64 2.56
C THR A 108 10.26 -9.18 1.42
N ASP A 109 10.33 -8.43 0.32
CA ASP A 109 11.12 -8.84 -0.83
C ASP A 109 11.77 -7.63 -1.49
N MET A 110 12.55 -7.88 -2.54
CA MET A 110 13.23 -6.82 -3.26
C MET A 110 13.15 -7.04 -4.76
N MET A 1 15.95 12.86 -4.62
CA MET A 1 14.97 12.36 -5.58
C MET A 1 13.66 12.00 -4.88
N THR A 2 12.62 11.74 -5.67
CA THR A 2 11.32 11.39 -5.12
C THR A 2 11.04 9.90 -5.29
N LEU A 3 10.64 9.25 -4.20
CA LEU A 3 10.35 7.82 -4.23
C LEU A 3 8.88 7.57 -3.87
N CYS A 4 8.16 6.90 -4.77
CA CYS A 4 6.76 6.58 -4.55
C CYS A 4 6.52 5.08 -4.60
N ALA A 5 5.44 4.64 -3.96
CA ALA A 5 5.10 3.22 -3.94
C ALA A 5 3.61 3.01 -4.17
N MET A 6 3.27 1.95 -4.89
CA MET A 6 1.88 1.64 -5.18
C MET A 6 1.46 0.32 -4.51
N TYR A 7 0.37 0.37 -3.76
CA TYR A 7 -0.13 -0.80 -3.06
C TYR A 7 -1.57 -1.10 -3.46
N ASN A 8 -1.90 -2.39 -3.57
CA ASN A 8 -3.24 -2.81 -3.95
C ASN A 8 -3.90 -3.61 -2.82
N ILE A 9 -5.16 -3.30 -2.55
CA ILE A 9 -5.90 -3.99 -1.50
C ILE A 9 -7.07 -4.78 -2.07
N SER A 10 -7.19 -6.03 -1.66
CA SER A 10 -8.28 -6.90 -2.14
C SER A 10 -9.25 -7.23 -1.01
N MET A 11 -10.52 -6.93 -1.23
CA MET A 11 -11.54 -7.19 -0.22
C MET A 11 -12.07 -8.63 -0.36
N ALA A 12 -11.60 -9.33 -1.38
CA ALA A 12 -12.02 -10.70 -1.62
C ALA A 12 -11.35 -11.28 -2.87
N GLY A 13 -11.88 -12.39 -3.35
CA GLY A 13 -11.32 -13.02 -4.53
C GLY A 13 -11.81 -12.40 -5.82
N SER A 14 -11.85 -11.07 -5.85
CA SER A 14 -12.32 -10.34 -7.04
C SER A 14 -11.37 -9.20 -7.38
N HIS A 15 -11.44 -8.74 -8.62
CA HIS A 15 -10.59 -7.65 -9.08
C HIS A 15 -10.29 -6.68 -7.94
N PRO A 16 -9.07 -6.74 -7.41
CA PRO A 16 -8.64 -5.87 -6.31
C PRO A 16 -8.47 -4.43 -6.74
N THR A 17 -8.12 -3.56 -5.80
CA THR A 17 -7.93 -2.14 -6.09
C THR A 17 -6.48 -1.73 -5.88
N THR A 18 -5.89 -1.12 -6.90
CA THR A 18 -4.50 -0.67 -6.83
C THR A 18 -4.42 0.85 -6.66
N ILE A 19 -3.44 1.29 -5.87
CA ILE A 19 -3.25 2.72 -5.63
C ILE A 19 -1.77 3.08 -5.62
N CYS A 20 -1.46 4.26 -6.14
CA CYS A 20 -0.07 4.72 -6.19
C CYS A 20 0.08 6.05 -5.44
N VAL A 21 0.90 6.04 -4.39
CA VAL A 21 1.13 7.24 -3.60
C VAL A 21 2.58 7.35 -3.18
N VAL A 22 3.08 8.58 -3.08
CA VAL A 22 4.46 8.82 -2.68
C VAL A 22 4.70 8.40 -1.24
N MET A 23 5.95 8.08 -0.92
CA MET A 23 6.32 7.65 0.43
C MET A 23 5.85 8.67 1.46
N ASP A 24 5.98 9.95 1.11
CA ASP A 24 5.58 11.03 2.01
C ASP A 24 4.10 10.91 2.37
N ARG A 25 3.29 10.50 1.40
CA ARG A 25 1.85 10.34 1.62
C ARG A 25 1.49 8.88 1.87
N PHE A 26 2.44 7.99 1.60
CA PHE A 26 2.22 6.56 1.80
C PHE A 26 1.98 6.25 3.28
N LEU A 27 2.79 6.85 4.14
CA LEU A 27 2.66 6.63 5.58
C LEU A 27 1.26 7.02 6.06
N GLU A 28 0.81 8.19 5.66
CA GLU A 28 -0.52 8.67 6.06
C GLU A 28 -1.62 7.85 5.38
N SER A 29 -1.46 7.61 4.08
CA SER A 29 -2.43 6.85 3.31
C SER A 29 -2.63 5.46 3.93
N PHE A 30 -1.54 4.85 4.37
CA PHE A 30 -1.60 3.53 4.98
C PHE A 30 -2.33 3.57 6.31
N SER A 31 -1.99 4.56 7.13
CA SER A 31 -2.60 4.72 8.45
C SER A 31 -4.12 4.80 8.32
N GLU A 32 -4.58 5.63 7.39
CA GLU A 32 -6.02 5.81 7.17
C GLU A 32 -6.62 4.60 6.47
N LEU A 33 -5.90 4.08 5.48
CA LEU A 33 -6.36 2.92 4.72
C LEU A 33 -6.65 1.75 5.66
N TYR A 34 -5.81 1.59 6.67
CA TYR A 34 -5.97 0.50 7.63
C TYR A 34 -7.23 0.71 8.47
N ASP A 35 -7.57 1.97 8.73
CA ASP A 35 -8.75 2.29 9.52
C ASP A 35 -10.03 2.05 8.72
N ILE A 36 -9.91 2.14 7.40
CA ILE A 36 -11.06 1.93 6.52
C ILE A 36 -11.06 0.52 5.95
N ILE A 37 -9.92 -0.15 6.04
CA ILE A 37 -9.80 -1.51 5.54
C ILE A 37 -10.77 -2.45 6.24
N ASP A 38 -11.28 -2.02 7.39
CA ASP A 38 -12.23 -2.81 8.15
C ASP A 38 -13.66 -2.42 7.82
N GLU A 39 -13.86 -1.90 6.61
CA GLU A 39 -15.19 -1.50 6.17
C GLU A 39 -15.83 -2.57 5.29
N ASN A 40 -15.06 -3.11 4.36
CA ASN A 40 -15.56 -4.14 3.46
C ASN A 40 -16.64 -3.60 2.55
N ASP A 41 -16.63 -2.29 2.34
CA ASP A 41 -17.62 -1.63 1.49
C ASP A 41 -16.98 -1.15 0.20
N THR A 42 -17.65 -1.41 -0.92
CA THR A 42 -17.15 -1.00 -2.23
C THR A 42 -17.22 0.51 -2.40
N ASP A 43 -18.32 1.10 -1.94
CA ASP A 43 -18.52 2.54 -2.03
C ASP A 43 -17.49 3.29 -1.18
N VAL A 44 -17.26 2.80 0.03
CA VAL A 44 -16.31 3.42 0.93
C VAL A 44 -14.87 3.21 0.45
N MET A 45 -14.60 2.01 -0.06
CA MET A 45 -13.27 1.69 -0.57
C MET A 45 -12.98 2.44 -1.86
N MET A 46 -13.96 2.46 -2.76
CA MET A 46 -13.80 3.16 -4.04
C MET A 46 -13.71 4.67 -3.83
N ASP A 47 -14.50 5.18 -2.88
CA ASP A 47 -14.51 6.61 -2.59
C ASP A 47 -13.21 7.02 -1.90
N PHE A 48 -12.75 6.19 -0.98
CA PHE A 48 -11.52 6.48 -0.23
C PHE A 48 -10.30 6.35 -1.14
N ILE A 49 -10.24 5.28 -1.92
CA ILE A 49 -9.13 5.05 -2.83
C ILE A 49 -9.07 6.14 -3.90
N SER A 50 -10.20 6.43 -4.52
CA SER A 50 -10.27 7.45 -5.56
C SER A 50 -9.91 8.82 -5.00
N ARG A 51 -10.33 9.08 -3.76
CA ARG A 51 -10.05 10.36 -3.11
C ARG A 51 -8.60 10.43 -2.66
N PHE A 52 -8.03 9.26 -2.33
CA PHE A 52 -6.65 9.21 -1.87
C PHE A 52 -5.70 9.02 -3.05
N ALA A 53 -6.26 8.69 -4.21
CA ALA A 53 -5.45 8.49 -5.42
C ALA A 53 -5.83 9.50 -6.49
N ARG A 54 -4.99 9.59 -7.52
CA ARG A 54 -5.23 10.53 -8.62
C ARG A 54 -4.58 10.03 -9.90
N THR A 55 -4.32 8.73 -9.96
CA THR A 55 -3.69 8.13 -11.14
C THR A 55 -2.49 8.93 -11.60
N ASP A 56 -1.33 8.64 -11.02
CA ASP A 56 -0.10 9.34 -11.38
C ASP A 56 1.04 8.35 -11.58
N GLU A 57 2.10 8.81 -12.26
CA GLU A 57 3.26 7.96 -12.52
C GLU A 57 4.51 8.55 -11.90
N ILE A 58 5.67 8.00 -12.28
CA ILE A 58 6.95 8.48 -11.76
C ILE A 58 7.74 9.21 -12.83
N MET A 59 8.27 10.38 -12.49
CA MET A 59 9.05 11.17 -13.42
C MET A 59 10.45 10.56 -13.61
N PRO A 60 11.12 10.96 -14.70
CA PRO A 60 12.47 10.47 -15.01
C PRO A 60 13.52 11.01 -14.05
N GLU A 61 13.17 12.08 -13.34
CA GLU A 61 14.08 12.69 -12.38
C GLU A 61 13.98 12.01 -11.02
N ASP A 62 12.90 11.26 -10.81
CA ASP A 62 12.68 10.56 -9.56
C ASP A 62 12.57 9.05 -9.78
N LYS A 63 12.05 8.34 -8.79
CA LYS A 63 11.90 6.90 -8.88
C LYS A 63 10.71 6.42 -8.04
N THR A 64 10.49 5.11 -8.02
CA THR A 64 9.39 4.53 -7.25
C THR A 64 9.91 3.53 -6.23
N VAL A 65 9.56 3.75 -4.96
CA VAL A 65 9.99 2.86 -3.88
C VAL A 65 9.70 1.40 -4.23
N GLY A 66 8.49 1.14 -4.73
CA GLY A 66 8.11 -0.20 -5.09
C GLY A 66 6.60 -0.41 -5.10
N PHE A 67 6.18 -1.66 -5.14
CA PHE A 67 4.76 -1.98 -5.16
C PHE A 67 4.42 -3.00 -4.07
N VAL A 68 3.29 -2.79 -3.41
CA VAL A 68 2.85 -3.68 -2.35
C VAL A 68 1.54 -4.37 -2.71
N VAL A 69 1.50 -5.69 -2.56
CA VAL A 69 0.30 -6.47 -2.87
C VAL A 69 -0.39 -6.95 -1.60
N VAL A 70 -1.63 -6.53 -1.41
CA VAL A 70 -2.41 -6.93 -0.24
C VAL A 70 -3.72 -7.59 -0.65
N ASN A 71 -3.86 -8.87 -0.31
CA ASN A 71 -5.06 -9.61 -0.63
C ASN A 71 -5.71 -10.18 0.63
N ALA A 72 -6.86 -9.60 1.01
CA ALA A 72 -7.58 -10.04 2.19
C ALA A 72 -8.24 -11.39 1.96
N ASP A 73 -8.56 -11.69 0.70
CA ASP A 73 -9.19 -12.95 0.34
C ASP A 73 -8.31 -14.13 0.75
N LYS A 74 -7.01 -14.00 0.54
CA LYS A 74 -6.07 -15.06 0.88
C LYS A 74 -5.43 -14.79 2.25
N LYS A 75 -5.55 -13.56 2.73
CA LYS A 75 -4.99 -13.19 4.02
C LYS A 75 -3.48 -13.12 3.96
N LEU A 76 -2.95 -12.51 2.90
CA LEU A 76 -1.51 -12.36 2.73
C LEU A 76 -1.16 -11.01 2.12
N MET A 77 0.01 -10.50 2.47
CA MET A 77 0.47 -9.21 1.96
C MET A 77 1.97 -9.22 1.72
N SER A 78 2.38 -8.83 0.52
CA SER A 78 3.79 -8.81 0.16
C SER A 78 4.21 -7.40 -0.29
N VAL A 79 5.37 -6.95 0.19
CA VAL A 79 5.88 -5.64 -0.17
C VAL A 79 7.20 -5.74 -0.92
N SER A 80 7.22 -5.25 -2.15
CA SER A 80 8.42 -5.28 -2.97
C SER A 80 8.93 -3.88 -3.26
N PHE A 81 10.16 -3.61 -2.85
CA PHE A 81 10.77 -2.30 -3.06
C PHE A 81 12.19 -2.44 -3.62
N SER A 82 12.59 -1.50 -4.46
CA SER A 82 13.92 -1.52 -5.07
C SER A 82 14.73 -0.31 -4.63
N ASP A 83 16.04 -0.48 -4.57
CA ASP A 83 16.94 0.60 -4.17
C ASP A 83 16.23 1.58 -3.24
N ILE A 84 16.15 1.20 -1.96
CA ILE A 84 15.50 2.04 -0.96
C ILE A 84 16.38 2.24 0.26
N ASP A 85 16.28 3.40 0.89
CA ASP A 85 17.07 3.71 2.07
C ASP A 85 16.44 3.11 3.31
N GLU A 86 17.24 2.96 4.37
CA GLU A 86 16.76 2.39 5.62
C GLU A 86 15.74 3.31 6.29
N ASN A 87 15.86 4.61 6.01
CA ASN A 87 14.95 5.60 6.58
C ASN A 87 13.51 5.31 6.18
N MET A 88 13.29 5.09 4.89
CA MET A 88 11.95 4.79 4.38
C MET A 88 11.56 3.35 4.67
N LYS A 89 12.55 2.46 4.67
CA LYS A 89 12.31 1.05 4.93
C LYS A 89 11.52 0.87 6.23
N LYS A 90 11.85 1.69 7.23
CA LYS A 90 11.18 1.61 8.52
C LYS A 90 9.67 1.84 8.37
N VAL A 91 9.31 2.73 7.46
CA VAL A 91 7.90 3.04 7.21
C VAL A 91 7.21 1.90 6.47
N ILE A 92 7.95 1.28 5.54
CA ILE A 92 7.41 0.17 4.77
C ILE A 92 7.17 -1.06 5.64
N LYS A 93 8.17 -1.40 6.45
CA LYS A 93 8.08 -2.54 7.35
C LYS A 93 6.99 -2.32 8.40
N ALA A 94 6.94 -1.11 8.95
CA ALA A 94 5.95 -0.77 9.96
C ALA A 94 4.54 -0.85 9.41
N THR A 95 4.39 -0.47 8.15
CA THR A 95 3.09 -0.49 7.49
C THR A 95 2.61 -1.92 7.25
N ALA A 96 3.51 -2.76 6.72
CA ALA A 96 3.18 -4.15 6.45
C ALA A 96 2.97 -4.93 7.75
N GLU A 97 3.88 -4.72 8.70
CA GLU A 97 3.79 -5.41 9.99
C GLU A 97 2.56 -4.95 10.77
N LYS A 98 2.21 -3.68 10.60
CA LYS A 98 1.05 -3.12 11.29
C LYS A 98 -0.21 -3.91 10.97
N PHE A 99 -0.33 -4.36 9.73
CA PHE A 99 -1.48 -5.13 9.30
C PHE A 99 -1.60 -6.43 10.09
N LYS A 100 -0.45 -6.99 10.46
CA LYS A 100 -0.42 -8.24 11.23
C LYS A 100 -1.14 -8.07 12.57
N ASN A 101 -1.12 -6.85 13.10
CA ASN A 101 -1.78 -6.56 14.37
C ASN A 101 -3.29 -6.80 14.28
N LYS A 102 -3.78 -6.88 13.05
CA LYS A 102 -5.21 -7.11 12.83
C LYS A 102 -5.48 -8.58 12.52
N GLY A 103 -4.41 -9.35 12.34
CA GLY A 103 -4.56 -10.76 12.05
C GLY A 103 -4.38 -11.06 10.57
N PHE A 104 -3.16 -10.87 10.08
CA PHE A 104 -2.87 -11.13 8.67
C PHE A 104 -1.39 -11.47 8.48
N LYS A 105 -1.06 -11.99 7.30
CA LYS A 105 0.31 -12.37 7.00
C LYS A 105 1.00 -11.29 6.16
N VAL A 106 2.16 -10.83 6.62
CA VAL A 106 2.91 -9.80 5.91
C VAL A 106 4.33 -10.27 5.61
N GLU A 107 4.76 -10.11 4.36
CA GLU A 107 6.09 -10.51 3.94
C GLU A 107 6.79 -9.37 3.20
N THR A 108 8.11 -9.31 3.35
CA THR A 108 8.91 -8.28 2.71
C THR A 108 9.95 -8.89 1.77
N ASP A 109 10.02 -8.35 0.56
CA ASP A 109 10.98 -8.85 -0.43
C ASP A 109 11.77 -7.70 -1.04
N MET A 110 13.05 -7.93 -1.31
CA MET A 110 13.91 -6.92 -1.89
C MET A 110 14.55 -7.42 -3.19
N MET A 1 15.78 12.93 -4.37
CA MET A 1 15.01 12.17 -5.35
C MET A 1 13.63 11.83 -4.81
N THR A 2 12.70 11.55 -5.71
CA THR A 2 11.33 11.22 -5.32
C THR A 2 11.06 9.73 -5.48
N LEU A 3 10.49 9.12 -4.46
CA LEU A 3 10.18 7.70 -4.48
C LEU A 3 8.67 7.47 -4.34
N CYS A 4 8.12 6.65 -5.23
CA CYS A 4 6.69 6.36 -5.21
C CYS A 4 6.46 4.86 -5.02
N ALA A 5 5.34 4.51 -4.40
CA ALA A 5 4.99 3.11 -4.17
C ALA A 5 3.53 2.85 -4.49
N MET A 6 3.27 1.69 -5.09
CA MET A 6 1.90 1.32 -5.45
C MET A 6 1.46 0.08 -4.68
N TYR A 7 0.36 0.21 -3.95
CA TYR A 7 -0.17 -0.90 -3.16
C TYR A 7 -1.61 -1.23 -3.57
N ASN A 8 -1.97 -2.50 -3.49
CA ASN A 8 -3.31 -2.95 -3.85
C ASN A 8 -3.95 -3.73 -2.71
N ILE A 9 -5.23 -3.44 -2.45
CA ILE A 9 -5.95 -4.11 -1.39
C ILE A 9 -7.08 -4.96 -1.94
N SER A 10 -7.17 -6.20 -1.49
CA SER A 10 -8.21 -7.12 -1.95
C SER A 10 -9.15 -7.48 -0.81
N MET A 11 -10.45 -7.25 -1.03
CA MET A 11 -11.46 -7.55 -0.01
C MET A 11 -11.97 -8.98 -0.17
N ALA A 12 -11.47 -9.67 -1.19
CA ALA A 12 -11.89 -11.05 -1.44
C ALA A 12 -11.20 -11.60 -2.69
N GLY A 13 -11.72 -12.72 -3.19
CA GLY A 13 -11.14 -13.33 -4.37
C GLY A 13 -11.66 -12.70 -5.66
N SER A 14 -11.73 -11.37 -5.69
CA SER A 14 -12.21 -10.66 -6.87
C SER A 14 -11.29 -9.49 -7.21
N HIS A 15 -11.37 -9.04 -8.45
CA HIS A 15 -10.53 -7.92 -8.90
C HIS A 15 -10.32 -6.91 -7.79
N PRO A 16 -9.11 -6.94 -7.20
CA PRO A 16 -8.74 -6.02 -6.11
C PRO A 16 -8.60 -4.58 -6.58
N THR A 17 -8.19 -3.71 -5.67
CA THR A 17 -8.03 -2.29 -5.98
C THR A 17 -6.56 -1.88 -5.85
N THR A 18 -6.03 -1.25 -6.90
CA THR A 18 -4.65 -0.80 -6.91
C THR A 18 -4.56 0.71 -6.72
N ILE A 19 -3.54 1.16 -5.99
CA ILE A 19 -3.34 2.57 -5.75
C ILE A 19 -1.86 2.94 -5.77
N CYS A 20 -1.54 4.09 -6.33
CA CYS A 20 -0.16 4.55 -6.43
C CYS A 20 0.00 5.91 -5.76
N VAL A 21 0.84 5.98 -4.74
CA VAL A 21 1.07 7.24 -4.02
C VAL A 21 2.54 7.38 -3.64
N VAL A 22 3.02 8.62 -3.59
CA VAL A 22 4.40 8.89 -3.24
C VAL A 22 4.69 8.50 -1.79
N MET A 23 5.95 8.21 -1.50
CA MET A 23 6.35 7.82 -0.15
C MET A 23 5.90 8.86 0.88
N ASP A 24 5.96 10.12 0.50
CA ASP A 24 5.54 11.21 1.39
C ASP A 24 4.09 11.02 1.83
N ARG A 25 3.25 10.57 0.91
CA ARG A 25 1.85 10.34 1.20
C ARG A 25 1.55 8.85 1.39
N PHE A 26 2.53 8.02 1.07
CA PHE A 26 2.38 6.58 1.20
C PHE A 26 2.21 6.18 2.67
N LEU A 27 3.04 6.75 3.53
CA LEU A 27 2.98 6.45 4.96
C LEU A 27 1.62 6.81 5.53
N GLU A 28 1.14 8.01 5.22
CA GLU A 28 -0.16 8.47 5.70
C GLU A 28 -1.29 7.69 5.03
N SER A 29 -1.21 7.55 3.72
CA SER A 29 -2.23 6.84 2.96
C SER A 29 -2.43 5.43 3.52
N PHE A 30 -1.34 4.67 3.59
CA PHE A 30 -1.39 3.30 4.10
C PHE A 30 -1.98 3.28 5.52
N SER A 31 -1.50 4.17 6.36
CA SER A 31 -1.97 4.25 7.74
C SER A 31 -3.49 4.40 7.79
N GLU A 32 -4.02 5.28 6.96
CA GLU A 32 -5.45 5.52 6.90
C GLU A 32 -6.18 4.34 6.27
N LEU A 33 -5.58 3.78 5.21
CA LEU A 33 -6.17 2.65 4.51
C LEU A 33 -6.43 1.49 5.47
N TYR A 34 -5.52 1.30 6.41
CA TYR A 34 -5.65 0.24 7.40
C TYR A 34 -6.84 0.48 8.32
N ASP A 35 -7.11 1.75 8.60
CA ASP A 35 -8.22 2.11 9.47
C ASP A 35 -9.56 1.91 8.76
N ILE A 36 -9.56 2.08 7.44
CA ILE A 36 -10.78 1.91 6.65
C ILE A 36 -10.88 0.49 6.11
N ILE A 37 -9.77 -0.23 6.13
CA ILE A 37 -9.74 -1.62 5.65
C ILE A 37 -10.73 -2.48 6.42
N ASP A 38 -11.13 -2.01 7.60
CA ASP A 38 -12.08 -2.74 8.43
C ASP A 38 -13.41 -2.93 7.71
N GLU A 39 -13.76 -1.96 6.86
CA GLU A 39 -15.01 -2.02 6.11
C GLU A 39 -14.90 -3.03 4.97
N ASN A 40 -16.05 -3.35 4.38
CA ASN A 40 -16.09 -4.31 3.28
C ASN A 40 -16.98 -3.80 2.15
N ASP A 41 -17.40 -2.55 2.26
CA ASP A 41 -18.26 -1.93 1.25
C ASP A 41 -17.43 -1.40 0.09
N THR A 42 -17.89 -1.67 -1.13
CA THR A 42 -17.19 -1.22 -2.34
C THR A 42 -17.26 0.29 -2.47
N ASP A 43 -18.35 0.88 -2.01
CA ASP A 43 -18.54 2.33 -2.07
C ASP A 43 -17.53 3.05 -1.18
N VAL A 44 -17.35 2.54 0.03
CA VAL A 44 -16.41 3.13 0.98
C VAL A 44 -14.97 2.96 0.51
N MET A 45 -14.66 1.78 -0.01
CA MET A 45 -13.32 1.48 -0.50
C MET A 45 -13.02 2.27 -1.77
N MET A 46 -13.98 2.29 -2.69
CA MET A 46 -13.81 2.99 -3.95
C MET A 46 -13.76 4.49 -3.73
N ASP A 47 -14.56 4.98 -2.78
CA ASP A 47 -14.60 6.41 -2.46
C ASP A 47 -13.31 6.85 -1.79
N PHE A 48 -12.79 6.02 -0.89
CA PHE A 48 -11.56 6.33 -0.18
C PHE A 48 -10.36 6.21 -1.11
N ILE A 49 -10.31 5.13 -1.88
CA ILE A 49 -9.21 4.90 -2.81
C ILE A 49 -9.14 5.99 -3.86
N SER A 50 -10.29 6.30 -4.46
CA SER A 50 -10.36 7.33 -5.49
C SER A 50 -10.03 8.71 -4.91
N ARG A 51 -10.49 8.95 -3.69
CA ARG A 51 -10.25 10.22 -3.02
C ARG A 51 -8.79 10.34 -2.60
N PHE A 52 -8.16 9.21 -2.31
CA PHE A 52 -6.76 9.19 -1.90
C PHE A 52 -5.84 9.06 -3.11
N ALA A 53 -6.40 8.65 -4.23
CA ALA A 53 -5.63 8.48 -5.46
C ALA A 53 -5.97 9.57 -6.47
N ARG A 54 -5.09 9.77 -7.44
CA ARG A 54 -5.30 10.78 -8.47
C ARG A 54 -4.52 10.44 -9.73
N THR A 55 -4.19 9.15 -9.90
CA THR A 55 -3.45 8.70 -11.06
C THR A 55 -2.24 9.59 -11.33
N ASP A 56 -1.12 9.26 -10.71
CA ASP A 56 0.10 10.04 -10.88
C ASP A 56 1.17 9.22 -11.60
N GLU A 57 2.24 9.88 -12.02
CA GLU A 57 3.33 9.21 -12.73
C GLU A 57 4.67 9.52 -12.07
N ILE A 58 5.72 8.84 -12.53
CA ILE A 58 7.05 9.05 -12.00
C ILE A 58 7.96 9.72 -13.02
N MET A 59 8.66 10.76 -12.58
CA MET A 59 9.57 11.49 -13.46
C MET A 59 10.85 10.70 -13.71
N PRO A 60 11.59 11.07 -14.76
CA PRO A 60 12.84 10.41 -15.12
C PRO A 60 13.96 10.70 -14.11
N GLU A 61 13.78 11.76 -13.33
CA GLU A 61 14.77 12.14 -12.33
C GLU A 61 14.58 11.35 -11.04
N ASP A 62 13.43 10.67 -10.93
CA ASP A 62 13.13 9.88 -9.75
C ASP A 62 12.72 8.45 -10.14
N LYS A 63 12.16 7.71 -9.19
CA LYS A 63 11.73 6.35 -9.44
C LYS A 63 10.67 5.92 -8.43
N THR A 64 10.28 4.65 -8.49
CA THR A 64 9.26 4.11 -7.58
C THR A 64 9.89 3.17 -6.57
N VAL A 65 9.71 3.47 -5.29
CA VAL A 65 10.25 2.64 -4.22
C VAL A 65 9.87 1.18 -4.42
N GLY A 66 8.62 0.94 -4.81
CA GLY A 66 8.16 -0.42 -5.03
C GLY A 66 6.65 -0.54 -4.94
N PHE A 67 6.15 -1.77 -4.95
CA PHE A 67 4.72 -2.02 -4.87
C PHE A 67 4.39 -2.99 -3.75
N VAL A 68 3.25 -2.78 -3.12
CA VAL A 68 2.81 -3.64 -2.01
C VAL A 68 1.52 -4.36 -2.37
N VAL A 69 1.51 -5.68 -2.18
CA VAL A 69 0.32 -6.49 -2.48
C VAL A 69 -0.36 -6.94 -1.19
N VAL A 70 -1.63 -6.58 -1.05
CA VAL A 70 -2.40 -6.96 0.13
C VAL A 70 -3.67 -7.70 -0.25
N ASN A 71 -3.76 -8.97 0.16
CA ASN A 71 -4.92 -9.79 -0.14
C ASN A 71 -5.60 -10.26 1.14
N ALA A 72 -6.78 -9.71 1.42
CA ALA A 72 -7.54 -10.08 2.61
C ALA A 72 -8.08 -11.50 2.49
N ASP A 73 -8.49 -11.87 1.29
CA ASP A 73 -9.04 -13.20 1.05
C ASP A 73 -8.01 -14.28 1.37
N LYS A 74 -6.75 -13.99 1.06
CA LYS A 74 -5.66 -14.93 1.32
C LYS A 74 -5.01 -14.66 2.67
N LYS A 75 -5.32 -13.51 3.26
CA LYS A 75 -4.78 -13.13 4.55
C LYS A 75 -3.26 -13.04 4.49
N LEU A 76 -2.75 -12.49 3.40
CA LEU A 76 -1.32 -12.34 3.21
C LEU A 76 -0.99 -11.00 2.55
N MET A 77 0.20 -10.47 2.85
CA MET A 77 0.63 -9.21 2.28
C MET A 77 2.14 -9.21 2.03
N SER A 78 2.52 -8.88 0.80
CA SER A 78 3.94 -8.85 0.43
C SER A 78 4.33 -7.46 -0.09
N VAL A 79 5.49 -6.99 0.35
CA VAL A 79 5.98 -5.68 -0.08
C VAL A 79 7.31 -5.81 -0.80
N SER A 80 7.34 -5.37 -2.05
CA SER A 80 8.56 -5.43 -2.86
C SER A 80 9.03 -4.04 -3.25
N PHE A 81 10.24 -3.69 -2.83
CA PHE A 81 10.81 -2.39 -3.12
C PHE A 81 12.29 -2.52 -3.51
N SER A 82 12.72 -1.66 -4.43
CA SER A 82 14.11 -1.68 -4.88
C SER A 82 14.81 -0.37 -4.53
N ASP A 83 16.13 -0.43 -4.40
CA ASP A 83 16.93 0.74 -4.07
C ASP A 83 16.12 1.71 -3.22
N ILE A 84 16.12 1.47 -1.91
CA ILE A 84 15.39 2.34 -0.99
C ILE A 84 16.27 2.76 0.19
N ASP A 85 15.66 3.37 1.20
CA ASP A 85 16.38 3.83 2.37
C ASP A 85 15.70 3.37 3.65
N GLU A 86 16.42 3.41 4.76
CA GLU A 86 15.89 2.99 6.05
C GLU A 86 14.78 3.94 6.50
N ASN A 87 14.83 5.18 6.01
CA ASN A 87 13.83 6.17 6.37
C ASN A 87 12.43 5.72 5.97
N MET A 88 12.29 5.30 4.71
CA MET A 88 11.01 4.83 4.21
C MET A 88 10.74 3.39 4.63
N LYS A 89 11.80 2.60 4.69
CA LYS A 89 11.70 1.20 5.09
C LYS A 89 10.97 1.06 6.42
N LYS A 90 11.27 1.98 7.35
CA LYS A 90 10.65 1.95 8.67
C LYS A 90 9.13 2.05 8.55
N VAL A 91 8.66 2.85 7.60
CA VAL A 91 7.23 3.03 7.39
C VAL A 91 6.62 1.79 6.75
N ILE A 92 7.37 1.17 5.85
CA ILE A 92 6.90 -0.04 5.17
C ILE A 92 6.75 -1.20 6.14
N LYS A 93 7.77 -1.40 6.97
CA LYS A 93 7.77 -2.48 7.95
C LYS A 93 6.68 -2.26 9.00
N ALA A 94 6.59 -1.03 9.50
CA ALA A 94 5.59 -0.67 10.50
C ALA A 94 4.17 -0.86 9.96
N THR A 95 3.98 -0.50 8.70
CA THR A 95 2.68 -0.61 8.06
C THR A 95 2.32 -2.07 7.80
N ALA A 96 3.28 -2.84 7.29
CA ALA A 96 3.08 -4.25 7.00
C ALA A 96 2.84 -5.04 8.27
N GLU A 97 3.70 -4.82 9.26
CA GLU A 97 3.59 -5.52 10.54
C GLU A 97 2.30 -5.13 11.26
N LYS A 98 1.89 -3.88 11.10
CA LYS A 98 0.68 -3.38 11.73
C LYS A 98 -0.53 -4.18 11.28
N PHE A 99 -0.56 -4.56 10.01
CA PHE A 99 -1.66 -5.32 9.46
C PHE A 99 -1.77 -6.69 10.14
N LYS A 100 -0.63 -7.23 10.54
CA LYS A 100 -0.59 -8.53 11.20
C LYS A 100 -1.38 -8.50 12.50
N ASN A 101 -1.44 -7.32 13.12
CA ASN A 101 -2.17 -7.16 14.37
C ASN A 101 -3.66 -7.45 14.19
N LYS A 102 -4.10 -7.46 12.93
CA LYS A 102 -5.50 -7.73 12.61
C LYS A 102 -5.68 -9.17 12.18
N GLY A 103 -4.58 -9.91 12.07
CA GLY A 103 -4.65 -11.30 11.67
C GLY A 103 -4.30 -11.50 10.21
N PHE A 104 -3.10 -11.10 9.82
CA PHE A 104 -2.65 -11.24 8.44
C PHE A 104 -1.17 -11.56 8.37
N LYS A 105 -0.74 -12.14 7.26
CA LYS A 105 0.65 -12.51 7.07
C LYS A 105 1.44 -11.37 6.42
N VAL A 106 2.65 -11.14 6.90
CA VAL A 106 3.51 -10.08 6.37
C VAL A 106 4.76 -10.65 5.73
N GLU A 107 5.01 -10.27 4.49
CA GLU A 107 6.19 -10.75 3.77
C GLU A 107 6.96 -9.58 3.14
N THR A 108 8.28 -9.64 3.24
CA THR A 108 9.13 -8.59 2.69
C THR A 108 10.07 -9.14 1.63
N ASP A 109 10.13 -8.45 0.49
CA ASP A 109 10.99 -8.87 -0.61
C ASP A 109 11.86 -7.72 -1.10
N MET A 110 12.90 -8.05 -1.85
CA MET A 110 13.81 -7.03 -2.39
C MET A 110 14.54 -7.54 -3.62
N MET A 1 16.02 12.67 -4.30
CA MET A 1 15.01 12.33 -5.29
C MET A 1 13.70 11.93 -4.61
N THR A 2 12.66 11.75 -5.41
CA THR A 2 11.35 11.37 -4.88
C THR A 2 11.06 9.89 -5.14
N LEU A 3 10.62 9.19 -4.10
CA LEU A 3 10.31 7.77 -4.21
C LEU A 3 8.82 7.52 -3.94
N CYS A 4 8.18 6.77 -4.84
CA CYS A 4 6.77 6.46 -4.69
C CYS A 4 6.55 4.95 -4.64
N ALA A 5 5.42 4.54 -4.08
CA ALA A 5 5.09 3.12 -3.98
C ALA A 5 3.61 2.88 -4.28
N MET A 6 3.33 1.78 -4.97
CA MET A 6 1.95 1.43 -5.31
C MET A 6 1.53 0.13 -4.63
N TYR A 7 0.46 0.19 -3.87
CA TYR A 7 -0.06 -0.99 -3.17
C TYR A 7 -1.49 -1.29 -3.57
N ASN A 8 -1.84 -2.57 -3.62
CA ASN A 8 -3.18 -2.99 -3.99
C ASN A 8 -3.86 -3.74 -2.84
N ILE A 9 -5.12 -3.41 -2.59
CA ILE A 9 -5.87 -4.05 -1.52
C ILE A 9 -7.03 -4.87 -2.08
N SER A 10 -7.14 -6.11 -1.64
CA SER A 10 -8.20 -7.00 -2.09
C SER A 10 -9.16 -7.33 -0.95
N MET A 11 -10.44 -7.04 -1.16
CA MET A 11 -11.46 -7.32 -0.15
C MET A 11 -11.99 -8.74 -0.28
N ALA A 12 -11.52 -9.46 -1.30
CA ALA A 12 -11.94 -10.83 -1.54
C ALA A 12 -11.27 -11.41 -2.77
N GLY A 13 -11.80 -12.52 -3.26
CA GLY A 13 -11.23 -13.16 -4.44
C GLY A 13 -11.74 -12.55 -5.72
N SER A 14 -11.80 -11.23 -5.78
CA SER A 14 -12.28 -10.53 -6.96
C SER A 14 -11.35 -9.37 -7.31
N HIS A 15 -11.43 -8.92 -8.56
CA HIS A 15 -10.58 -7.82 -9.03
C HIS A 15 -10.31 -6.83 -7.90
N PRO A 16 -9.09 -6.88 -7.35
CA PRO A 16 -8.67 -5.99 -6.27
C PRO A 16 -8.51 -4.55 -6.73
N THR A 17 -8.14 -3.67 -5.80
CA THR A 17 -7.95 -2.26 -6.10
C THR A 17 -6.49 -1.85 -5.94
N THR A 18 -5.96 -1.19 -6.96
CA THR A 18 -4.57 -0.74 -6.93
C THR A 18 -4.48 0.75 -6.70
N ILE A 19 -3.47 1.18 -5.93
CA ILE A 19 -3.28 2.59 -5.62
C ILE A 19 -1.80 2.95 -5.60
N CYS A 20 -1.47 4.10 -6.18
CA CYS A 20 -0.08 4.55 -6.23
C CYS A 20 0.07 5.90 -5.53
N VAL A 21 0.87 5.93 -4.46
CA VAL A 21 1.09 7.16 -3.71
C VAL A 21 2.55 7.27 -3.27
N VAL A 22 3.04 8.50 -3.19
CA VAL A 22 4.41 8.74 -2.77
C VAL A 22 4.63 8.33 -1.32
N MET A 23 5.87 8.01 -0.98
CA MET A 23 6.22 7.60 0.38
C MET A 23 5.76 8.63 1.39
N ASP A 24 5.89 9.91 1.02
CA ASP A 24 5.48 11.01 1.91
C ASP A 24 4.00 10.88 2.26
N ARG A 25 3.19 10.46 1.30
CA ARG A 25 1.75 10.30 1.52
C ARG A 25 1.40 8.85 1.80
N PHE A 26 2.34 7.95 1.54
CA PHE A 26 2.13 6.53 1.76
C PHE A 26 1.91 6.24 3.23
N LEU A 27 2.74 6.85 4.08
CA LEU A 27 2.63 6.66 5.52
C LEU A 27 1.24 7.04 6.03
N GLU A 28 0.78 8.22 5.62
CA GLU A 28 -0.53 8.70 6.02
C GLU A 28 -1.64 7.88 5.38
N SER A 29 -1.50 7.62 4.09
CA SER A 29 -2.49 6.84 3.34
C SER A 29 -2.69 5.46 3.98
N PHE A 30 -1.59 4.86 4.42
CA PHE A 30 -1.63 3.54 5.04
C PHE A 30 -2.34 3.60 6.39
N SER A 31 -1.99 4.60 7.19
CA SER A 31 -2.59 4.77 8.51
C SER A 31 -4.11 4.86 8.41
N GLU A 32 -4.58 5.69 7.47
CA GLU A 32 -6.02 5.87 7.27
C GLU A 32 -6.63 4.65 6.58
N LEU A 33 -5.93 4.12 5.58
CA LEU A 33 -6.40 2.96 4.84
C LEU A 33 -6.67 1.79 5.79
N TYR A 34 -5.82 1.65 6.80
CA TYR A 34 -5.98 0.57 7.77
C TYR A 34 -7.23 0.76 8.61
N ASP A 35 -7.58 2.02 8.85
CA ASP A 35 -8.77 2.34 9.64
C ASP A 35 -10.04 2.07 8.84
N ILE A 36 -9.94 2.20 7.52
CA ILE A 36 -11.09 1.98 6.65
C ILE A 36 -11.10 0.54 6.11
N ILE A 37 -9.94 -0.11 6.16
CA ILE A 37 -9.82 -1.48 5.69
C ILE A 37 -10.77 -2.41 6.43
N ASP A 38 -11.24 -1.96 7.59
CA ASP A 38 -12.15 -2.75 8.40
C ASP A 38 -13.51 -2.88 7.71
N GLU A 39 -13.79 -1.97 6.78
CA GLU A 39 -15.05 -1.97 6.05
C GLU A 39 -15.07 -3.08 5.00
N ASN A 40 -16.17 -3.19 4.26
CA ASN A 40 -16.31 -4.20 3.23
C ASN A 40 -17.23 -3.72 2.12
N ASP A 41 -17.42 -2.41 2.03
CA ASP A 41 -18.28 -1.83 1.01
C ASP A 41 -17.47 -1.26 -0.14
N THR A 42 -17.94 -1.48 -1.36
CA THR A 42 -17.25 -1.00 -2.55
C THR A 42 -17.36 0.51 -2.68
N ASP A 43 -18.46 1.07 -2.17
CA ASP A 43 -18.68 2.51 -2.23
C ASP A 43 -17.67 3.24 -1.34
N VAL A 44 -17.50 2.76 -0.12
CA VAL A 44 -16.56 3.37 0.82
C VAL A 44 -15.11 3.15 0.38
N MET A 45 -14.84 1.96 -0.15
CA MET A 45 -13.49 1.62 -0.61
C MET A 45 -13.14 2.41 -1.87
N MET A 46 -14.08 2.46 -2.81
CA MET A 46 -13.87 3.18 -4.06
C MET A 46 -13.77 4.68 -3.81
N ASP A 47 -14.56 5.18 -2.87
CA ASP A 47 -14.57 6.60 -2.54
C ASP A 47 -13.26 7.00 -1.85
N PHE A 48 -12.79 6.15 -0.94
CA PHE A 48 -11.56 6.41 -0.20
C PHE A 48 -10.35 6.25 -1.11
N ILE A 49 -10.34 5.17 -1.88
CA ILE A 49 -9.24 4.89 -2.79
C ILE A 49 -9.09 6.00 -3.83
N SER A 50 -10.21 6.35 -4.47
CA SER A 50 -10.21 7.39 -5.49
C SER A 50 -9.83 8.74 -4.89
N ARG A 51 -10.31 9.00 -3.68
CA ARG A 51 -10.04 10.26 -2.99
C ARG A 51 -8.58 10.31 -2.54
N PHE A 52 -8.01 9.15 -2.24
CA PHE A 52 -6.63 9.07 -1.80
C PHE A 52 -5.68 8.83 -2.98
N ALA A 53 -6.26 8.50 -4.13
CA ALA A 53 -5.48 8.25 -5.33
C ALA A 53 -5.82 9.26 -6.42
N ARG A 54 -5.49 8.92 -7.67
CA ARG A 54 -5.74 9.81 -8.79
C ARG A 54 -4.76 10.97 -8.81
N THR A 55 -3.47 10.65 -8.84
CA THR A 55 -2.43 11.67 -8.86
C THR A 55 -1.73 11.73 -10.22
N ASP A 56 -0.84 10.77 -10.45
CA ASP A 56 -0.10 10.71 -11.71
C ASP A 56 0.97 9.62 -11.66
N GLU A 57 1.80 9.57 -12.69
CA GLU A 57 2.87 8.58 -12.76
C GLU A 57 4.14 9.10 -12.10
N ILE A 58 5.27 8.47 -12.43
CA ILE A 58 6.55 8.86 -11.86
C ILE A 58 7.39 9.63 -12.89
N MET A 59 7.91 10.77 -12.47
CA MET A 59 8.73 11.60 -13.35
C MET A 59 10.13 11.00 -13.51
N PRO A 60 10.85 11.44 -14.55
CA PRO A 60 12.20 10.96 -14.83
C PRO A 60 13.22 11.44 -13.80
N GLU A 61 12.82 12.41 -12.98
CA GLU A 61 13.70 12.95 -11.96
C GLU A 61 13.60 12.13 -10.67
N ASP A 62 12.52 11.38 -10.54
CA ASP A 62 12.31 10.54 -9.37
C ASP A 62 12.14 9.08 -9.76
N LYS A 63 11.75 8.25 -8.79
CA LYS A 63 11.56 6.83 -9.04
C LYS A 63 10.48 6.26 -8.12
N THR A 64 10.26 4.96 -8.21
CA THR A 64 9.26 4.29 -7.39
C THR A 64 9.90 3.28 -6.44
N VAL A 65 9.79 3.53 -5.15
CA VAL A 65 10.37 2.64 -4.14
C VAL A 65 9.96 1.19 -4.40
N GLY A 66 8.72 1.00 -4.82
CA GLY A 66 8.23 -0.34 -5.09
C GLY A 66 6.72 -0.44 -4.97
N PHE A 67 6.22 -1.67 -4.99
CA PHE A 67 4.78 -1.91 -4.87
C PHE A 67 4.47 -2.94 -3.79
N VAL A 68 3.34 -2.77 -3.12
CA VAL A 68 2.94 -3.69 -2.06
C VAL A 68 1.62 -4.37 -2.40
N VAL A 69 1.61 -5.70 -2.29
CA VAL A 69 0.41 -6.48 -2.59
C VAL A 69 -0.28 -6.95 -1.32
N VAL A 70 -1.54 -6.55 -1.15
CA VAL A 70 -2.31 -6.93 0.03
C VAL A 70 -3.61 -7.62 -0.36
N ASN A 71 -3.74 -8.89 0.02
CA ASN A 71 -4.93 -9.66 -0.29
C ASN A 71 -5.62 -10.14 0.99
N ALA A 72 -6.78 -9.56 1.27
CA ALA A 72 -7.55 -9.93 2.46
C ALA A 72 -8.12 -11.33 2.34
N ASP A 73 -8.53 -11.69 1.13
CA ASP A 73 -9.10 -13.01 0.87
C ASP A 73 -8.08 -14.11 1.15
N LYS A 74 -6.82 -13.83 0.84
CA LYS A 74 -5.76 -14.79 1.06
C LYS A 74 -5.08 -14.57 2.41
N LYS A 75 -5.37 -13.42 3.03
CA LYS A 75 -4.81 -13.08 4.33
C LYS A 75 -3.28 -13.03 4.26
N LEU A 76 -2.77 -12.47 3.17
CA LEU A 76 -1.33 -12.34 2.98
C LEU A 76 -0.96 -11.00 2.36
N MET A 77 0.23 -10.50 2.68
CA MET A 77 0.69 -9.23 2.14
C MET A 77 2.19 -9.27 1.86
N SER A 78 2.57 -8.88 0.65
CA SER A 78 3.98 -8.87 0.25
C SER A 78 4.41 -7.47 -0.20
N VAL A 79 5.60 -7.06 0.24
CA VAL A 79 6.12 -5.76 -0.12
C VAL A 79 7.42 -5.89 -0.92
N SER A 80 7.39 -5.37 -2.15
CA SER A 80 8.55 -5.43 -3.02
C SER A 80 9.07 -4.03 -3.35
N PHE A 81 10.30 -3.75 -2.95
CA PHE A 81 10.91 -2.44 -3.20
C PHE A 81 12.36 -2.59 -3.63
N SER A 82 12.81 -1.70 -4.50
CA SER A 82 14.18 -1.73 -5.00
C SER A 82 14.94 -0.48 -4.57
N ASP A 83 16.27 -0.62 -4.47
CA ASP A 83 17.12 0.49 -4.05
C ASP A 83 16.36 1.44 -3.13
N ILE A 84 16.35 1.13 -1.85
CA ILE A 84 15.65 1.95 -0.87
C ILE A 84 16.55 2.23 0.34
N ASP A 85 16.25 3.32 1.05
CA ASP A 85 17.03 3.69 2.23
C ASP A 85 16.36 3.16 3.49
N GLU A 86 17.13 3.11 4.58
CA GLU A 86 16.61 2.64 5.86
C GLU A 86 15.54 3.58 6.41
N ASN A 87 15.63 4.84 6.01
CA ASN A 87 14.66 5.85 6.46
C ASN A 87 13.25 5.47 6.03
N MET A 88 13.09 5.18 4.74
CA MET A 88 11.79 4.81 4.20
C MET A 88 11.44 3.37 4.57
N LYS A 89 12.44 2.49 4.52
CA LYS A 89 12.23 1.08 4.86
C LYS A 89 11.52 0.94 6.19
N LYS A 90 11.85 1.81 7.14
CA LYS A 90 11.24 1.78 8.46
C LYS A 90 9.72 1.91 8.36
N VAL A 91 9.26 2.82 7.51
CA VAL A 91 7.83 3.04 7.31
C VAL A 91 7.18 1.85 6.63
N ILE A 92 7.91 1.24 5.69
CA ILE A 92 7.40 0.09 4.96
C ILE A 92 7.19 -1.10 5.89
N LYS A 93 8.18 -1.37 6.73
CA LYS A 93 8.11 -2.48 7.67
C LYS A 93 7.00 -2.25 8.70
N ALA A 94 6.92 -1.03 9.22
CA ALA A 94 5.91 -0.69 10.21
C ALA A 94 4.51 -0.80 9.61
N THR A 95 4.37 -0.41 8.35
CA THR A 95 3.08 -0.47 7.67
C THR A 95 2.64 -1.91 7.45
N ALA A 96 3.58 -2.75 6.99
CA ALA A 96 3.28 -4.16 6.74
C ALA A 96 3.00 -4.89 8.05
N GLU A 97 3.87 -4.71 9.03
CA GLU A 97 3.71 -5.36 10.32
C GLU A 97 2.43 -4.90 11.01
N LYS A 98 2.06 -3.64 10.77
CA LYS A 98 0.86 -3.07 11.38
C LYS A 98 -0.37 -3.90 11.02
N PHE A 99 -0.42 -4.38 9.78
CA PHE A 99 -1.55 -5.19 9.32
C PHE A 99 -1.62 -6.51 10.08
N LYS A 100 -0.46 -7.02 10.47
CA LYS A 100 -0.38 -8.27 11.21
C LYS A 100 -1.13 -8.18 12.53
N ASN A 101 -1.19 -6.96 13.07
CA ASN A 101 -1.88 -6.72 14.34
C ASN A 101 -3.36 -7.07 14.23
N LYS A 102 -3.84 -7.18 12.99
CA LYS A 102 -5.24 -7.50 12.75
C LYS A 102 -5.40 -8.94 12.25
N GLY A 103 -4.30 -9.69 12.29
CA GLY A 103 -4.32 -11.07 11.84
C GLY A 103 -4.03 -11.20 10.36
N PHE A 104 -2.84 -10.78 9.96
CA PHE A 104 -2.43 -10.85 8.55
C PHE A 104 -0.98 -11.28 8.43
N LYS A 105 -0.63 -11.84 7.27
CA LYS A 105 0.72 -12.30 7.02
C LYS A 105 1.54 -11.22 6.30
N VAL A 106 2.76 -11.01 6.76
CA VAL A 106 3.65 -10.01 6.16
C VAL A 106 4.86 -10.67 5.53
N GLU A 107 5.11 -10.37 4.26
CA GLU A 107 6.25 -10.93 3.54
C GLU A 107 7.04 -9.84 2.84
N THR A 108 8.36 -10.04 2.77
CA THR A 108 9.24 -9.06 2.12
C THR A 108 9.97 -9.69 0.94
N ASP A 109 9.97 -8.97 -0.18
CA ASP A 109 10.64 -9.45 -1.39
C ASP A 109 11.71 -8.47 -1.84
N MET A 110 12.95 -8.97 -1.95
CA MET A 110 14.06 -8.13 -2.39
C MET A 110 15.07 -8.95 -3.18
N MET A 1 16.05 12.53 -4.57
CA MET A 1 15.03 12.15 -5.55
C MET A 1 13.73 11.76 -4.86
N THR A 2 12.67 11.58 -5.65
CA THR A 2 11.37 11.20 -5.11
C THR A 2 11.08 9.72 -5.36
N LEU A 3 10.65 9.02 -4.31
CA LEU A 3 10.34 7.60 -4.42
C LEU A 3 8.86 7.35 -4.16
N CYS A 4 8.22 6.61 -5.06
CA CYS A 4 6.80 6.30 -4.93
C CYS A 4 6.59 4.79 -4.88
N ALA A 5 5.45 4.37 -4.33
CA ALA A 5 5.12 2.96 -4.21
C ALA A 5 3.65 2.72 -4.53
N MET A 6 3.37 1.60 -5.22
CA MET A 6 2.01 1.26 -5.58
C MET A 6 1.57 -0.03 -4.88
N TYR A 7 0.48 0.06 -4.11
CA TYR A 7 -0.04 -1.09 -3.38
C TYR A 7 -1.48 -1.39 -3.79
N ASN A 8 -1.85 -2.66 -3.75
CA ASN A 8 -3.19 -3.08 -4.11
C ASN A 8 -3.87 -3.83 -2.97
N ILE A 9 -5.11 -3.49 -2.70
CA ILE A 9 -5.87 -4.15 -1.63
C ILE A 9 -7.03 -4.94 -2.18
N SER A 10 -7.14 -6.19 -1.75
CA SER A 10 -8.23 -7.07 -2.20
C SER A 10 -9.19 -7.37 -1.06
N MET A 11 -10.47 -7.07 -1.29
CA MET A 11 -11.50 -7.32 -0.28
C MET A 11 -12.03 -8.74 -0.39
N ALA A 12 -11.54 -9.49 -1.38
CA ALA A 12 -11.97 -10.86 -1.58
C ALA A 12 -11.27 -11.48 -2.79
N GLY A 13 -11.80 -12.60 -3.26
CA GLY A 13 -11.22 -13.27 -4.41
C GLY A 13 -11.72 -12.72 -5.73
N SER A 14 -11.84 -11.40 -5.80
CA SER A 14 -12.32 -10.74 -7.02
C SER A 14 -11.44 -9.55 -7.37
N HIS A 15 -11.50 -9.13 -8.63
CA HIS A 15 -10.71 -8.00 -9.11
C HIS A 15 -10.42 -7.03 -7.97
N PRO A 16 -9.18 -7.07 -7.46
CA PRO A 16 -8.75 -6.19 -6.36
C PRO A 16 -8.62 -4.74 -6.80
N THR A 17 -8.18 -3.89 -5.88
CA THR A 17 -8.01 -2.47 -6.17
C THR A 17 -6.54 -2.06 -6.11
N THR A 18 -6.10 -1.31 -7.11
CA THR A 18 -4.72 -0.85 -7.18
C THR A 18 -4.61 0.64 -6.83
N ILE A 19 -3.55 1.00 -6.13
CA ILE A 19 -3.33 2.39 -5.74
C ILE A 19 -1.85 2.74 -5.77
N CYS A 20 -1.54 3.92 -6.30
CA CYS A 20 -0.17 4.38 -6.40
C CYS A 20 0.01 5.73 -5.70
N VAL A 21 0.83 5.75 -4.66
CA VAL A 21 1.08 6.98 -3.90
C VAL A 21 2.55 7.06 -3.48
N VAL A 22 3.05 8.29 -3.39
CA VAL A 22 4.44 8.52 -2.99
C VAL A 22 4.67 8.10 -1.53
N MET A 23 5.92 7.76 -1.22
CA MET A 23 6.26 7.34 0.13
C MET A 23 5.82 8.39 1.16
N ASP A 24 5.96 9.65 0.80
CA ASP A 24 5.57 10.75 1.68
C ASP A 24 4.10 10.65 2.06
N ARG A 25 3.28 10.24 1.09
CA ARG A 25 1.84 10.10 1.32
C ARG A 25 1.47 8.65 1.62
N PHE A 26 2.40 7.74 1.34
CA PHE A 26 2.17 6.33 1.59
C PHE A 26 1.96 6.05 3.07
N LEU A 27 2.79 6.68 3.90
CA LEU A 27 2.70 6.50 5.35
C LEU A 27 1.31 6.90 5.86
N GLU A 28 0.86 8.08 5.45
CA GLU A 28 -0.44 8.58 5.87
C GLU A 28 -1.57 7.75 5.23
N SER A 29 -1.44 7.49 3.94
CA SER A 29 -2.44 6.71 3.21
C SER A 29 -2.65 5.35 3.86
N PHE A 30 -1.55 4.73 4.29
CA PHE A 30 -1.61 3.42 4.93
C PHE A 30 -2.31 3.51 6.29
N SER A 31 -1.95 4.51 7.08
CA SER A 31 -2.53 4.70 8.40
C SER A 31 -4.06 4.79 8.30
N GLU A 32 -4.53 5.60 7.36
CA GLU A 32 -5.97 5.79 7.16
C GLU A 32 -6.59 4.57 6.48
N LEU A 33 -5.88 4.04 5.50
CA LEU A 33 -6.36 2.87 4.76
C LEU A 33 -6.64 1.71 5.69
N TYR A 34 -5.78 1.54 6.70
CA TYR A 34 -5.94 0.47 7.67
C TYR A 34 -7.20 0.68 8.51
N ASP A 35 -7.54 1.94 8.76
CA ASP A 35 -8.71 2.28 9.54
C ASP A 35 -9.99 2.01 8.76
N ILE A 36 -9.90 2.16 7.43
CA ILE A 36 -11.06 1.94 6.57
C ILE A 36 -11.10 0.50 6.06
N ILE A 37 -9.94 -0.16 6.10
CA ILE A 37 -9.83 -1.54 5.63
C ILE A 37 -10.77 -2.46 6.43
N ASP A 38 -11.19 -1.98 7.60
CA ASP A 38 -12.08 -2.75 8.46
C ASP A 38 -13.44 -2.95 7.79
N GLU A 39 -13.76 -2.07 6.85
CA GLU A 39 -15.03 -2.15 6.14
C GLU A 39 -14.94 -3.12 4.96
N ASN A 40 -16.06 -3.31 4.26
CA ASN A 40 -16.11 -4.21 3.11
C ASN A 40 -17.03 -3.65 2.03
N ASP A 41 -17.38 -2.38 2.16
CA ASP A 41 -18.26 -1.73 1.19
C ASP A 41 -17.48 -1.25 -0.03
N THR A 42 -18.00 -1.52 -1.22
CA THR A 42 -17.35 -1.11 -2.45
C THR A 42 -17.40 0.39 -2.63
N ASP A 43 -18.50 1.00 -2.22
CA ASP A 43 -18.68 2.44 -2.33
C ASP A 43 -17.69 3.18 -1.44
N VAL A 44 -17.55 2.71 -0.20
CA VAL A 44 -16.64 3.31 0.76
C VAL A 44 -15.19 3.10 0.36
N MET A 45 -14.89 1.90 -0.13
CA MET A 45 -13.54 1.56 -0.56
C MET A 45 -13.17 2.30 -1.83
N MET A 46 -14.09 2.32 -2.80
CA MET A 46 -13.86 3.00 -4.07
C MET A 46 -13.75 4.51 -3.86
N ASP A 47 -14.55 5.04 -2.95
CA ASP A 47 -14.54 6.46 -2.65
C ASP A 47 -13.25 6.87 -1.96
N PHE A 48 -12.81 6.04 -1.00
CA PHE A 48 -11.60 6.32 -0.25
C PHE A 48 -10.36 6.10 -1.12
N ILE A 49 -10.35 4.98 -1.85
CA ILE A 49 -9.23 4.65 -2.74
C ILE A 49 -9.04 5.71 -3.80
N SER A 50 -10.13 6.08 -4.47
CA SER A 50 -10.09 7.09 -5.53
C SER A 50 -9.68 8.44 -4.96
N ARG A 51 -10.17 8.75 -3.77
CA ARG A 51 -9.86 10.02 -3.11
C ARG A 51 -8.42 10.04 -2.61
N PHE A 52 -7.91 8.87 -2.27
CA PHE A 52 -6.54 8.74 -1.78
C PHE A 52 -5.58 8.42 -2.91
N ALA A 53 -6.12 8.12 -4.09
CA ALA A 53 -5.31 7.80 -5.25
C ALA A 53 -5.14 9.02 -6.15
N ARG A 54 -4.07 9.01 -6.94
CA ARG A 54 -3.79 10.12 -7.84
C ARG A 54 -3.47 9.60 -9.25
N THR A 55 -4.18 10.13 -10.24
CA THR A 55 -3.97 9.72 -11.62
C THR A 55 -2.71 10.35 -12.19
N ASP A 56 -1.56 9.98 -11.63
CA ASP A 56 -0.27 10.50 -12.08
C ASP A 56 0.72 9.37 -12.30
N GLU A 57 1.94 9.74 -12.69
CA GLU A 57 2.98 8.75 -12.93
C GLU A 57 4.30 9.19 -12.29
N ILE A 58 5.39 8.51 -12.66
CA ILE A 58 6.70 8.83 -12.12
C ILE A 58 7.57 9.54 -13.16
N MET A 59 8.12 10.68 -12.78
CA MET A 59 8.97 11.45 -13.67
C MET A 59 10.36 10.83 -13.78
N PRO A 60 11.12 11.24 -14.80
CA PRO A 60 12.48 10.73 -15.03
C PRO A 60 13.46 11.22 -13.97
N GLU A 61 13.05 12.21 -13.19
CA GLU A 61 13.89 12.76 -12.14
C GLU A 61 13.77 11.95 -10.85
N ASP A 62 12.67 11.19 -10.74
CA ASP A 62 12.44 10.37 -9.56
C ASP A 62 12.30 8.90 -9.95
N LYS A 63 11.80 8.10 -9.02
CA LYS A 63 11.63 6.67 -9.26
C LYS A 63 10.56 6.09 -8.33
N THR A 64 10.32 4.79 -8.46
CA THR A 64 9.32 4.11 -7.64
C THR A 64 9.97 3.11 -6.69
N VAL A 65 9.83 3.35 -5.39
CA VAL A 65 10.41 2.47 -4.39
C VAL A 65 10.00 1.02 -4.62
N GLY A 66 8.75 0.82 -5.05
CA GLY A 66 8.26 -0.52 -5.30
C GLY A 66 6.75 -0.61 -5.19
N PHE A 67 6.24 -1.84 -5.18
CA PHE A 67 4.80 -2.06 -5.08
C PHE A 67 4.49 -3.07 -3.97
N VAL A 68 3.35 -2.89 -3.32
CA VAL A 68 2.93 -3.78 -2.24
C VAL A 68 1.61 -4.47 -2.59
N VAL A 69 1.59 -5.79 -2.47
CA VAL A 69 0.39 -6.57 -2.76
C VAL A 69 -0.27 -7.06 -1.47
N VAL A 70 -1.52 -6.63 -1.27
CA VAL A 70 -2.26 -7.03 -0.08
C VAL A 70 -3.59 -7.67 -0.46
N ASN A 71 -3.76 -8.94 -0.08
CA ASN A 71 -4.98 -9.67 -0.39
C ASN A 71 -5.67 -10.14 0.90
N ALA A 72 -6.82 -9.55 1.20
CA ALA A 72 -7.58 -9.91 2.39
C ALA A 72 -8.12 -11.33 2.29
N ASP A 73 -8.49 -11.73 1.08
CA ASP A 73 -9.03 -13.06 0.85
C ASP A 73 -8.04 -14.13 1.28
N LYS A 74 -6.76 -13.91 0.98
CA LYS A 74 -5.71 -14.85 1.34
C LYS A 74 -5.02 -14.43 2.64
N LYS A 75 -5.51 -13.36 3.24
CA LYS A 75 -4.94 -12.86 4.48
C LYS A 75 -3.42 -12.81 4.41
N LEU A 76 -2.90 -12.28 3.31
CA LEU A 76 -1.45 -12.18 3.11
C LEU A 76 -1.10 -10.87 2.41
N MET A 77 0.11 -10.38 2.68
CA MET A 77 0.58 -9.15 2.07
C MET A 77 2.08 -9.20 1.81
N SER A 78 2.48 -8.86 0.59
CA SER A 78 3.90 -8.87 0.22
C SER A 78 4.34 -7.50 -0.27
N VAL A 79 5.53 -7.08 0.17
CA VAL A 79 6.08 -5.78 -0.20
C VAL A 79 7.37 -5.94 -0.99
N SER A 80 7.37 -5.46 -2.22
CA SER A 80 8.55 -5.55 -3.08
C SER A 80 9.06 -4.17 -3.44
N PHE A 81 10.29 -3.88 -3.04
CA PHE A 81 10.91 -2.58 -3.31
C PHE A 81 12.36 -2.75 -3.73
N SER A 82 12.82 -1.89 -4.64
CA SER A 82 14.19 -1.95 -5.13
C SER A 82 14.94 -0.67 -4.80
N ASP A 83 16.26 -0.77 -4.70
CA ASP A 83 17.10 0.38 -4.38
C ASP A 83 16.33 1.40 -3.55
N ILE A 84 16.31 1.20 -2.24
CA ILE A 84 15.61 2.11 -1.34
C ILE A 84 16.53 2.60 -0.22
N ASP A 85 15.93 3.24 0.78
CA ASP A 85 16.70 3.76 1.91
C ASP A 85 16.10 3.27 3.23
N GLU A 86 16.90 3.32 4.30
CA GLU A 86 16.46 2.88 5.62
C GLU A 86 15.37 3.81 6.16
N ASN A 87 15.40 5.07 5.71
CA ASN A 87 14.42 6.05 6.15
C ASN A 87 13.00 5.61 5.81
N MET A 88 12.79 5.24 4.56
CA MET A 88 11.48 4.79 4.11
C MET A 88 11.22 3.34 4.53
N LYS A 89 12.28 2.55 4.59
CA LYS A 89 12.17 1.15 4.99
C LYS A 89 11.40 1.02 6.29
N LYS A 90 11.64 1.94 7.22
CA LYS A 90 10.96 1.93 8.51
C LYS A 90 9.45 2.01 8.34
N VAL A 91 9.02 2.81 7.37
CA VAL A 91 7.60 2.98 7.10
C VAL A 91 7.01 1.73 6.45
N ILE A 92 7.80 1.09 5.59
CA ILE A 92 7.36 -0.11 4.90
C ILE A 92 7.18 -1.27 5.88
N LYS A 93 8.16 -1.47 6.74
CA LYS A 93 8.11 -2.53 7.73
C LYS A 93 6.99 -2.29 8.74
N ALA A 94 6.87 -1.05 9.20
CA ALA A 94 5.84 -0.69 10.16
C ALA A 94 4.45 -0.83 9.56
N THR A 95 4.33 -0.51 8.27
CA THR A 95 3.06 -0.60 7.58
C THR A 95 2.63 -2.05 7.40
N ALA A 96 3.58 -2.89 6.96
CA ALA A 96 3.31 -4.30 6.74
C ALA A 96 3.04 -5.01 8.06
N GLU A 97 3.88 -4.77 9.05
CA GLU A 97 3.73 -5.39 10.36
C GLU A 97 2.44 -4.91 11.04
N LYS A 98 2.07 -3.66 10.79
CA LYS A 98 0.86 -3.09 11.37
C LYS A 98 -0.37 -3.92 11.00
N PHE A 99 -0.40 -4.39 9.75
CA PHE A 99 -1.52 -5.19 9.28
C PHE A 99 -1.62 -6.50 10.05
N LYS A 100 -0.47 -7.02 10.47
CA LYS A 100 -0.43 -8.26 11.22
C LYS A 100 -1.22 -8.15 12.52
N ASN A 101 -1.28 -6.94 13.06
CA ASN A 101 -2.00 -6.69 14.30
C ASN A 101 -3.48 -7.01 14.15
N LYS A 102 -3.93 -7.10 12.90
CA LYS A 102 -5.33 -7.40 12.62
C LYS A 102 -5.49 -8.84 12.15
N GLY A 103 -4.37 -9.54 11.97
CA GLY A 103 -4.41 -10.91 11.53
C GLY A 103 -4.20 -11.05 10.04
N PHE A 104 -2.99 -10.75 9.58
CA PHE A 104 -2.66 -10.84 8.16
C PHE A 104 -1.18 -11.16 7.97
N LYS A 105 -0.91 -12.19 7.17
CA LYS A 105 0.47 -12.61 6.90
C LYS A 105 1.24 -11.48 6.23
N VAL A 106 2.47 -11.27 6.69
CA VAL A 106 3.33 -10.23 6.13
C VAL A 106 4.59 -10.82 5.52
N GLU A 107 4.87 -10.45 4.29
CA GLU A 107 6.06 -10.94 3.58
C GLU A 107 6.86 -9.79 2.98
N THR A 108 8.18 -9.87 3.10
CA THR A 108 9.05 -8.84 2.55
C THR A 108 10.00 -9.41 1.51
N ASP A 109 10.11 -8.71 0.38
CA ASP A 109 10.99 -9.15 -0.71
C ASP A 109 11.93 -8.03 -1.13
N MET A 110 13.22 -8.22 -0.88
CA MET A 110 14.22 -7.23 -1.23
C MET A 110 15.36 -7.87 -2.02
N MET A 1 16.01 12.57 -4.52
CA MET A 1 15.07 12.13 -5.54
C MET A 1 13.72 11.80 -4.93
N THR A 2 12.72 11.56 -5.79
CA THR A 2 11.38 11.22 -5.34
C THR A 2 11.09 9.74 -5.53
N LEU A 3 10.68 9.09 -4.45
CA LEU A 3 10.36 7.66 -4.50
C LEU A 3 8.89 7.42 -4.17
N CYS A 4 8.18 6.76 -5.06
CA CYS A 4 6.76 6.46 -4.86
C CYS A 4 6.52 4.96 -4.91
N ALA A 5 5.46 4.51 -4.23
CA ALA A 5 5.11 3.09 -4.20
C ALA A 5 3.63 2.89 -4.41
N MET A 6 3.27 1.83 -5.12
CA MET A 6 1.87 1.52 -5.40
C MET A 6 1.45 0.22 -4.71
N TYR A 7 0.38 0.29 -3.94
CA TYR A 7 -0.13 -0.88 -3.23
C TYR A 7 -1.56 -1.19 -3.63
N ASN A 8 -1.89 -2.47 -3.71
CA ASN A 8 -3.23 -2.90 -4.08
C ASN A 8 -3.88 -3.71 -2.96
N ILE A 9 -5.14 -3.41 -2.67
CA ILE A 9 -5.86 -4.10 -1.61
C ILE A 9 -7.04 -4.89 -2.19
N SER A 10 -7.14 -6.15 -1.78
CA SER A 10 -8.21 -7.02 -2.26
C SER A 10 -9.19 -7.35 -1.13
N MET A 11 -10.46 -7.03 -1.33
CA MET A 11 -11.49 -7.30 -0.34
C MET A 11 -12.03 -8.71 -0.48
N ALA A 12 -11.53 -9.44 -1.48
CA ALA A 12 -11.96 -10.81 -1.72
C ALA A 12 -11.26 -11.40 -2.94
N GLY A 13 -11.79 -12.51 -3.44
CA GLY A 13 -11.21 -13.15 -4.60
C GLY A 13 -11.70 -12.56 -5.90
N SER A 14 -11.78 -11.23 -5.95
CA SER A 14 -12.25 -10.54 -7.15
C SER A 14 -11.33 -9.37 -7.49
N HIS A 15 -11.39 -8.93 -8.74
CA HIS A 15 -10.56 -7.82 -9.20
C HIS A 15 -10.29 -6.84 -8.06
N PRO A 16 -9.06 -6.90 -7.52
CA PRO A 16 -8.63 -6.03 -6.41
C PRO A 16 -8.48 -4.57 -6.85
N THR A 17 -8.12 -3.71 -5.90
CA THR A 17 -7.94 -2.30 -6.19
C THR A 17 -6.48 -1.89 -6.02
N THR A 18 -5.92 -1.27 -7.05
CA THR A 18 -4.53 -0.82 -7.02
C THR A 18 -4.45 0.68 -6.84
N ILE A 19 -3.46 1.14 -6.08
CA ILE A 19 -3.26 2.56 -5.83
C ILE A 19 -1.78 2.92 -5.84
N CYS A 20 -1.47 4.10 -6.38
CA CYS A 20 -0.08 4.56 -6.45
C CYS A 20 0.08 5.90 -5.73
N VAL A 21 0.90 5.90 -4.69
CA VAL A 21 1.14 7.11 -3.90
C VAL A 21 2.60 7.20 -3.48
N VAL A 22 3.10 8.43 -3.38
CA VAL A 22 4.48 8.67 -2.99
C VAL A 22 4.72 8.26 -1.54
N MET A 23 5.96 7.93 -1.22
CA MET A 23 6.32 7.51 0.14
C MET A 23 5.85 8.55 1.16
N ASP A 24 5.98 9.81 0.81
CA ASP A 24 5.57 10.90 1.69
C ASP A 24 4.10 10.79 2.06
N ARG A 25 3.29 10.37 1.08
CA ARG A 25 1.86 10.21 1.30
C ARG A 25 1.50 8.76 1.58
N PHE A 26 2.44 7.87 1.31
CA PHE A 26 2.23 6.44 1.53
C PHE A 26 2.00 6.14 3.01
N LEU A 27 2.81 6.76 3.87
CA LEU A 27 2.70 6.57 5.31
C LEU A 27 1.30 6.95 5.80
N GLU A 28 0.83 8.12 5.39
CA GLU A 28 -0.48 8.60 5.79
C GLU A 28 -1.58 7.78 5.13
N SER A 29 -1.43 7.52 3.83
CA SER A 29 -2.41 6.74 3.09
C SER A 29 -2.61 5.36 3.73
N PHE A 30 -1.52 4.76 4.17
CA PHE A 30 -1.58 3.44 4.80
C PHE A 30 -2.30 3.51 6.14
N SER A 31 -1.95 4.52 6.94
CA SER A 31 -2.55 4.70 8.25
C SER A 31 -4.07 4.79 8.15
N GLU A 32 -4.54 5.59 7.19
CA GLU A 32 -5.98 5.76 6.99
C GLU A 32 -6.58 4.54 6.30
N LEU A 33 -5.87 4.01 5.31
CA LEU A 33 -6.33 2.85 4.57
C LEU A 33 -6.61 1.68 5.52
N TYR A 34 -5.77 1.53 6.54
CA TYR A 34 -5.93 0.46 7.50
C TYR A 34 -7.18 0.67 8.34
N ASP A 35 -7.51 1.93 8.59
CA ASP A 35 -8.69 2.26 9.39
C ASP A 35 -9.98 2.01 8.59
N ILE A 36 -9.88 2.11 7.28
CA ILE A 36 -11.02 1.88 6.40
C ILE A 36 -11.04 0.46 5.87
N ILE A 37 -9.89 -0.20 5.93
CA ILE A 37 -9.76 -1.58 5.46
C ILE A 37 -10.72 -2.51 6.21
N ASP A 38 -11.19 -2.05 7.36
CA ASP A 38 -12.12 -2.84 8.17
C ASP A 38 -13.46 -2.99 7.46
N GLU A 39 -13.81 -2.02 6.63
CA GLU A 39 -15.07 -2.05 5.89
C GLU A 39 -15.03 -3.12 4.81
N ASN A 40 -16.17 -3.29 4.13
CA ASN A 40 -16.27 -4.28 3.07
C ASN A 40 -17.19 -3.78 1.94
N ASP A 41 -17.40 -2.47 1.90
CA ASP A 41 -18.25 -1.87 0.89
C ASP A 41 -17.41 -1.32 -0.26
N THR A 42 -17.86 -1.57 -1.49
CA THR A 42 -17.15 -1.09 -2.67
C THR A 42 -17.26 0.43 -2.81
N ASP A 43 -18.38 0.97 -2.33
CA ASP A 43 -18.61 2.41 -2.42
C ASP A 43 -17.60 3.17 -1.55
N VAL A 44 -17.43 2.70 -0.31
CA VAL A 44 -16.49 3.34 0.62
C VAL A 44 -15.05 3.11 0.18
N MET A 45 -14.76 1.92 -0.31
CA MET A 45 -13.42 1.58 -0.77
C MET A 45 -13.07 2.34 -2.04
N MET A 46 -14.02 2.39 -2.98
CA MET A 46 -13.80 3.08 -4.24
C MET A 46 -13.70 4.59 -4.02
N ASP A 47 -14.50 5.10 -3.09
CA ASP A 47 -14.51 6.52 -2.78
C ASP A 47 -13.21 6.93 -2.08
N PHE A 48 -12.75 6.10 -1.15
CA PHE A 48 -11.54 6.38 -0.41
C PHE A 48 -10.31 6.24 -1.30
N ILE A 49 -10.27 5.16 -2.08
CA ILE A 49 -9.16 4.90 -2.98
C ILE A 49 -9.05 5.99 -4.05
N SER A 50 -10.17 6.31 -4.67
CA SER A 50 -10.21 7.33 -5.71
C SER A 50 -9.81 8.69 -5.14
N ARG A 51 -10.26 8.97 -3.91
CA ARG A 51 -9.95 10.23 -3.25
C ARG A 51 -8.49 10.26 -2.78
N PHE A 52 -7.96 9.10 -2.46
CA PHE A 52 -6.58 8.99 -1.99
C PHE A 52 -5.62 8.77 -3.16
N ALA A 53 -6.19 8.47 -4.33
CA ALA A 53 -5.39 8.24 -5.52
C ALA A 53 -5.63 9.33 -6.57
N ARG A 54 -5.24 9.05 -7.81
CA ARG A 54 -5.41 10.01 -8.89
C ARG A 54 -4.45 11.18 -8.74
N THR A 55 -3.16 10.87 -8.66
CA THR A 55 -2.13 11.89 -8.51
C THR A 55 -1.34 12.08 -9.81
N ASP A 56 -0.46 11.13 -10.09
CA ASP A 56 0.35 11.18 -11.30
C ASP A 56 1.31 10.00 -11.36
N GLU A 57 2.26 10.06 -12.29
CA GLU A 57 3.24 8.99 -12.46
C GLU A 57 4.60 9.41 -11.91
N ILE A 58 5.64 8.67 -12.29
CA ILE A 58 6.98 8.97 -11.84
C ILE A 58 7.83 9.58 -12.96
N MET A 59 8.45 10.71 -12.67
CA MET A 59 9.28 11.40 -13.66
C MET A 59 10.62 10.70 -13.82
N PRO A 60 11.34 11.04 -14.90
CA PRO A 60 12.65 10.45 -15.21
C PRO A 60 13.72 10.89 -14.22
N GLU A 61 13.44 11.96 -13.47
CA GLU A 61 14.38 12.49 -12.49
C GLU A 61 14.24 11.76 -11.16
N ASP A 62 13.09 11.12 -10.96
CA ASP A 62 12.83 10.40 -9.72
C ASP A 62 12.68 8.91 -9.99
N LYS A 63 12.11 8.19 -9.03
CA LYS A 63 11.91 6.75 -9.16
C LYS A 63 10.73 6.29 -8.31
N THR A 64 10.47 4.98 -8.33
CA THR A 64 9.37 4.41 -7.56
C THR A 64 9.88 3.41 -6.53
N VAL A 65 9.51 3.62 -5.27
CA VAL A 65 9.92 2.73 -4.20
C VAL A 65 9.64 1.28 -4.54
N GLY A 66 8.45 1.02 -5.05
CA GLY A 66 8.07 -0.33 -5.42
C GLY A 66 6.57 -0.55 -5.40
N PHE A 67 6.16 -1.81 -5.40
CA PHE A 67 4.73 -2.14 -5.40
C PHE A 67 4.41 -3.11 -4.26
N VAL A 68 3.28 -2.89 -3.61
CA VAL A 68 2.85 -3.75 -2.50
C VAL A 68 1.55 -4.46 -2.83
N VAL A 69 1.52 -5.77 -2.61
CA VAL A 69 0.33 -6.57 -2.89
C VAL A 69 -0.32 -7.04 -1.59
N VAL A 70 -1.57 -6.63 -1.39
CA VAL A 70 -2.30 -7.01 -0.18
C VAL A 70 -3.62 -7.71 -0.54
N ASN A 71 -3.75 -8.96 -0.13
CA ASN A 71 -4.95 -9.74 -0.41
C ASN A 71 -5.65 -10.14 0.89
N ALA A 72 -6.80 -9.54 1.15
CA ALA A 72 -7.57 -9.83 2.36
C ALA A 72 -8.19 -11.23 2.28
N ASP A 73 -8.59 -11.62 1.08
CA ASP A 73 -9.20 -12.93 0.87
C ASP A 73 -8.26 -14.04 1.31
N LYS A 74 -6.97 -13.85 1.07
CA LYS A 74 -5.96 -14.84 1.44
C LYS A 74 -5.36 -14.52 2.81
N LYS A 75 -5.54 -13.27 3.25
CA LYS A 75 -5.02 -12.84 4.54
C LYS A 75 -3.49 -12.73 4.50
N LEU A 76 -2.97 -12.28 3.38
CA LEU A 76 -1.52 -12.12 3.21
C LEU A 76 -1.20 -10.88 2.39
N MET A 77 -0.06 -10.26 2.69
CA MET A 77 0.36 -9.06 1.97
C MET A 77 1.88 -9.03 1.83
N SER A 78 2.34 -8.82 0.59
CA SER A 78 3.77 -8.77 0.32
C SER A 78 4.19 -7.40 -0.21
N VAL A 79 5.33 -6.90 0.24
CA VAL A 79 5.83 -5.60 -0.18
C VAL A 79 7.13 -5.75 -0.96
N SER A 80 7.12 -5.28 -2.20
CA SER A 80 8.30 -5.36 -3.06
C SER A 80 8.83 -3.95 -3.38
N PHE A 81 10.08 -3.70 -3.01
CA PHE A 81 10.70 -2.41 -3.27
C PHE A 81 12.11 -2.58 -3.81
N SER A 82 12.51 -1.67 -4.70
CA SER A 82 13.84 -1.72 -5.31
C SER A 82 14.66 -0.51 -4.91
N ASP A 83 15.98 -0.68 -4.85
CA ASP A 83 16.89 0.40 -4.49
C ASP A 83 16.18 1.42 -3.59
N ILE A 84 16.06 1.09 -2.31
CA ILE A 84 15.41 1.99 -1.35
C ILE A 84 16.30 2.23 -0.14
N ASP A 85 16.20 3.43 0.42
CA ASP A 85 16.99 3.79 1.59
C ASP A 85 16.42 3.17 2.85
N GLU A 86 17.25 3.06 3.89
CA GLU A 86 16.83 2.48 5.16
C GLU A 86 15.83 3.39 5.86
N ASN A 87 15.90 4.68 5.57
CA ASN A 87 15.00 5.66 6.18
C ASN A 87 13.55 5.32 5.87
N MET A 88 13.27 5.07 4.59
CA MET A 88 11.91 4.75 4.16
C MET A 88 11.56 3.31 4.52
N LYS A 89 12.57 2.44 4.53
CA LYS A 89 12.35 1.04 4.87
C LYS A 89 11.58 0.90 6.18
N LYS A 90 11.88 1.77 7.13
CA LYS A 90 11.20 1.74 8.42
C LYS A 90 9.70 1.93 8.26
N VAL A 91 9.31 2.79 7.31
CA VAL A 91 7.90 3.04 7.05
C VAL A 91 7.23 1.86 6.36
N ILE A 92 7.98 1.20 5.48
CA ILE A 92 7.48 0.04 4.76
C ILE A 92 7.26 -1.14 5.69
N LYS A 93 8.25 -1.41 6.53
CA LYS A 93 8.16 -2.52 7.48
C LYS A 93 7.05 -2.27 8.50
N ALA A 94 6.95 -1.04 8.99
CA ALA A 94 5.93 -0.68 9.96
C ALA A 94 4.53 -0.82 9.37
N THR A 95 4.40 -0.48 8.09
CA THR A 95 3.12 -0.56 7.40
C THR A 95 2.68 -2.02 7.23
N ALA A 96 3.62 -2.86 6.78
CA ALA A 96 3.33 -4.27 6.58
C ALA A 96 3.06 -4.98 7.90
N GLU A 97 3.93 -4.76 8.88
CA GLU A 97 3.80 -5.38 10.19
C GLU A 97 2.53 -4.87 10.89
N LYS A 98 2.17 -3.63 10.63
CA LYS A 98 0.98 -3.03 11.22
C LYS A 98 -0.26 -3.85 10.90
N PHE A 99 -0.33 -4.36 9.67
CA PHE A 99 -1.46 -5.17 9.24
C PHE A 99 -1.55 -6.46 10.04
N LYS A 100 -0.40 -6.99 10.41
CA LYS A 100 -0.34 -8.23 11.19
C LYS A 100 -1.02 -8.06 12.54
N ASN A 101 -1.00 -6.84 13.06
CA ASN A 101 -1.61 -6.54 14.35
C ASN A 101 -3.13 -6.77 14.30
N LYS A 102 -3.65 -6.86 13.09
CA LYS A 102 -5.09 -7.08 12.90
C LYS A 102 -5.37 -8.53 12.50
N GLY A 103 -4.30 -9.28 12.25
CA GLY A 103 -4.46 -10.68 11.86
C GLY A 103 -4.27 -10.89 10.37
N PHE A 104 -3.09 -10.57 9.88
CA PHE A 104 -2.79 -10.72 8.45
C PHE A 104 -1.30 -10.97 8.23
N LYS A 105 -0.99 -12.00 7.45
CA LYS A 105 0.40 -12.34 7.17
C LYS A 105 1.05 -11.28 6.29
N VAL A 106 2.30 -10.95 6.61
CA VAL A 106 3.04 -9.94 5.86
C VAL A 106 4.39 -10.48 5.39
N GLU A 107 4.77 -10.14 4.17
CA GLU A 107 6.04 -10.59 3.61
C GLU A 107 6.84 -9.42 3.05
N THR A 108 8.16 -9.52 3.13
CA THR A 108 9.04 -8.46 2.64
C THR A 108 9.95 -8.97 1.52
N ASP A 109 10.03 -8.22 0.44
CA ASP A 109 10.87 -8.61 -0.69
C ASP A 109 11.64 -7.41 -1.24
N MET A 110 12.86 -7.65 -1.68
CA MET A 110 13.71 -6.59 -2.22
C MET A 110 14.26 -6.97 -3.59
N MET A 1 15.91 12.85 -4.43
CA MET A 1 15.03 12.18 -5.39
C MET A 1 13.71 11.79 -4.74
N THR A 2 12.69 11.58 -5.57
CA THR A 2 11.37 11.20 -5.07
C THR A 2 11.09 9.74 -5.31
N LEU A 3 10.62 9.04 -4.28
CA LEU A 3 10.30 7.62 -4.39
C LEU A 3 8.82 7.37 -4.15
N CYS A 4 8.21 6.60 -5.05
CA CYS A 4 6.78 6.28 -4.94
C CYS A 4 6.57 4.77 -4.84
N ALA A 5 5.44 4.38 -4.27
CA ALA A 5 5.11 2.97 -4.11
C ALA A 5 3.63 2.71 -4.39
N MET A 6 3.36 1.58 -5.04
CA MET A 6 1.98 1.21 -5.38
C MET A 6 1.56 -0.05 -4.63
N TYR A 7 0.48 0.06 -3.85
CA TYR A 7 -0.02 -1.07 -3.08
C TYR A 7 -1.45 -1.42 -3.50
N ASN A 8 -1.76 -2.71 -3.53
CA ASN A 8 -3.08 -3.17 -3.91
C ASN A 8 -3.76 -3.90 -2.74
N ILE A 9 -5.02 -3.56 -2.50
CA ILE A 9 -5.78 -4.19 -1.42
C ILE A 9 -6.94 -5.01 -1.97
N SER A 10 -7.04 -6.25 -1.52
CA SER A 10 -8.10 -7.15 -1.95
C SER A 10 -9.08 -7.42 -0.83
N MET A 11 -10.36 -7.12 -1.08
CA MET A 11 -11.40 -7.33 -0.07
C MET A 11 -11.96 -8.75 -0.18
N ALA A 12 -11.49 -9.50 -1.17
CA ALA A 12 -11.95 -10.87 -1.37
C ALA A 12 -11.29 -11.49 -2.59
N GLY A 13 -11.88 -12.57 -3.09
CA GLY A 13 -11.33 -13.24 -4.26
C GLY A 13 -11.76 -12.59 -5.56
N SER A 14 -12.26 -11.36 -5.46
CA SER A 14 -12.71 -10.62 -6.63
C SER A 14 -11.71 -9.52 -7.00
N HIS A 15 -11.78 -9.07 -8.24
CA HIS A 15 -10.90 -8.02 -8.72
C HIS A 15 -10.57 -7.03 -7.61
N PRO A 16 -9.33 -7.07 -7.10
CA PRO A 16 -8.88 -6.18 -6.04
C PRO A 16 -8.75 -4.74 -6.49
N THR A 17 -8.16 -3.90 -5.65
CA THR A 17 -7.97 -2.49 -5.96
C THR A 17 -6.51 -2.09 -5.82
N THR A 18 -5.98 -1.42 -6.85
CA THR A 18 -4.59 -0.98 -6.84
C THR A 18 -4.50 0.52 -6.63
N ILE A 19 -3.49 0.95 -5.87
CA ILE A 19 -3.28 2.37 -5.60
C ILE A 19 -1.80 2.73 -5.63
N CYS A 20 -1.49 3.85 -6.26
CA CYS A 20 -0.11 4.31 -6.36
C CYS A 20 0.05 5.69 -5.71
N VAL A 21 0.86 5.74 -4.65
CA VAL A 21 1.10 7.00 -3.94
C VAL A 21 2.55 7.11 -3.50
N VAL A 22 3.05 8.33 -3.42
CA VAL A 22 4.43 8.57 -3.01
C VAL A 22 4.64 8.18 -1.55
N MET A 23 5.88 7.86 -1.21
CA MET A 23 6.22 7.47 0.15
C MET A 23 5.75 8.51 1.15
N ASP A 24 5.87 9.78 0.78
CA ASP A 24 5.46 10.88 1.64
C ASP A 24 3.99 10.77 2.00
N ARG A 25 3.18 10.33 1.04
CA ARG A 25 1.74 10.18 1.24
C ARG A 25 1.39 8.74 1.56
N PHE A 26 2.33 7.83 1.30
CA PHE A 26 2.12 6.41 1.55
C PHE A 26 1.91 6.15 3.04
N LEU A 27 2.72 6.80 3.87
CA LEU A 27 2.63 6.63 5.32
C LEU A 27 1.24 7.02 5.81
N GLU A 28 0.76 8.19 5.39
CA GLU A 28 -0.56 8.67 5.79
C GLU A 28 -1.66 7.82 5.17
N SER A 29 -1.53 7.55 3.88
CA SER A 29 -2.52 6.75 3.16
C SER A 29 -2.71 5.40 3.83
N PHE A 30 -1.61 4.80 4.27
CA PHE A 30 -1.65 3.50 4.93
C PHE A 30 -2.36 3.60 6.28
N SER A 31 -2.01 4.62 7.05
CA SER A 31 -2.61 4.82 8.36
C SER A 31 -4.12 4.89 8.27
N GLU A 32 -4.61 5.68 7.32
CA GLU A 32 -6.05 5.84 7.12
C GLU A 32 -6.65 4.59 6.46
N LEU A 33 -5.93 4.05 5.48
CA LEU A 33 -6.39 2.87 4.76
C LEU A 33 -6.67 1.73 5.73
N TYR A 34 -5.84 1.60 6.76
CA TYR A 34 -6.00 0.55 7.75
C TYR A 34 -7.27 0.77 8.58
N ASP A 35 -7.62 2.04 8.78
CA ASP A 35 -8.80 2.38 9.55
C ASP A 35 -10.08 2.10 8.75
N ILE A 36 -9.96 2.17 7.43
CA ILE A 36 -11.09 1.93 6.54
C ILE A 36 -11.09 0.49 6.05
N ILE A 37 -9.94 -0.16 6.13
CA ILE A 37 -9.81 -1.55 5.69
C ILE A 37 -10.76 -2.47 6.46
N ASP A 38 -11.25 -1.98 7.60
CA ASP A 38 -12.18 -2.75 8.42
C ASP A 38 -13.47 -3.03 7.68
N GLU A 39 -13.81 -2.14 6.74
CA GLU A 39 -15.03 -2.29 5.96
C GLU A 39 -14.81 -3.23 4.79
N ASN A 40 -15.88 -3.52 4.05
CA ASN A 40 -15.80 -4.41 2.90
C ASN A 40 -16.72 -3.93 1.78
N ASP A 41 -17.19 -2.70 1.89
CA ASP A 41 -18.08 -2.12 0.89
C ASP A 41 -17.29 -1.56 -0.28
N THR A 42 -17.78 -1.81 -1.49
CA THR A 42 -17.11 -1.34 -2.70
C THR A 42 -17.25 0.17 -2.84
N ASP A 43 -18.37 0.70 -2.37
CA ASP A 43 -18.64 2.14 -2.44
C ASP A 43 -17.66 2.91 -1.57
N VAL A 44 -17.49 2.45 -0.33
CA VAL A 44 -16.58 3.11 0.60
C VAL A 44 -15.13 2.90 0.20
N MET A 45 -14.83 1.70 -0.28
CA MET A 45 -13.47 1.37 -0.71
C MET A 45 -13.09 2.12 -1.97
N MET A 46 -14.00 2.12 -2.95
CA MET A 46 -13.76 2.82 -4.21
C MET A 46 -13.72 4.33 -4.01
N ASP A 47 -14.53 4.82 -3.09
CA ASP A 47 -14.58 6.25 -2.80
C ASP A 47 -13.31 6.70 -2.08
N PHE A 48 -12.87 5.90 -1.12
CA PHE A 48 -11.66 6.21 -0.36
C PHE A 48 -10.41 6.02 -1.21
N ILE A 49 -10.36 4.93 -1.96
CA ILE A 49 -9.22 4.63 -2.82
C ILE A 49 -9.05 5.72 -3.88
N SER A 50 -10.13 6.04 -4.57
CA SER A 50 -10.10 7.05 -5.61
C SER A 50 -9.76 8.42 -5.04
N ARG A 51 -10.27 8.70 -3.84
CA ARG A 51 -10.02 9.97 -3.18
C ARG A 51 -8.59 10.03 -2.66
N PHE A 52 -8.04 8.88 -2.31
CA PHE A 52 -6.68 8.80 -1.79
C PHE A 52 -5.68 8.50 -2.91
N ALA A 53 -6.21 8.19 -4.09
CA ALA A 53 -5.38 7.88 -5.25
C ALA A 53 -5.18 9.11 -6.14
N ARG A 54 -4.07 9.14 -6.85
CA ARG A 54 -3.76 10.26 -7.74
C ARG A 54 -3.38 9.76 -9.13
N THR A 55 -4.05 10.32 -10.15
CA THR A 55 -3.78 9.93 -11.52
C THR A 55 -2.48 10.53 -12.03
N ASP A 56 -1.37 10.11 -11.42
CA ASP A 56 -0.05 10.61 -11.82
C ASP A 56 0.95 9.46 -11.92
N GLU A 57 2.00 9.67 -12.70
CA GLU A 57 3.03 8.65 -12.88
C GLU A 57 4.35 9.10 -12.25
N ILE A 58 5.43 8.40 -12.59
CA ILE A 58 6.75 8.72 -12.06
C ILE A 58 7.61 9.41 -13.12
N MET A 59 8.17 10.56 -12.75
CA MET A 59 9.02 11.31 -13.67
C MET A 59 10.40 10.69 -13.78
N PRO A 60 11.16 11.08 -14.81
CA PRO A 60 12.51 10.55 -15.05
C PRO A 60 13.51 11.05 -14.01
N GLU A 61 13.10 12.04 -13.23
CA GLU A 61 13.96 12.61 -12.20
C GLU A 61 13.85 11.81 -10.89
N ASP A 62 12.76 11.06 -10.77
CA ASP A 62 12.53 10.25 -9.58
C ASP A 62 12.37 8.78 -9.94
N LYS A 63 11.87 8.00 -9.00
CA LYS A 63 11.67 6.57 -9.21
C LYS A 63 10.59 6.02 -8.28
N THR A 64 10.34 4.73 -8.36
CA THR A 64 9.34 4.08 -7.53
C THR A 64 9.97 3.08 -6.57
N VAL A 65 9.84 3.34 -5.27
CA VAL A 65 10.41 2.46 -4.25
C VAL A 65 10.00 1.01 -4.50
N GLY A 66 8.76 0.81 -4.91
CA GLY A 66 8.28 -0.54 -5.18
C GLY A 66 6.76 -0.64 -5.06
N PHE A 67 6.25 -1.87 -5.06
CA PHE A 67 4.82 -2.09 -4.95
C PHE A 67 4.51 -3.10 -3.85
N VAL A 68 3.37 -2.91 -3.19
CA VAL A 68 2.95 -3.80 -2.11
C VAL A 68 1.65 -4.50 -2.45
N VAL A 69 1.64 -5.83 -2.30
CA VAL A 69 0.46 -6.62 -2.60
C VAL A 69 -0.23 -7.10 -1.32
N VAL A 70 -1.47 -6.67 -1.13
CA VAL A 70 -2.23 -7.05 0.05
C VAL A 70 -3.54 -7.74 -0.32
N ASN A 71 -3.68 -9.00 0.07
CA ASN A 71 -4.88 -9.77 -0.23
C ASN A 71 -5.55 -10.25 1.05
N ALA A 72 -6.71 -9.67 1.35
CA ALA A 72 -7.45 -10.04 2.55
C ALA A 72 -8.04 -11.44 2.43
N ASP A 73 -8.47 -11.80 1.21
CA ASP A 73 -9.05 -13.11 0.96
C ASP A 73 -8.04 -14.21 1.28
N LYS A 74 -6.77 -13.96 0.99
CA LYS A 74 -5.72 -14.93 1.25
C LYS A 74 -5.07 -14.69 2.61
N LYS A 75 -5.32 -13.51 3.18
CA LYS A 75 -4.76 -13.14 4.47
C LYS A 75 -3.24 -13.07 4.41
N LEU A 76 -2.72 -12.55 3.30
CA LEU A 76 -1.29 -12.42 3.11
C LEU A 76 -0.93 -11.09 2.45
N MET A 77 0.25 -10.57 2.75
CA MET A 77 0.71 -9.31 2.17
C MET A 77 2.20 -9.35 1.89
N SER A 78 2.59 -8.99 0.68
CA SER A 78 4.00 -8.99 0.29
C SER A 78 4.42 -7.60 -0.19
N VAL A 79 5.60 -7.17 0.24
CA VAL A 79 6.12 -5.86 -0.15
C VAL A 79 7.41 -6.00 -0.94
N SER A 80 7.40 -5.53 -2.18
CA SER A 80 8.58 -5.60 -3.03
C SER A 80 9.09 -4.21 -3.38
N PHE A 81 10.32 -3.92 -2.97
CA PHE A 81 10.92 -2.61 -3.24
C PHE A 81 12.39 -2.77 -3.65
N SER A 82 12.87 -1.82 -4.45
CA SER A 82 14.25 -1.86 -4.92
C SER A 82 15.15 -1.02 -4.02
N ASP A 83 16.46 -1.11 -4.25
CA ASP A 83 17.42 -0.36 -3.47
C ASP A 83 16.82 0.95 -2.97
N ILE A 84 16.38 0.96 -1.71
CA ILE A 84 15.79 2.14 -1.11
C ILE A 84 16.53 2.56 0.15
N ASP A 85 16.20 3.73 0.67
CA ASP A 85 16.83 4.25 1.88
C ASP A 85 16.21 3.61 3.12
N GLU A 86 16.99 3.56 4.20
CA GLU A 86 16.52 2.98 5.45
C GLU A 86 15.44 3.86 6.09
N ASN A 87 15.48 5.15 5.77
CA ASN A 87 14.50 6.09 6.31
C ASN A 87 13.09 5.70 5.92
N MET A 88 12.88 5.42 4.63
CA MET A 88 11.57 5.03 4.13
C MET A 88 11.27 3.57 4.48
N LYS A 89 12.32 2.75 4.50
CA LYS A 89 12.17 1.33 4.82
C LYS A 89 11.41 1.15 6.13
N LYS A 90 11.67 2.02 7.09
CA LYS A 90 11.02 1.95 8.39
C LYS A 90 9.50 2.08 8.24
N VAL A 91 9.08 2.92 7.30
CA VAL A 91 7.66 3.12 7.05
C VAL A 91 7.04 1.92 6.35
N ILE A 92 7.80 1.29 5.47
CA ILE A 92 7.33 0.13 4.74
C ILE A 92 7.14 -1.07 5.67
N LYS A 93 8.15 -1.33 6.50
CA LYS A 93 8.10 -2.44 7.44
C LYS A 93 7.02 -2.21 8.49
N ALA A 94 6.93 -0.98 9.00
CA ALA A 94 5.94 -0.63 10.01
C ALA A 94 4.52 -0.76 9.45
N THR A 95 4.36 -0.40 8.18
CA THR A 95 3.05 -0.47 7.52
C THR A 95 2.61 -1.92 7.35
N ALA A 96 3.52 -2.77 6.89
CA ALA A 96 3.22 -4.18 6.69
C ALA A 96 2.97 -4.88 8.02
N GLU A 97 3.86 -4.66 8.98
CA GLU A 97 3.73 -5.28 10.29
C GLU A 97 2.48 -4.79 11.00
N LYS A 98 2.10 -3.55 10.74
CA LYS A 98 0.92 -2.96 11.35
C LYS A 98 -0.32 -3.80 11.06
N PHE A 99 -0.41 -4.31 9.83
CA PHE A 99 -1.55 -5.13 9.42
C PHE A 99 -1.60 -6.42 10.24
N LYS A 100 -0.44 -6.92 10.63
CA LYS A 100 -0.36 -8.14 11.42
C LYS A 100 -1.11 -7.99 12.74
N ASN A 101 -1.18 -6.76 13.24
CA ASN A 101 -1.86 -6.50 14.50
C ASN A 101 -3.35 -6.82 14.38
N LYS A 102 -3.83 -6.96 13.15
CA LYS A 102 -5.23 -7.28 12.91
C LYS A 102 -5.40 -8.76 12.58
N GLY A 103 -4.28 -9.45 12.37
CA GLY A 103 -4.33 -10.87 12.05
C GLY A 103 -4.11 -11.14 10.57
N PHE A 104 -2.86 -10.99 10.13
CA PHE A 104 -2.52 -11.22 8.73
C PHE A 104 -1.06 -11.65 8.59
N LYS A 105 -0.68 -12.03 7.38
CA LYS A 105 0.69 -12.46 7.12
C LYS A 105 1.47 -11.37 6.38
N VAL A 106 2.69 -11.10 6.85
CA VAL A 106 3.54 -10.08 6.24
C VAL A 106 4.80 -10.70 5.66
N GLU A 107 5.06 -10.40 4.38
CA GLU A 107 6.24 -10.93 3.71
C GLU A 107 7.02 -9.81 3.03
N THR A 108 8.35 -9.90 3.09
CA THR A 108 9.21 -8.90 2.47
C THR A 108 10.09 -9.52 1.40
N ASP A 109 10.15 -8.87 0.24
CA ASP A 109 10.97 -9.35 -0.87
C ASP A 109 11.53 -8.18 -1.68
N MET A 110 12.29 -8.51 -2.72
CA MET A 110 12.89 -7.48 -3.57
C MET A 110 12.55 -7.73 -5.04
N MET A 1 15.99 12.74 -3.81
CA MET A 1 15.20 11.99 -4.77
C MET A 1 13.84 11.63 -4.19
N THR A 2 12.84 11.48 -5.05
CA THR A 2 11.50 11.13 -4.62
C THR A 2 11.17 9.69 -4.98
N LEU A 3 10.70 8.93 -3.98
CA LEU A 3 10.36 7.53 -4.19
C LEU A 3 8.89 7.29 -3.87
N CYS A 4 8.18 6.62 -4.78
CA CYS A 4 6.76 6.32 -4.59
C CYS A 4 6.52 4.81 -4.61
N ALA A 5 5.40 4.40 -4.03
CA ALA A 5 5.06 2.99 -3.97
C ALA A 5 3.57 2.77 -4.22
N MET A 6 3.23 1.69 -4.91
CA MET A 6 1.83 1.37 -5.21
C MET A 6 1.39 0.11 -4.48
N TYR A 7 0.32 0.23 -3.70
CA TYR A 7 -0.20 -0.91 -2.94
C TYR A 7 -1.64 -1.20 -3.34
N ASN A 8 -1.99 -2.48 -3.37
CA ASN A 8 -3.34 -2.90 -3.73
C ASN A 8 -3.99 -3.70 -2.60
N ILE A 9 -5.27 -3.43 -2.35
CA ILE A 9 -6.00 -4.11 -1.30
C ILE A 9 -7.12 -4.96 -1.88
N SER A 10 -7.20 -6.22 -1.44
CA SER A 10 -8.22 -7.14 -1.91
C SER A 10 -9.21 -7.47 -0.80
N MET A 11 -10.49 -7.21 -1.05
CA MET A 11 -11.54 -7.49 -0.07
C MET A 11 -12.03 -8.93 -0.19
N ALA A 12 -11.52 -9.65 -1.17
CA ALA A 12 -11.90 -11.03 -1.40
C ALA A 12 -11.20 -11.61 -2.62
N GLY A 13 -11.70 -12.74 -3.12
CA GLY A 13 -11.11 -13.37 -4.29
C GLY A 13 -11.62 -12.77 -5.59
N SER A 14 -11.70 -11.44 -5.63
CA SER A 14 -12.17 -10.75 -6.83
C SER A 14 -11.25 -9.58 -7.18
N HIS A 15 -11.32 -9.14 -8.42
CA HIS A 15 -10.49 -8.03 -8.89
C HIS A 15 -10.27 -7.02 -7.77
N PRO A 16 -9.07 -7.04 -7.17
CA PRO A 16 -8.71 -6.13 -6.07
C PRO A 16 -8.54 -4.70 -6.56
N THR A 17 -8.19 -3.81 -5.64
CA THR A 17 -8.00 -2.40 -5.96
C THR A 17 -6.53 -1.99 -5.77
N THR A 18 -5.96 -1.40 -6.81
CA THR A 18 -4.57 -0.95 -6.76
C THR A 18 -4.48 0.57 -6.62
N ILE A 19 -3.50 1.04 -5.85
CA ILE A 19 -3.31 2.46 -5.64
C ILE A 19 -1.84 2.83 -5.65
N CYS A 20 -1.52 3.99 -6.21
CA CYS A 20 -0.14 4.45 -6.28
C CYS A 20 0.02 5.79 -5.56
N VAL A 21 0.84 5.80 -4.51
CA VAL A 21 1.07 7.01 -3.73
C VAL A 21 2.54 7.10 -3.30
N VAL A 22 3.04 8.32 -3.20
CA VAL A 22 4.42 8.55 -2.80
C VAL A 22 4.64 8.14 -1.34
N MET A 23 5.88 7.81 -1.00
CA MET A 23 6.22 7.40 0.35
C MET A 23 5.75 8.44 1.36
N ASP A 24 5.88 9.71 1.02
CA ASP A 24 5.46 10.79 1.89
C ASP A 24 3.98 10.69 2.23
N ARG A 25 3.19 10.27 1.24
CA ARG A 25 1.74 10.12 1.43
C ARG A 25 1.38 8.68 1.73
N PHE A 26 2.32 7.77 1.48
CA PHE A 26 2.10 6.35 1.72
C PHE A 26 1.85 6.08 3.20
N LEU A 27 2.67 6.69 4.05
CA LEU A 27 2.53 6.52 5.50
C LEU A 27 1.14 6.91 5.97
N GLU A 28 0.68 8.08 5.54
CA GLU A 28 -0.64 8.58 5.91
C GLU A 28 -1.74 7.74 5.26
N SER A 29 -1.59 7.48 3.97
CA SER A 29 -2.56 6.70 3.22
C SER A 29 -2.78 5.34 3.87
N PHE A 30 -1.68 4.74 4.33
CA PHE A 30 -1.75 3.42 4.97
C PHE A 30 -2.48 3.51 6.31
N SER A 31 -2.15 4.51 7.10
CA SER A 31 -2.77 4.71 8.40
C SER A 31 -4.29 4.80 8.27
N GLU A 32 -4.74 5.60 7.31
CA GLU A 32 -6.17 5.77 7.09
C GLU A 32 -6.77 4.55 6.41
N LEU A 33 -6.06 4.01 5.43
CA LEU A 33 -6.52 2.83 4.70
C LEU A 33 -6.80 1.67 5.66
N TYR A 34 -5.97 1.55 6.69
CA TYR A 34 -6.13 0.48 7.68
C TYR A 34 -7.40 0.70 8.50
N ASP A 35 -7.74 1.96 8.73
CA ASP A 35 -8.93 2.30 9.50
C ASP A 35 -10.20 2.04 8.70
N ILE A 36 -10.08 2.12 7.37
CA ILE A 36 -11.21 1.90 6.49
C ILE A 36 -11.22 0.46 5.96
N ILE A 37 -10.07 -0.19 6.06
CA ILE A 37 -9.95 -1.57 5.59
C ILE A 37 -10.92 -2.49 6.32
N ASP A 38 -11.41 -2.04 7.47
CA ASP A 38 -12.36 -2.81 8.26
C ASP A 38 -13.69 -2.96 7.54
N GLU A 39 -13.98 -2.02 6.65
CA GLU A 39 -15.23 -2.04 5.88
C GLU A 39 -15.21 -3.17 4.86
N ASN A 40 -16.31 -3.28 4.10
CA ASN A 40 -16.41 -4.31 3.07
C ASN A 40 -17.31 -3.85 1.94
N ASP A 41 -17.50 -2.54 1.84
CA ASP A 41 -18.34 -1.96 0.78
C ASP A 41 -17.47 -1.40 -0.35
N THR A 42 -17.90 -1.65 -1.59
CA THR A 42 -17.17 -1.17 -2.75
C THR A 42 -17.28 0.35 -2.89
N ASP A 43 -18.41 0.89 -2.43
CA ASP A 43 -18.63 2.33 -2.51
C ASP A 43 -17.66 3.09 -1.61
N VAL A 44 -17.50 2.61 -0.38
CA VAL A 44 -16.60 3.24 0.58
C VAL A 44 -15.14 3.02 0.18
N MET A 45 -14.85 1.82 -0.32
CA MET A 45 -13.48 1.49 -0.74
C MET A 45 -13.10 2.25 -2.00
N MET A 46 -14.01 2.27 -2.98
CA MET A 46 -13.77 2.97 -4.23
C MET A 46 -13.71 4.48 -4.01
N ASP A 47 -14.54 4.97 -3.09
CA ASP A 47 -14.58 6.39 -2.79
C ASP A 47 -13.30 6.84 -2.08
N PHE A 48 -12.84 6.02 -1.15
CA PHE A 48 -11.63 6.33 -0.38
C PHE A 48 -10.39 6.19 -1.26
N ILE A 49 -10.33 5.10 -2.01
CA ILE A 49 -9.20 4.85 -2.90
C ILE A 49 -9.08 5.92 -3.97
N SER A 50 -10.20 6.22 -4.62
CA SER A 50 -10.22 7.24 -5.67
C SER A 50 -9.90 8.62 -5.10
N ARG A 51 -10.39 8.89 -3.90
CA ARG A 51 -10.17 10.17 -3.25
C ARG A 51 -8.70 10.31 -2.85
N PHE A 52 -8.12 9.24 -2.33
CA PHE A 52 -6.72 9.25 -1.91
C PHE A 52 -5.79 9.13 -3.11
N ALA A 53 -6.26 8.45 -4.14
CA ALA A 53 -5.46 8.25 -5.36
C ALA A 53 -5.75 9.36 -6.37
N ARG A 54 -5.33 9.13 -7.62
CA ARG A 54 -5.54 10.10 -8.68
C ARG A 54 -4.72 11.36 -8.44
N THR A 55 -3.40 11.19 -8.36
CA THR A 55 -2.50 12.31 -8.12
C THR A 55 -1.71 12.64 -9.39
N ASP A 56 -0.81 11.75 -9.77
CA ASP A 56 0.01 11.95 -10.97
C ASP A 56 0.96 10.78 -11.17
N GLU A 57 1.92 10.96 -12.08
CA GLU A 57 2.90 9.92 -12.37
C GLU A 57 4.23 10.22 -11.70
N ILE A 58 5.28 9.52 -12.13
CA ILE A 58 6.61 9.72 -11.57
C ILE A 58 7.51 10.45 -12.55
N MET A 59 8.19 11.48 -12.06
CA MET A 59 9.09 12.27 -12.90
C MET A 59 10.39 11.50 -13.17
N PRO A 60 11.16 11.97 -14.16
CA PRO A 60 12.43 11.35 -14.53
C PRO A 60 13.50 11.54 -13.47
N GLU A 61 13.26 12.48 -12.55
CA GLU A 61 14.22 12.76 -11.48
C GLU A 61 14.01 11.81 -10.31
N ASP A 62 12.83 11.20 -10.25
CA ASP A 62 12.51 10.27 -9.18
C ASP A 62 12.12 8.90 -9.74
N LYS A 63 11.70 8.00 -8.86
CA LYS A 63 11.29 6.66 -9.26
C LYS A 63 10.30 6.07 -8.28
N THR A 64 9.96 4.79 -8.47
CA THR A 64 9.02 4.11 -7.59
C THR A 64 9.74 3.12 -6.68
N VAL A 65 9.69 3.37 -5.38
CA VAL A 65 10.33 2.51 -4.40
C VAL A 65 9.90 1.06 -4.59
N GLY A 66 8.63 0.86 -4.92
CA GLY A 66 8.12 -0.48 -5.12
C GLY A 66 6.61 -0.56 -4.99
N PHE A 67 6.08 -1.77 -4.99
CA PHE A 67 4.64 -1.97 -4.85
C PHE A 67 4.33 -2.98 -3.74
N VAL A 68 3.20 -2.78 -3.08
CA VAL A 68 2.78 -3.68 -2.00
C VAL A 68 1.47 -4.37 -2.34
N VAL A 69 1.46 -5.70 -2.24
CA VAL A 69 0.27 -6.48 -2.52
C VAL A 69 -0.37 -6.99 -1.23
N VAL A 70 -1.62 -6.60 -1.02
CA VAL A 70 -2.36 -7.02 0.17
C VAL A 70 -3.67 -7.71 -0.20
N ASN A 71 -3.78 -8.98 0.18
CA ASN A 71 -4.98 -9.75 -0.11
C ASN A 71 -5.66 -10.21 1.17
N ALA A 72 -6.83 -9.65 1.45
CA ALA A 72 -7.58 -10.00 2.65
C ALA A 72 -8.14 -11.42 2.55
N ASP A 73 -8.54 -11.81 1.35
CA ASP A 73 -9.09 -13.14 1.12
C ASP A 73 -8.07 -14.21 1.49
N LYS A 74 -6.81 -13.95 1.21
CA LYS A 74 -5.74 -14.90 1.51
C LYS A 74 -5.09 -14.57 2.86
N LYS A 75 -5.41 -13.40 3.39
CA LYS A 75 -4.87 -12.97 4.67
C LYS A 75 -3.34 -12.88 4.61
N LEU A 76 -2.83 -12.39 3.49
CA LEU A 76 -1.38 -12.25 3.30
C LEU A 76 -1.05 -10.96 2.55
N MET A 77 0.14 -10.44 2.82
CA MET A 77 0.58 -9.20 2.17
C MET A 77 2.08 -9.23 1.90
N SER A 78 2.46 -8.91 0.67
CA SER A 78 3.87 -8.91 0.28
C SER A 78 4.29 -7.53 -0.23
N VAL A 79 5.46 -7.08 0.21
CA VAL A 79 5.99 -5.78 -0.21
C VAL A 79 7.29 -5.93 -0.98
N SER A 80 7.29 -5.46 -2.22
CA SER A 80 8.47 -5.55 -3.07
C SER A 80 8.96 -4.16 -3.46
N PHE A 81 10.20 -3.85 -3.08
CA PHE A 81 10.80 -2.56 -3.39
C PHE A 81 12.24 -2.71 -3.83
N SER A 82 12.65 -1.87 -4.77
CA SER A 82 14.01 -1.91 -5.29
C SER A 82 14.76 -0.62 -4.99
N ASP A 83 16.09 -0.71 -4.92
CA ASP A 83 16.91 0.47 -4.64
C ASP A 83 16.20 1.41 -3.68
N ILE A 84 16.34 1.14 -2.38
CA ILE A 84 15.71 1.97 -1.36
C ILE A 84 16.69 2.30 -0.23
N ASP A 85 16.17 2.82 0.87
CA ASP A 85 16.98 3.17 2.02
C ASP A 85 16.29 2.77 3.32
N GLU A 86 17.07 2.77 4.41
CA GLU A 86 16.53 2.40 5.71
C GLU A 86 15.50 3.42 6.19
N ASN A 87 15.64 4.65 5.70
CA ASN A 87 14.73 5.73 6.07
C ASN A 87 13.28 5.37 5.70
N MET A 88 13.08 4.97 4.46
CA MET A 88 11.75 4.60 3.98
C MET A 88 11.41 3.18 4.40
N LYS A 89 12.41 2.31 4.48
CA LYS A 89 12.21 0.93 4.87
C LYS A 89 11.44 0.84 6.18
N LYS A 90 11.75 1.75 7.10
CA LYS A 90 11.09 1.78 8.40
C LYS A 90 9.59 1.94 8.24
N VAL A 91 9.19 2.76 7.27
CA VAL A 91 7.77 3.01 7.00
C VAL A 91 7.12 1.80 6.36
N ILE A 92 7.86 1.11 5.50
CA ILE A 92 7.34 -0.07 4.81
C ILE A 92 7.12 -1.21 5.79
N LYS A 93 8.11 -1.45 6.65
CA LYS A 93 8.02 -2.52 7.64
C LYS A 93 6.92 -2.23 8.65
N ALA A 94 6.84 -0.99 9.10
CA ALA A 94 5.83 -0.58 10.07
C ALA A 94 4.43 -0.71 9.49
N THR A 95 4.29 -0.40 8.20
CA THR A 95 3.00 -0.49 7.54
C THR A 95 2.56 -1.94 7.38
N ALA A 96 3.49 -2.79 6.93
CA ALA A 96 3.20 -4.20 6.74
C ALA A 96 2.95 -4.90 8.07
N GLU A 97 3.84 -4.66 9.03
CA GLU A 97 3.71 -5.27 10.36
C GLU A 97 2.43 -4.80 11.05
N LYS A 98 2.04 -3.56 10.78
CA LYS A 98 0.83 -3.00 11.38
C LYS A 98 -0.39 -3.84 11.04
N PHE A 99 -0.43 -4.34 9.81
CA PHE A 99 -1.55 -5.17 9.36
C PHE A 99 -1.59 -6.49 10.11
N LYS A 100 -0.41 -7.00 10.47
CA LYS A 100 -0.30 -8.26 11.19
C LYS A 100 -1.00 -8.16 12.56
N ASN A 101 -1.03 -6.95 13.10
CA ASN A 101 -1.66 -6.72 14.40
C ASN A 101 -3.16 -7.04 14.34
N LYS A 102 -3.69 -7.13 13.12
CA LYS A 102 -5.10 -7.43 12.93
C LYS A 102 -5.30 -8.87 12.50
N GLY A 103 -4.21 -9.64 12.50
CA GLY A 103 -4.28 -11.04 12.12
C GLY A 103 -4.07 -11.24 10.63
N PHE A 104 -2.84 -10.99 10.17
CA PHE A 104 -2.51 -11.14 8.75
C PHE A 104 -1.05 -11.52 8.58
N LYS A 105 -0.73 -12.12 7.43
CA LYS A 105 0.63 -12.53 7.14
C LYS A 105 1.38 -11.42 6.41
N VAL A 106 2.61 -11.15 6.86
CA VAL A 106 3.45 -10.12 6.25
C VAL A 106 4.69 -10.72 5.63
N GLU A 107 4.94 -10.37 4.36
CA GLU A 107 6.11 -10.87 3.64
C GLU A 107 6.89 -9.73 3.00
N THR A 108 8.21 -9.81 3.07
CA THR A 108 9.08 -8.78 2.50
C THR A 108 9.98 -9.37 1.42
N ASP A 109 10.06 -8.68 0.29
CA ASP A 109 10.89 -9.13 -0.82
C ASP A 109 11.67 -7.96 -1.43
N MET A 110 12.82 -7.65 -0.84
CA MET A 110 13.65 -6.55 -1.32
C MET A 110 14.46 -6.97 -2.54
N MET A 1 15.87 12.88 -4.39
CA MET A 1 15.04 12.16 -5.35
C MET A 1 13.69 11.80 -4.75
N THR A 2 12.70 11.58 -5.61
CA THR A 2 11.36 11.21 -5.16
C THR A 2 11.09 9.73 -5.38
N LEU A 3 10.58 9.06 -4.36
CA LEU A 3 10.26 7.64 -4.46
C LEU A 3 8.77 7.40 -4.24
N CYS A 4 8.17 6.60 -5.12
CA CYS A 4 6.75 6.30 -5.02
C CYS A 4 6.53 4.79 -4.88
N ALA A 5 5.39 4.41 -4.31
CA ALA A 5 5.07 3.01 -4.12
C ALA A 5 3.60 2.74 -4.40
N MET A 6 3.32 1.59 -5.02
CA MET A 6 1.95 1.22 -5.35
C MET A 6 1.53 -0.04 -4.60
N TYR A 7 0.44 0.07 -3.85
CA TYR A 7 -0.07 -1.06 -3.08
C TYR A 7 -1.50 -1.41 -3.49
N ASN A 8 -1.78 -2.70 -3.59
CA ASN A 8 -3.12 -3.16 -3.97
C ASN A 8 -3.79 -3.88 -2.81
N ILE A 9 -5.07 -3.56 -2.58
CA ILE A 9 -5.82 -4.18 -1.51
C ILE A 9 -6.98 -5.01 -2.06
N SER A 10 -7.10 -6.24 -1.57
CA SER A 10 -8.15 -7.15 -2.01
C SER A 10 -9.10 -7.48 -0.86
N MET A 11 -10.39 -7.20 -1.06
CA MET A 11 -11.39 -7.47 -0.04
C MET A 11 -11.94 -8.89 -0.18
N ALA A 12 -11.42 -9.63 -1.15
CA ALA A 12 -11.85 -10.99 -1.39
C ALA A 12 -11.13 -11.61 -2.58
N GLY A 13 -11.67 -12.69 -3.11
CA GLY A 13 -11.06 -13.36 -4.25
C GLY A 13 -11.48 -12.75 -5.57
N SER A 14 -11.97 -11.51 -5.52
CA SER A 14 -12.41 -10.82 -6.73
C SER A 14 -11.42 -9.73 -7.12
N HIS A 15 -11.47 -9.33 -8.39
CA HIS A 15 -10.58 -8.30 -8.90
C HIS A 15 -10.26 -7.27 -7.81
N PRO A 16 -9.02 -7.32 -7.30
CA PRO A 16 -8.57 -6.40 -6.25
C PRO A 16 -8.40 -4.97 -6.76
N THR A 17 -8.05 -4.06 -5.85
CA THR A 17 -7.86 -2.66 -6.21
C THR A 17 -6.41 -2.23 -6.02
N THR A 18 -5.85 -1.61 -7.04
CA THR A 18 -4.46 -1.15 -6.97
C THR A 18 -4.39 0.37 -6.81
N ILE A 19 -3.46 0.82 -5.98
CA ILE A 19 -3.28 2.25 -5.74
C ILE A 19 -1.81 2.64 -5.77
N CYS A 20 -1.52 3.79 -6.38
CA CYS A 20 -0.16 4.28 -6.47
C CYS A 20 -0.01 5.65 -5.81
N VAL A 21 0.80 5.71 -4.76
CA VAL A 21 1.01 6.96 -4.04
C VAL A 21 2.46 7.09 -3.60
N VAL A 22 2.95 8.33 -3.52
CA VAL A 22 4.32 8.59 -3.12
C VAL A 22 4.54 8.22 -1.66
N MET A 23 5.79 7.91 -1.32
CA MET A 23 6.13 7.54 0.05
C MET A 23 5.66 8.59 1.04
N ASP A 24 5.76 9.85 0.66
CA ASP A 24 5.33 10.96 1.52
C ASP A 24 3.86 10.83 1.87
N ARG A 25 3.06 10.37 0.92
CA ARG A 25 1.63 10.20 1.13
C ARG A 25 1.30 8.76 1.45
N PHE A 26 2.25 7.86 1.21
CA PHE A 26 2.05 6.44 1.47
C PHE A 26 1.84 6.18 2.95
N LEU A 27 2.66 6.83 3.78
CA LEU A 27 2.56 6.68 5.23
C LEU A 27 1.17 7.06 5.73
N GLU A 28 0.69 8.22 5.29
CA GLU A 28 -0.62 8.71 5.70
C GLU A 28 -1.73 7.87 5.07
N SER A 29 -1.57 7.56 3.78
CA SER A 29 -2.56 6.76 3.07
C SER A 29 -2.75 5.40 3.73
N PHE A 30 -1.65 4.81 4.18
CA PHE A 30 -1.69 3.51 4.84
C PHE A 30 -2.41 3.61 6.18
N SER A 31 -2.05 4.62 6.96
CA SER A 31 -2.64 4.83 8.28
C SER A 31 -4.16 4.92 8.18
N GLU A 32 -4.64 5.72 7.22
CA GLU A 32 -6.07 5.89 7.02
C GLU A 32 -6.68 4.66 6.36
N LEU A 33 -5.98 4.11 5.38
CA LEU A 33 -6.45 2.93 4.67
C LEU A 33 -6.74 1.78 5.64
N TYR A 34 -5.86 1.62 6.62
CA TYR A 34 -6.02 0.57 7.61
C TYR A 34 -7.27 0.80 8.46
N ASP A 35 -7.60 2.06 8.68
CA ASP A 35 -8.77 2.42 9.47
C ASP A 35 -10.06 2.16 8.69
N ILE A 36 -9.98 2.29 7.37
CA ILE A 36 -11.14 2.06 6.52
C ILE A 36 -11.18 0.62 6.01
N ILE A 37 -10.03 -0.05 6.08
CA ILE A 37 -9.94 -1.44 5.64
C ILE A 37 -10.88 -2.33 6.41
N ASP A 38 -11.34 -1.85 7.56
CA ASP A 38 -12.28 -2.61 8.39
C ASP A 38 -13.63 -2.76 7.71
N GLU A 39 -13.90 -1.88 6.75
CA GLU A 39 -15.17 -1.91 6.02
C GLU A 39 -15.17 -3.02 4.98
N ASN A 40 -16.30 -3.20 4.32
CA ASN A 40 -16.44 -4.23 3.29
C ASN A 40 -17.33 -3.76 2.16
N ASP A 41 -17.58 -2.45 2.11
CA ASP A 41 -18.42 -1.86 1.06
C ASP A 41 -17.56 -1.37 -0.09
N THR A 42 -18.02 -1.64 -1.31
CA THR A 42 -17.30 -1.22 -2.51
C THR A 42 -17.40 0.30 -2.71
N ASP A 43 -18.51 0.87 -2.26
CA ASP A 43 -18.73 2.30 -2.40
C ASP A 43 -17.74 3.08 -1.55
N VAL A 44 -17.58 2.67 -0.29
CA VAL A 44 -16.65 3.33 0.62
C VAL A 44 -15.20 3.08 0.22
N MET A 45 -14.92 1.87 -0.23
CA MET A 45 -13.58 1.50 -0.66
C MET A 45 -13.20 2.20 -1.95
N MET A 46 -14.12 2.22 -2.90
CA MET A 46 -13.89 2.87 -4.18
C MET A 46 -13.78 4.39 -4.02
N ASP A 47 -14.58 4.94 -3.12
CA ASP A 47 -14.57 6.38 -2.87
C ASP A 47 -13.28 6.79 -2.17
N PHE A 48 -12.85 5.98 -1.21
CA PHE A 48 -11.62 6.27 -0.47
C PHE A 48 -10.39 6.05 -1.34
N ILE A 49 -10.38 4.93 -2.06
CA ILE A 49 -9.27 4.58 -2.93
C ILE A 49 -9.08 5.64 -4.01
N SER A 50 -10.17 5.99 -4.69
CA SER A 50 -10.12 6.98 -5.75
C SER A 50 -9.75 8.35 -5.21
N ARG A 51 -10.25 8.66 -4.02
CA ARG A 51 -9.96 9.94 -3.39
C ARG A 51 -8.52 10.00 -2.89
N PHE A 52 -7.99 8.84 -2.52
CA PHE A 52 -6.61 8.74 -2.02
C PHE A 52 -5.64 8.45 -3.16
N ALA A 53 -6.18 8.09 -4.32
CA ALA A 53 -5.37 7.78 -5.48
C ALA A 53 -5.23 9.00 -6.39
N ARG A 54 -4.10 9.08 -7.09
CA ARG A 54 -3.84 10.20 -7.98
C ARG A 54 -3.46 9.70 -9.37
N THR A 55 -4.15 10.20 -10.39
CA THR A 55 -3.88 9.81 -11.77
C THR A 55 -2.61 10.47 -12.30
N ASP A 56 -1.48 10.14 -11.68
CA ASP A 56 -0.21 10.71 -12.09
C ASP A 56 0.80 9.60 -12.40
N GLU A 57 2.04 10.00 -12.72
CA GLU A 57 3.08 9.04 -13.04
C GLU A 57 4.40 9.42 -12.36
N ILE A 58 5.47 8.75 -12.74
CA ILE A 58 6.78 9.02 -12.16
C ILE A 58 7.70 9.70 -13.17
N MET A 59 8.34 10.78 -12.75
CA MET A 59 9.26 11.52 -13.62
C MET A 59 10.58 10.78 -13.77
N PRO A 60 11.35 11.16 -14.80
CA PRO A 60 12.65 10.54 -15.08
C PRO A 60 13.70 10.90 -14.04
N GLU A 61 13.41 11.93 -13.25
CA GLU A 61 14.33 12.37 -12.21
C GLU A 61 14.15 11.54 -10.94
N ASP A 62 13.03 10.84 -10.84
CA ASP A 62 12.73 10.02 -9.68
C ASP A 62 12.37 8.60 -10.11
N LYS A 63 11.91 7.80 -9.15
CA LYS A 63 11.52 6.42 -9.43
C LYS A 63 10.50 5.93 -8.39
N THR A 64 10.16 4.64 -8.48
CA THR A 64 9.21 4.05 -7.56
C THR A 64 9.89 3.10 -6.58
N VAL A 65 9.76 3.39 -5.30
CA VAL A 65 10.37 2.55 -4.26
C VAL A 65 9.98 1.09 -4.44
N GLY A 66 8.73 0.86 -4.80
CA GLY A 66 8.26 -0.50 -5.01
C GLY A 66 6.75 -0.60 -4.89
N PHE A 67 6.24 -1.83 -4.88
CA PHE A 67 4.80 -2.06 -4.78
C PHE A 67 4.49 -3.06 -3.67
N VAL A 68 3.35 -2.87 -3.03
CA VAL A 68 2.93 -3.75 -1.94
C VAL A 68 1.63 -4.46 -2.28
N VAL A 69 1.63 -5.79 -2.12
CA VAL A 69 0.44 -6.59 -2.40
C VAL A 69 -0.25 -7.04 -1.12
N VAL A 70 -1.50 -6.63 -0.96
CA VAL A 70 -2.27 -6.98 0.23
C VAL A 70 -3.57 -7.67 -0.15
N ASN A 71 -3.72 -8.92 0.25
CA ASN A 71 -4.93 -9.69 -0.05
C ASN A 71 -5.63 -10.13 1.23
N ALA A 72 -6.79 -9.54 1.50
CA ALA A 72 -7.56 -9.88 2.69
C ALA A 72 -8.12 -11.31 2.60
N ASP A 73 -8.51 -11.71 1.40
CA ASP A 73 -9.06 -13.04 1.18
C ASP A 73 -8.04 -14.11 1.55
N LYS A 74 -6.77 -13.85 1.26
CA LYS A 74 -5.70 -14.78 1.56
C LYS A 74 -5.08 -14.48 2.92
N LYS A 75 -5.40 -13.31 3.47
CA LYS A 75 -4.87 -12.90 4.76
C LYS A 75 -3.35 -12.84 4.74
N LEU A 76 -2.81 -12.29 3.65
CA LEU A 76 -1.36 -12.16 3.50
C LEU A 76 -1.00 -10.83 2.84
N MET A 77 0.19 -10.33 3.14
CA MET A 77 0.66 -9.06 2.58
C MET A 77 2.14 -9.11 2.29
N SER A 78 2.52 -8.79 1.05
CA SER A 78 3.93 -8.80 0.66
C SER A 78 4.36 -7.42 0.15
N VAL A 79 5.55 -7.00 0.55
CA VAL A 79 6.07 -5.70 0.14
C VAL A 79 7.38 -5.87 -0.65
N SER A 80 7.37 -5.41 -1.90
CA SER A 80 8.54 -5.51 -2.76
C SER A 80 9.05 -4.12 -3.13
N PHE A 81 10.27 -3.80 -2.70
CA PHE A 81 10.88 -2.52 -3.00
C PHE A 81 12.35 -2.67 -3.34
N SER A 82 12.87 -1.75 -4.14
CA SER A 82 14.27 -1.79 -4.55
C SER A 82 15.13 -0.96 -3.60
N ASP A 83 16.45 -1.05 -3.77
CA ASP A 83 17.39 -0.31 -2.94
C ASP A 83 16.80 1.05 -2.54
N ILE A 84 16.27 1.13 -1.33
CA ILE A 84 15.68 2.37 -0.84
C ILE A 84 16.30 2.79 0.49
N ASP A 85 16.20 4.07 0.81
CA ASP A 85 16.74 4.59 2.05
C ASP A 85 16.09 3.93 3.26
N GLU A 86 16.80 3.93 4.38
CA GLU A 86 16.29 3.32 5.60
C GLU A 86 15.15 4.15 6.19
N ASN A 87 15.16 5.45 5.90
CA ASN A 87 14.13 6.36 6.41
C ASN A 87 12.74 5.90 5.95
N MET A 88 12.61 5.66 4.65
CA MET A 88 11.34 5.21 4.09
C MET A 88 11.05 3.76 4.45
N LYS A 89 12.10 2.93 4.41
CA LYS A 89 11.96 1.52 4.73
C LYS A 89 11.25 1.33 6.07
N LYS A 90 11.56 2.21 7.02
CA LYS A 90 10.96 2.14 8.35
C LYS A 90 9.44 2.21 8.25
N VAL A 91 8.94 3.12 7.43
CA VAL A 91 7.50 3.30 7.24
C VAL A 91 6.89 2.08 6.56
N ILE A 92 7.63 1.51 5.62
CA ILE A 92 7.16 0.33 4.89
C ILE A 92 7.01 -0.87 5.81
N LYS A 93 8.03 -1.11 6.63
CA LYS A 93 8.01 -2.23 7.57
C LYS A 93 6.90 -2.05 8.60
N ALA A 94 6.74 -0.84 9.11
CA ALA A 94 5.72 -0.54 10.09
C ALA A 94 4.32 -0.70 9.49
N THR A 95 4.19 -0.38 8.21
CA THR A 95 2.91 -0.49 7.51
C THR A 95 2.49 -1.95 7.34
N ALA A 96 3.43 -2.78 6.92
CA ALA A 96 3.17 -4.20 6.72
C ALA A 96 2.90 -4.89 8.05
N GLU A 97 3.77 -4.66 9.02
CA GLU A 97 3.62 -5.26 10.34
C GLU A 97 2.35 -4.79 11.02
N LYS A 98 1.99 -3.54 10.77
CA LYS A 98 0.78 -2.95 11.37
C LYS A 98 -0.45 -3.77 11.00
N PHE A 99 -0.49 -4.25 9.77
CA PHE A 99 -1.62 -5.05 9.30
C PHE A 99 -1.71 -6.37 10.06
N LYS A 100 -0.55 -6.90 10.44
CA LYS A 100 -0.50 -8.16 11.18
C LYS A 100 -1.22 -8.04 12.51
N ASN A 101 -1.24 -6.82 13.06
CA ASN A 101 -1.90 -6.57 14.34
C ASN A 101 -3.40 -6.86 14.25
N LYS A 102 -3.91 -6.95 13.02
CA LYS A 102 -5.32 -7.22 12.79
C LYS A 102 -5.54 -8.68 12.45
N GLY A 103 -4.45 -9.42 12.25
CA GLY A 103 -4.55 -10.83 11.92
C GLY A 103 -4.25 -11.09 10.46
N PHE A 104 -3.05 -10.71 10.03
CA PHE A 104 -2.64 -10.92 8.64
C PHE A 104 -1.15 -11.26 8.56
N LYS A 105 -0.77 -11.95 7.49
CA LYS A 105 0.62 -12.34 7.29
C LYS A 105 1.42 -11.21 6.63
N VAL A 106 2.68 -11.07 7.02
CA VAL A 106 3.53 -10.04 6.45
C VAL A 106 4.80 -10.64 5.87
N GLU A 107 5.07 -10.32 4.61
CA GLU A 107 6.26 -10.83 3.92
C GLU A 107 7.04 -9.70 3.26
N THR A 108 8.36 -9.80 3.30
CA THR A 108 9.23 -8.78 2.71
C THR A 108 10.09 -9.38 1.60
N ASP A 109 10.14 -8.69 0.46
CA ASP A 109 10.94 -9.15 -0.67
C ASP A 109 11.72 -7.99 -1.29
N MET A 110 12.58 -8.32 -2.25
CA MET A 110 13.39 -7.30 -2.92
C MET A 110 13.74 -7.73 -4.34
N MET A 1 15.99 13.02 -4.03
CA MET A 1 15.14 12.39 -5.05
C MET A 1 13.78 12.04 -4.47
N THR A 2 12.81 11.81 -5.36
CA THR A 2 11.45 11.47 -4.94
C THR A 2 11.17 9.99 -5.16
N LEU A 3 10.62 9.34 -4.14
CA LEU A 3 10.30 7.91 -4.22
C LEU A 3 8.80 7.69 -4.08
N CYS A 4 8.24 6.88 -4.97
CA CYS A 4 6.81 6.57 -4.95
C CYS A 4 6.57 5.07 -4.81
N ALA A 5 5.43 4.71 -4.23
CA ALA A 5 5.09 3.31 -4.04
C ALA A 5 3.62 3.06 -4.32
N MET A 6 3.31 1.92 -4.94
CA MET A 6 1.94 1.57 -5.27
C MET A 6 1.52 0.29 -4.56
N TYR A 7 0.42 0.36 -3.80
CA TYR A 7 -0.08 -0.79 -3.06
C TYR A 7 -1.51 -1.12 -3.48
N ASN A 8 -1.80 -2.41 -3.59
CA ASN A 8 -3.13 -2.87 -3.99
C ASN A 8 -3.80 -3.63 -2.85
N ILE A 9 -5.07 -3.33 -2.63
CA ILE A 9 -5.84 -3.99 -1.56
C ILE A 9 -6.97 -4.82 -2.15
N SER A 10 -7.07 -6.07 -1.70
CA SER A 10 -8.11 -6.98 -2.17
C SER A 10 -9.09 -7.31 -1.05
N MET A 11 -10.37 -7.04 -1.29
CA MET A 11 -11.41 -7.31 -0.30
C MET A 11 -11.95 -8.73 -0.46
N ALA A 12 -11.43 -9.45 -1.45
CA ALA A 12 -11.86 -10.82 -1.70
C ALA A 12 -11.14 -11.40 -2.91
N GLY A 13 -11.64 -12.53 -3.41
CA GLY A 13 -11.03 -13.17 -4.56
C GLY A 13 -11.51 -12.59 -5.88
N SER A 14 -11.61 -11.27 -5.94
CA SER A 14 -12.06 -10.58 -7.14
C SER A 14 -11.14 -9.41 -7.48
N HIS A 15 -11.19 -8.98 -8.74
CA HIS A 15 -10.36 -7.87 -9.19
C HIS A 15 -10.13 -6.87 -8.06
N PRO A 16 -8.92 -6.90 -7.49
CA PRO A 16 -8.54 -6.01 -6.38
C PRO A 16 -8.38 -4.57 -6.84
N THR A 17 -8.04 -3.69 -5.91
CA THR A 17 -7.86 -2.28 -6.20
C THR A 17 -6.42 -1.85 -5.99
N THR A 18 -5.83 -1.23 -7.01
CA THR A 18 -4.44 -0.77 -6.93
C THR A 18 -4.38 0.75 -6.75
N ILE A 19 -3.43 1.19 -5.93
CA ILE A 19 -3.26 2.63 -5.68
C ILE A 19 -1.78 3.01 -5.69
N CYS A 20 -1.49 4.16 -6.29
CA CYS A 20 -0.11 4.65 -6.36
C CYS A 20 0.02 6.00 -5.70
N VAL A 21 0.85 6.07 -4.66
CA VAL A 21 1.06 7.32 -3.93
C VAL A 21 2.52 7.47 -3.52
N VAL A 22 2.98 8.72 -3.47
CA VAL A 22 4.37 9.00 -3.09
C VAL A 22 4.62 8.64 -1.63
N MET A 23 5.88 8.36 -1.30
CA MET A 23 6.26 8.00 0.06
C MET A 23 5.79 9.07 1.05
N ASP A 24 5.89 10.32 0.65
CA ASP A 24 5.47 11.43 1.50
C ASP A 24 4.02 11.28 1.92
N ARG A 25 3.21 10.64 1.06
CA ARG A 25 1.80 10.43 1.34
C ARG A 25 1.50 8.95 1.51
N PHE A 26 2.48 8.11 1.22
CA PHE A 26 2.32 6.66 1.33
C PHE A 26 2.14 6.25 2.80
N LEU A 27 2.98 6.80 3.66
CA LEU A 27 2.93 6.49 5.08
C LEU A 27 1.56 6.86 5.67
N GLU A 28 1.08 8.04 5.30
CA GLU A 28 -0.21 8.52 5.79
C GLU A 28 -1.36 7.76 5.12
N SER A 29 -1.26 7.59 3.80
CA SER A 29 -2.28 6.89 3.04
C SER A 29 -2.50 5.48 3.59
N PHE A 30 -1.40 4.75 3.75
CA PHE A 30 -1.47 3.38 4.25
C PHE A 30 -2.01 3.36 5.68
N SER A 31 -1.50 4.26 6.51
CA SER A 31 -1.93 4.34 7.91
C SER A 31 -3.45 4.49 7.99
N GLU A 32 -4.01 5.37 7.18
CA GLU A 32 -5.44 5.61 7.15
C GLU A 32 -6.18 4.44 6.52
N LEU A 33 -5.60 3.90 5.45
CA LEU A 33 -6.20 2.78 4.74
C LEU A 33 -6.44 1.61 5.68
N TYR A 34 -5.54 1.41 6.63
CA TYR A 34 -5.65 0.32 7.59
C TYR A 34 -6.85 0.54 8.52
N ASP A 35 -7.17 1.81 8.78
CA ASP A 35 -8.29 2.14 9.64
C ASP A 35 -9.62 1.94 8.92
N ILE A 36 -9.60 2.16 7.60
CA ILE A 36 -10.81 2.00 6.80
C ILE A 36 -10.90 0.58 6.22
N ILE A 37 -9.77 -0.12 6.23
CA ILE A 37 -9.73 -1.48 5.71
C ILE A 37 -10.77 -2.37 6.39
N ASP A 38 -11.19 -1.95 7.59
CA ASP A 38 -12.18 -2.71 8.35
C ASP A 38 -13.50 -2.79 7.59
N GLU A 39 -13.70 -1.86 6.66
CA GLU A 39 -14.92 -1.83 5.87
C GLU A 39 -14.80 -2.74 4.65
N ASN A 40 -15.93 -3.25 4.18
CA ASN A 40 -15.95 -4.15 3.03
C ASN A 40 -16.82 -3.56 1.90
N ASP A 41 -17.51 -2.47 2.21
CA ASP A 41 -18.37 -1.82 1.22
C ASP A 41 -17.55 -1.28 0.06
N THR A 42 -18.04 -1.50 -1.15
CA THR A 42 -17.35 -1.04 -2.35
C THR A 42 -17.39 0.49 -2.46
N ASP A 43 -18.46 1.08 -1.94
CA ASP A 43 -18.63 2.53 -1.98
C ASP A 43 -17.58 3.21 -1.09
N VAL A 44 -17.39 2.67 0.10
CA VAL A 44 -16.44 3.23 1.04
C VAL A 44 -15.01 3.02 0.56
N MET A 45 -14.74 1.85 0.00
CA MET A 45 -13.40 1.53 -0.51
C MET A 45 -13.10 2.33 -1.78
N MET A 46 -14.08 2.40 -2.67
CA MET A 46 -13.90 3.13 -3.92
C MET A 46 -13.80 4.63 -3.66
N ASP A 47 -14.57 5.12 -2.69
CA ASP A 47 -14.55 6.53 -2.34
C ASP A 47 -13.23 6.92 -1.68
N PHE A 48 -12.75 6.05 -0.79
CA PHE A 48 -11.50 6.31 -0.10
C PHE A 48 -10.31 6.15 -1.03
N ILE A 49 -10.32 5.08 -1.82
CA ILE A 49 -9.23 4.83 -2.77
C ILE A 49 -9.12 5.94 -3.80
N SER A 50 -10.26 6.30 -4.40
CA SER A 50 -10.29 7.36 -5.40
C SER A 50 -9.89 8.69 -4.80
N ARG A 51 -10.32 8.93 -3.57
CA ARG A 51 -10.00 10.18 -2.87
C ARG A 51 -8.54 10.21 -2.45
N PHE A 52 -7.98 9.03 -2.19
CA PHE A 52 -6.58 8.92 -1.78
C PHE A 52 -5.67 8.69 -2.98
N ALA A 53 -6.28 8.43 -4.13
CA ALA A 53 -5.52 8.18 -5.36
C ALA A 53 -5.78 9.28 -6.37
N ARG A 54 -5.45 9.00 -7.63
CA ARG A 54 -5.65 9.96 -8.72
C ARG A 54 -4.63 11.11 -8.61
N THR A 55 -3.35 10.74 -8.57
CA THR A 55 -2.29 11.74 -8.48
C THR A 55 -1.52 11.85 -9.80
N ASP A 56 -0.63 10.89 -10.05
CA ASP A 56 0.16 10.88 -11.27
C ASP A 56 1.16 9.72 -11.25
N GLU A 57 2.09 9.75 -12.21
CA GLU A 57 3.11 8.71 -12.30
C GLU A 57 4.43 9.19 -11.74
N ILE A 58 5.51 8.51 -12.10
CA ILE A 58 6.84 8.87 -11.63
C ILE A 58 7.65 9.55 -12.73
N MET A 59 8.24 10.70 -12.39
CA MET A 59 9.03 11.45 -13.35
C MET A 59 10.41 10.83 -13.51
N PRO A 60 11.12 11.22 -14.59
CA PRO A 60 12.46 10.71 -14.89
C PRO A 60 13.50 11.20 -13.89
N GLU A 61 13.15 12.21 -13.11
CA GLU A 61 14.05 12.77 -12.12
C GLU A 61 13.98 11.99 -10.81
N ASP A 62 12.90 11.24 -10.63
CA ASP A 62 12.71 10.45 -9.42
C ASP A 62 12.52 8.97 -9.78
N LYS A 63 12.05 8.19 -8.81
CA LYS A 63 11.84 6.76 -9.00
C LYS A 63 10.71 6.25 -8.11
N THR A 64 10.44 4.96 -8.18
CA THR A 64 9.40 4.35 -7.38
C THR A 64 9.96 3.31 -6.42
N VAL A 65 9.83 3.58 -5.13
CA VAL A 65 10.34 2.66 -4.10
C VAL A 65 9.93 1.23 -4.40
N GLY A 66 8.69 1.04 -4.83
CA GLY A 66 8.18 -0.28 -5.14
C GLY A 66 6.67 -0.38 -5.02
N PHE A 67 6.17 -1.61 -5.02
CA PHE A 67 4.73 -1.83 -4.92
C PHE A 67 4.42 -2.85 -3.82
N VAL A 68 3.28 -2.67 -3.16
CA VAL A 68 2.87 -3.57 -2.09
C VAL A 68 1.57 -4.28 -2.44
N VAL A 69 1.58 -5.61 -2.32
CA VAL A 69 0.40 -6.42 -2.62
C VAL A 69 -0.26 -6.91 -1.34
N VAL A 70 -1.52 -6.53 -1.14
CA VAL A 70 -2.28 -6.95 0.04
C VAL A 70 -3.57 -7.64 -0.35
N ASN A 71 -3.70 -8.91 0.03
CA ASN A 71 -4.90 -9.68 -0.28
C ASN A 71 -5.61 -10.13 0.99
N ALA A 72 -6.77 -9.53 1.26
CA ALA A 72 -7.54 -9.86 2.44
C ALA A 72 -8.12 -11.27 2.34
N ASP A 73 -8.51 -11.66 1.12
CA ASP A 73 -9.08 -12.99 0.89
C ASP A 73 -8.11 -14.08 1.31
N LYS A 74 -6.82 -13.85 1.07
CA LYS A 74 -5.79 -14.81 1.43
C LYS A 74 -5.17 -14.48 2.78
N LYS A 75 -5.43 -13.27 3.26
CA LYS A 75 -4.91 -12.83 4.55
C LYS A 75 -3.38 -12.73 4.51
N LEU A 76 -2.85 -12.30 3.36
CA LEU A 76 -1.41 -12.17 3.21
C LEU A 76 -1.07 -10.90 2.40
N MET A 77 0.08 -10.31 2.70
CA MET A 77 0.52 -9.11 2.00
C MET A 77 2.04 -9.09 1.84
N SER A 78 2.50 -8.83 0.63
CA SER A 78 3.93 -8.79 0.35
C SER A 78 4.34 -7.42 -0.18
N VAL A 79 5.49 -6.93 0.28
CA VAL A 79 6.00 -5.64 -0.15
C VAL A 79 7.30 -5.78 -0.93
N SER A 80 7.29 -5.32 -2.18
CA SER A 80 8.47 -5.42 -3.03
C SER A 80 8.99 -4.02 -3.38
N PHE A 81 10.24 -3.74 -3.01
CA PHE A 81 10.85 -2.45 -3.28
C PHE A 81 12.29 -2.62 -3.75
N SER A 82 12.73 -1.71 -4.63
CA SER A 82 14.08 -1.77 -5.16
C SER A 82 14.89 -0.55 -4.72
N ASP A 83 16.21 -0.71 -4.66
CA ASP A 83 17.09 0.37 -4.26
C ASP A 83 16.33 1.42 -3.44
N ILE A 84 16.20 1.18 -2.14
CA ILE A 84 15.51 2.10 -1.26
C ILE A 84 16.40 2.55 -0.11
N ASP A 85 15.83 3.33 0.81
CA ASP A 85 16.58 3.82 1.96
C ASP A 85 16.02 3.26 3.25
N GLU A 86 16.88 3.11 4.25
CA GLU A 86 16.46 2.57 5.55
C GLU A 86 15.45 3.49 6.22
N ASN A 87 15.51 4.77 5.86
CA ASN A 87 14.60 5.76 6.44
C ASN A 87 13.15 5.41 6.12
N MET A 88 12.88 5.09 4.85
CA MET A 88 11.54 4.74 4.42
C MET A 88 11.21 3.30 4.79
N LYS A 89 12.23 2.45 4.79
CA LYS A 89 12.06 1.04 5.11
C LYS A 89 11.30 0.88 6.43
N LYS A 90 11.62 1.75 7.39
CA LYS A 90 10.96 1.70 8.70
C LYS A 90 9.45 1.86 8.55
N VAL A 91 9.03 2.71 7.63
CA VAL A 91 7.62 2.95 7.38
C VAL A 91 6.97 1.77 6.68
N ILE A 92 7.71 1.15 5.77
CA ILE A 92 7.21 0.00 5.03
C ILE A 92 7.03 -1.21 5.94
N LYS A 93 8.04 -1.49 6.76
CA LYS A 93 8.00 -2.61 7.69
C LYS A 93 6.92 -2.40 8.75
N ALA A 94 6.84 -1.18 9.27
CA ALA A 94 5.85 -0.85 10.29
C ALA A 94 4.44 -0.98 9.74
N THR A 95 4.25 -0.59 8.49
CA THR A 95 2.94 -0.67 7.86
C THR A 95 2.52 -2.11 7.63
N ALA A 96 3.45 -2.92 7.13
CA ALA A 96 3.18 -4.33 6.87
C ALA A 96 2.92 -5.08 8.17
N GLU A 97 3.80 -4.88 9.15
CA GLU A 97 3.67 -5.55 10.44
C GLU A 97 2.42 -5.06 11.17
N LYS A 98 2.05 -3.81 10.96
CA LYS A 98 0.88 -3.22 11.60
C LYS A 98 -0.37 -4.02 11.26
N PHE A 99 -0.45 -4.50 10.02
CA PHE A 99 -1.60 -5.27 9.57
C PHE A 99 -1.73 -6.56 10.39
N LYS A 100 -0.59 -7.12 10.80
CA LYS A 100 -0.58 -8.34 11.59
C LYS A 100 -1.33 -8.15 12.91
N ASN A 101 -1.32 -6.92 13.41
CA ASN A 101 -2.00 -6.62 14.67
C ASN A 101 -3.50 -6.86 14.55
N LYS A 102 -3.98 -6.96 13.32
CA LYS A 102 -5.40 -7.19 13.06
C LYS A 102 -5.65 -8.63 12.66
N GLY A 103 -4.56 -9.38 12.45
CA GLY A 103 -4.70 -10.77 12.06
C GLY A 103 -4.44 -10.98 10.58
N PHE A 104 -3.21 -10.74 10.14
CA PHE A 104 -2.85 -10.90 8.74
C PHE A 104 -1.38 -11.22 8.59
N LYS A 105 -1.01 -11.86 7.49
CA LYS A 105 0.37 -12.23 7.22
C LYS A 105 1.07 -11.17 6.37
N VAL A 106 2.29 -10.81 6.75
CA VAL A 106 3.05 -9.81 6.03
C VAL A 106 4.44 -10.34 5.66
N GLU A 107 4.83 -10.13 4.41
CA GLU A 107 6.14 -10.58 3.93
C GLU A 107 6.88 -9.45 3.23
N THR A 108 8.21 -9.46 3.35
CA THR A 108 9.04 -8.45 2.74
C THR A 108 10.01 -9.06 1.73
N ASP A 109 10.10 -8.46 0.56
CA ASP A 109 10.99 -8.95 -0.49
C ASP A 109 11.74 -7.79 -1.15
N MET A 110 13.01 -8.02 -1.46
CA MET A 110 13.84 -6.99 -2.09
C MET A 110 14.29 -7.44 -3.47
N MET A 1 15.57 12.86 -4.37
CA MET A 1 14.78 12.34 -5.46
C MET A 1 13.36 12.00 -5.00
N THR A 2 12.49 11.68 -5.96
CA THR A 2 11.11 11.35 -5.65
C THR A 2 10.87 9.84 -5.75
N LEU A 3 10.37 9.26 -4.66
CA LEU A 3 10.10 7.83 -4.61
C LEU A 3 8.62 7.57 -4.37
N CYS A 4 8.00 6.83 -5.28
CA CYS A 4 6.57 6.50 -5.17
C CYS A 4 6.37 5.00 -5.12
N ALA A 5 5.27 4.57 -4.49
CA ALA A 5 4.96 3.15 -4.38
C ALA A 5 3.48 2.90 -4.65
N MET A 6 3.19 1.78 -5.29
CA MET A 6 1.81 1.41 -5.60
C MET A 6 1.42 0.10 -4.91
N TYR A 7 0.33 0.15 -4.15
CA TYR A 7 -0.15 -1.03 -3.43
C TYR A 7 -1.58 -1.36 -3.82
N ASN A 8 -1.90 -2.65 -3.85
CA ASN A 8 -3.24 -3.10 -4.21
C ASN A 8 -3.90 -3.84 -3.05
N ILE A 9 -5.15 -3.50 -2.77
CA ILE A 9 -5.89 -4.14 -1.69
C ILE A 9 -7.08 -4.93 -2.23
N SER A 10 -7.20 -6.17 -1.77
CA SER A 10 -8.28 -7.04 -2.20
C SER A 10 -9.20 -7.39 -1.03
N MET A 11 -10.49 -7.10 -1.19
CA MET A 11 -11.47 -7.37 -0.14
C MET A 11 -12.05 -8.78 -0.30
N ALA A 12 -11.56 -9.50 -1.32
CA ALA A 12 -12.04 -10.85 -1.59
C ALA A 12 -11.36 -11.44 -2.82
N GLY A 13 -11.89 -12.55 -3.32
CA GLY A 13 -11.33 -13.19 -4.49
C GLY A 13 -11.86 -12.60 -5.78
N SER A 14 -11.95 -11.27 -5.84
CA SER A 14 -12.45 -10.59 -7.02
C SER A 14 -11.55 -9.43 -7.40
N HIS A 15 -11.63 -8.99 -8.65
CA HIS A 15 -10.83 -7.88 -9.14
C HIS A 15 -10.51 -6.91 -8.01
N PRO A 16 -9.26 -6.97 -7.51
CA PRO A 16 -8.81 -6.10 -6.43
C PRO A 16 -8.66 -4.64 -6.86
N THR A 17 -8.25 -3.79 -5.94
CA THR A 17 -8.08 -2.37 -6.23
C THR A 17 -6.62 -1.96 -6.10
N THR A 18 -6.11 -1.25 -7.11
CA THR A 18 -4.73 -0.80 -7.10
C THR A 18 -4.64 0.70 -6.81
N ILE A 19 -3.62 1.09 -6.06
CA ILE A 19 -3.42 2.49 -5.72
C ILE A 19 -1.95 2.87 -5.78
N CYS A 20 -1.66 4.01 -6.40
CA CYS A 20 -0.29 4.50 -6.53
C CYS A 20 -0.14 5.88 -5.91
N VAL A 21 0.70 5.96 -4.88
CA VAL A 21 0.94 7.23 -4.19
C VAL A 21 2.41 7.38 -3.82
N VAL A 22 2.88 8.62 -3.79
CA VAL A 22 4.28 8.90 -3.44
C VAL A 22 4.57 8.53 -1.99
N MET A 23 5.83 8.26 -1.70
CA MET A 23 6.25 7.87 -0.35
C MET A 23 5.77 8.91 0.66
N ASP A 24 5.80 10.19 0.26
CA ASP A 24 5.37 11.27 1.14
C ASP A 24 3.95 11.05 1.61
N ARG A 25 3.10 10.56 0.72
CA ARG A 25 1.70 10.31 1.05
C ARG A 25 1.45 8.82 1.24
N PHE A 26 2.43 8.00 0.89
CA PHE A 26 2.31 6.56 1.03
C PHE A 26 2.20 6.15 2.50
N LEU A 27 3.04 6.74 3.34
CA LEU A 27 3.04 6.45 4.77
C LEU A 27 1.69 6.77 5.38
N GLU A 28 1.18 7.96 5.10
CA GLU A 28 -0.11 8.39 5.62
C GLU A 28 -1.26 7.59 4.99
N SER A 29 -1.21 7.46 3.66
CA SER A 29 -2.23 6.72 2.94
C SER A 29 -2.39 5.31 3.49
N PHE A 30 -1.29 4.56 3.50
CA PHE A 30 -1.31 3.20 4.00
C PHE A 30 -1.83 3.15 5.43
N SER A 31 -1.30 4.01 6.28
CA SER A 31 -1.71 4.07 7.68
C SER A 31 -3.22 4.24 7.80
N GLU A 32 -3.77 5.13 6.99
CA GLU A 32 -5.22 5.38 7.00
C GLU A 32 -5.98 4.21 6.39
N LEU A 33 -5.43 3.65 5.32
CA LEU A 33 -6.05 2.51 4.64
C LEU A 33 -6.29 1.36 5.61
N TYR A 34 -5.35 1.17 6.53
CA TYR A 34 -5.46 0.10 7.51
C TYR A 34 -6.63 0.34 8.47
N ASP A 35 -6.91 1.61 8.72
CA ASP A 35 -8.00 1.99 9.61
C ASP A 35 -9.35 1.80 8.93
N ILE A 36 -9.38 2.04 7.62
CA ILE A 36 -10.61 1.89 6.85
C ILE A 36 -10.74 0.47 6.29
N ILE A 37 -9.64 -0.26 6.29
CA ILE A 37 -9.63 -1.63 5.78
C ILE A 37 -10.68 -2.48 6.47
N ASP A 38 -11.09 -2.06 7.67
CA ASP A 38 -12.10 -2.78 8.43
C ASP A 38 -13.44 -2.77 7.70
N GLU A 39 -13.64 -1.78 6.84
CA GLU A 39 -14.88 -1.66 6.08
C GLU A 39 -14.89 -2.63 4.91
N ASN A 40 -16.09 -3.07 4.53
CA ASN A 40 -16.25 -4.01 3.43
C ASN A 40 -17.08 -3.39 2.30
N ASP A 41 -17.73 -2.27 2.61
CA ASP A 41 -18.56 -1.57 1.63
C ASP A 41 -17.71 -1.07 0.47
N THR A 42 -18.21 -1.26 -0.75
CA THR A 42 -17.50 -0.82 -1.94
C THR A 42 -17.55 0.69 -2.09
N ASP A 43 -18.61 1.30 -1.58
CA ASP A 43 -18.78 2.74 -1.65
C ASP A 43 -17.71 3.45 -0.81
N VAL A 44 -17.52 2.98 0.41
CA VAL A 44 -16.53 3.57 1.31
C VAL A 44 -15.11 3.27 0.83
N MET A 45 -14.90 2.07 0.31
CA MET A 45 -13.59 1.67 -0.19
C MET A 45 -13.25 2.41 -1.47
N MET A 46 -14.21 2.48 -2.38
CA MET A 46 -14.02 3.17 -3.65
C MET A 46 -13.84 4.66 -3.45
N ASP A 47 -14.60 5.22 -2.50
CA ASP A 47 -14.52 6.65 -2.20
C ASP A 47 -13.18 7.00 -1.55
N PHE A 48 -12.74 6.16 -0.62
CA PHE A 48 -11.49 6.38 0.08
C PHE A 48 -10.30 6.11 -0.85
N ILE A 49 -10.38 5.02 -1.60
CA ILE A 49 -9.30 4.66 -2.52
C ILE A 49 -9.11 5.74 -3.59
N SER A 50 -10.21 6.16 -4.20
CA SER A 50 -10.17 7.17 -5.24
C SER A 50 -9.67 8.51 -4.67
N ARG A 51 -10.09 8.81 -3.45
CA ARG A 51 -9.67 10.05 -2.79
C ARG A 51 -8.23 9.98 -2.34
N PHE A 52 -7.76 8.78 -2.04
CA PHE A 52 -6.39 8.57 -1.60
C PHE A 52 -5.49 8.18 -2.77
N ALA A 53 -6.10 7.96 -3.93
CA ALA A 53 -5.35 7.58 -5.13
C ALA A 53 -4.94 8.81 -5.92
N ARG A 54 -3.93 8.64 -6.77
CA ARG A 54 -3.44 9.74 -7.59
C ARG A 54 -2.85 9.21 -8.91
N THR A 55 -3.41 9.69 -10.02
CA THR A 55 -2.93 9.27 -11.34
C THR A 55 -1.62 9.94 -11.69
N ASP A 56 -0.57 9.61 -10.94
CA ASP A 56 0.75 10.18 -11.19
C ASP A 56 1.81 9.10 -11.30
N GLU A 57 2.67 9.21 -12.32
CA GLU A 57 3.73 8.22 -12.53
C GLU A 57 5.05 8.72 -11.97
N ILE A 58 6.13 8.06 -12.36
CA ILE A 58 7.46 8.43 -11.88
C ILE A 58 8.28 9.06 -13.00
N MET A 59 8.88 10.21 -12.71
CA MET A 59 9.70 10.91 -13.69
C MET A 59 11.06 10.24 -13.85
N PRO A 60 11.79 10.61 -14.91
CA PRO A 60 13.11 10.06 -15.21
C PRO A 60 14.17 10.52 -14.21
N GLU A 61 13.88 11.63 -13.53
CA GLU A 61 14.81 12.18 -12.55
C GLU A 61 14.60 11.55 -11.18
N ASP A 62 13.43 10.92 -11.00
CA ASP A 62 13.10 10.27 -9.74
C ASP A 62 13.01 8.76 -9.91
N LYS A 63 12.38 8.10 -8.96
CA LYS A 63 12.23 6.65 -9.00
C LYS A 63 10.96 6.21 -8.27
N THR A 64 10.74 4.90 -8.20
CA THR A 64 9.57 4.36 -7.53
C THR A 64 9.96 3.44 -6.38
N VAL A 65 9.45 3.73 -5.20
CA VAL A 65 9.75 2.93 -4.01
C VAL A 65 9.53 1.44 -4.28
N GLY A 66 8.38 1.12 -4.89
CA GLY A 66 8.07 -0.26 -5.18
C GLY A 66 6.57 -0.52 -5.22
N PHE A 67 6.20 -1.79 -5.21
CA PHE A 67 4.78 -2.17 -5.25
C PHE A 67 4.46 -3.13 -4.11
N VAL A 68 3.30 -2.93 -3.48
CA VAL A 68 2.86 -3.78 -2.38
C VAL A 68 1.57 -4.50 -2.71
N VAL A 69 1.54 -5.81 -2.51
CA VAL A 69 0.35 -6.60 -2.79
C VAL A 69 -0.33 -7.05 -1.50
N VAL A 70 -1.58 -6.65 -1.32
CA VAL A 70 -2.35 -7.02 -0.13
C VAL A 70 -3.65 -7.71 -0.51
N ASN A 71 -3.77 -8.98 -0.12
CA ASN A 71 -4.97 -9.76 -0.41
C ASN A 71 -5.64 -10.23 0.87
N ALA A 72 -6.79 -9.64 1.17
CA ALA A 72 -7.54 -10.00 2.38
C ALA A 72 -8.14 -11.40 2.25
N ASP A 73 -8.58 -11.74 1.05
CA ASP A 73 -9.19 -13.04 0.80
C ASP A 73 -8.18 -14.16 1.08
N LYS A 74 -6.92 -13.91 0.76
CA LYS A 74 -5.87 -14.89 0.98
C LYS A 74 -5.20 -14.68 2.33
N LYS A 75 -5.50 -13.56 2.96
CA LYS A 75 -4.93 -13.24 4.27
C LYS A 75 -3.41 -13.14 4.18
N LEU A 76 -2.91 -12.62 3.07
CA LEU A 76 -1.48 -12.47 2.87
C LEU A 76 -1.15 -11.15 2.18
N MET A 77 -0.01 -10.57 2.53
CA MET A 77 0.41 -9.30 1.95
C MET A 77 1.93 -9.26 1.81
N SER A 78 2.40 -8.92 0.60
CA SER A 78 3.83 -8.83 0.34
C SER A 78 4.22 -7.44 -0.13
N VAL A 79 5.33 -6.93 0.38
CA VAL A 79 5.82 -5.61 0.02
C VAL A 79 7.16 -5.69 -0.71
N SER A 80 7.18 -5.20 -1.95
CA SER A 80 8.40 -5.22 -2.75
C SER A 80 8.87 -3.81 -3.06
N PHE A 81 10.09 -3.48 -2.63
CA PHE A 81 10.66 -2.17 -2.86
C PHE A 81 12.10 -2.28 -3.36
N SER A 82 12.50 -1.34 -4.21
CA SER A 82 13.85 -1.33 -4.76
C SER A 82 14.60 -0.08 -4.31
N ASP A 83 15.92 -0.21 -4.21
CA ASP A 83 16.77 0.92 -3.79
C ASP A 83 15.97 1.92 -2.97
N ILE A 84 15.79 1.61 -1.69
CA ILE A 84 15.04 2.48 -0.79
C ILE A 84 15.85 2.83 0.44
N ASP A 85 15.66 4.03 0.97
CA ASP A 85 16.37 4.47 2.16
C ASP A 85 15.78 3.84 3.42
N GLU A 86 16.57 3.80 4.48
CA GLU A 86 16.13 3.22 5.74
C GLU A 86 15.05 4.07 6.38
N ASN A 87 15.05 5.36 6.07
CA ASN A 87 14.07 6.29 6.61
C ASN A 87 12.66 5.88 6.22
N MET A 88 12.46 5.59 4.93
CA MET A 88 11.17 5.18 4.42
C MET A 88 10.88 3.72 4.77
N LYS A 89 11.93 2.91 4.79
CA LYS A 89 11.79 1.49 5.12
C LYS A 89 11.05 1.30 6.43
N LYS A 90 11.32 2.18 7.39
CA LYS A 90 10.68 2.10 8.70
C LYS A 90 9.17 2.20 8.56
N VAL A 91 8.70 3.04 7.64
CA VAL A 91 7.28 3.22 7.41
C VAL A 91 6.67 2.01 6.71
N ILE A 92 7.44 1.40 5.80
CA ILE A 92 6.98 0.23 5.08
C ILE A 92 6.86 -0.97 6.00
N LYS A 93 7.88 -1.20 6.82
CA LYS A 93 7.89 -2.31 7.76
C LYS A 93 6.80 -2.15 8.81
N ALA A 94 6.65 -0.92 9.31
CA ALA A 94 5.65 -0.63 10.33
C ALA A 94 4.24 -0.86 9.80
N THR A 95 4.02 -0.45 8.55
CA THR A 95 2.71 -0.63 7.91
C THR A 95 2.40 -2.09 7.68
N ALA A 96 3.39 -2.83 7.18
CA ALA A 96 3.22 -4.25 6.90
C ALA A 96 2.99 -5.03 8.18
N GLU A 97 3.85 -4.80 9.18
CA GLU A 97 3.75 -5.48 10.46
C GLU A 97 2.43 -5.13 11.16
N LYS A 98 1.98 -3.90 10.95
CA LYS A 98 0.74 -3.43 11.56
C LYS A 98 -0.44 -4.32 11.16
N PHE A 99 -0.44 -4.76 9.91
CA PHE A 99 -1.51 -5.61 9.40
C PHE A 99 -1.55 -6.93 10.16
N LYS A 100 -0.38 -7.41 10.57
CA LYS A 100 -0.28 -8.67 11.31
C LYS A 100 -1.02 -8.57 12.65
N ASN A 101 -1.07 -7.37 13.20
CA ASN A 101 -1.73 -7.15 14.47
C ASN A 101 -3.22 -7.46 14.37
N LYS A 102 -3.72 -7.54 13.13
CA LYS A 102 -5.13 -7.84 12.90
C LYS A 102 -5.33 -9.32 12.59
N GLY A 103 -4.23 -10.08 12.64
CA GLY A 103 -4.31 -11.50 12.36
C GLY A 103 -4.21 -11.81 10.88
N PHE A 104 -3.06 -11.53 10.29
CA PHE A 104 -2.84 -11.78 8.87
C PHE A 104 -1.39 -12.17 8.60
N LYS A 105 -1.05 -12.32 7.33
CA LYS A 105 0.30 -12.69 6.93
C LYS A 105 0.99 -11.55 6.19
N VAL A 106 2.10 -11.07 6.74
CA VAL A 106 2.85 -9.98 6.14
C VAL A 106 4.27 -10.41 5.79
N GLU A 107 4.67 -10.19 4.55
CA GLU A 107 6.00 -10.55 4.08
C GLU A 107 6.68 -9.38 3.39
N THR A 108 8.00 -9.29 3.55
CA THR A 108 8.77 -8.22 2.94
C THR A 108 9.81 -8.77 1.97
N ASP A 109 9.88 -8.18 0.78
CA ASP A 109 10.83 -8.61 -0.23
C ASP A 109 11.99 -7.63 -0.34
N MET A 110 13.06 -8.05 -1.03
CA MET A 110 14.22 -7.21 -1.21
C MET A 110 14.89 -6.91 0.14
N MET A 1 15.92 13.28 -5.41
CA MET A 1 15.10 12.42 -6.25
C MET A 1 13.75 12.12 -5.58
N THR A 2 12.77 11.75 -6.38
CA THR A 2 11.44 11.44 -5.86
C THR A 2 11.19 9.93 -5.88
N LEU A 3 10.71 9.41 -4.75
CA LEU A 3 10.42 7.98 -4.63
C LEU A 3 8.95 7.75 -4.34
N CYS A 4 8.30 6.95 -5.17
CA CYS A 4 6.89 6.64 -4.99
C CYS A 4 6.67 5.14 -4.81
N ALA A 5 5.53 4.78 -4.23
CA ALA A 5 5.20 3.38 -3.99
C ALA A 5 3.75 3.09 -4.34
N MET A 6 3.51 1.92 -4.93
CA MET A 6 2.16 1.51 -5.32
C MET A 6 1.72 0.27 -4.54
N TYR A 7 0.59 0.39 -3.86
CA TYR A 7 0.06 -0.72 -3.07
C TYR A 7 -1.34 -1.09 -3.55
N ASN A 8 -1.63 -2.40 -3.57
CA ASN A 8 -2.93 -2.90 -4.00
C ASN A 8 -3.64 -3.62 -2.86
N ILE A 9 -4.92 -3.33 -2.69
CA ILE A 9 -5.71 -3.95 -1.64
C ILE A 9 -6.82 -4.82 -2.23
N SER A 10 -6.91 -6.05 -1.75
CA SER A 10 -7.93 -6.98 -2.23
C SER A 10 -8.86 -7.40 -1.10
N MET A 11 -10.16 -7.19 -1.30
CA MET A 11 -11.15 -7.55 -0.30
C MET A 11 -11.72 -8.94 -0.56
N ALA A 12 -11.22 -9.58 -1.61
CA ALA A 12 -11.68 -10.92 -1.97
C ALA A 12 -10.93 -11.44 -3.20
N GLY A 13 -11.47 -12.49 -3.81
CA GLY A 13 -10.84 -13.07 -4.98
C GLY A 13 -11.26 -12.38 -6.27
N SER A 14 -11.80 -11.17 -6.14
CA SER A 14 -12.24 -10.41 -7.29
C SER A 14 -11.30 -9.25 -7.58
N HIS A 15 -11.34 -8.75 -8.81
CA HIS A 15 -10.48 -7.64 -9.23
C HIS A 15 -10.21 -6.71 -8.06
N PRO A 16 -8.98 -6.76 -7.53
CA PRO A 16 -8.57 -5.92 -6.39
C PRO A 16 -8.44 -4.45 -6.78
N THR A 17 -7.98 -3.63 -5.84
CA THR A 17 -7.82 -2.20 -6.08
C THR A 17 -6.36 -1.79 -6.00
N THR A 18 -5.88 -1.13 -7.05
CA THR A 18 -4.49 -0.68 -7.08
C THR A 18 -4.39 0.82 -6.88
N ILE A 19 -3.46 1.24 -6.02
CA ILE A 19 -3.27 2.66 -5.74
C ILE A 19 -1.78 3.02 -5.73
N CYS A 20 -1.46 4.18 -6.28
CA CYS A 20 -0.09 4.65 -6.33
C CYS A 20 0.06 6.00 -5.66
N VAL A 21 0.89 6.06 -4.61
CA VAL A 21 1.12 7.30 -3.88
C VAL A 21 2.60 7.46 -3.52
N VAL A 22 3.06 8.70 -3.48
CA VAL A 22 4.44 9.00 -3.15
C VAL A 22 4.77 8.59 -1.71
N MET A 23 6.05 8.34 -1.45
CA MET A 23 6.49 7.95 -0.11
C MET A 23 6.01 8.94 0.93
N ASP A 24 6.03 10.22 0.58
CA ASP A 24 5.60 11.27 1.49
C ASP A 24 4.17 11.05 1.94
N ARG A 25 3.33 10.59 1.01
CA ARG A 25 1.92 10.34 1.31
C ARG A 25 1.67 8.84 1.49
N PHE A 26 2.66 8.03 1.16
CA PHE A 26 2.55 6.58 1.28
C PHE A 26 2.40 6.16 2.75
N LEU A 27 3.22 6.76 3.61
CA LEU A 27 3.18 6.45 5.03
C LEU A 27 1.81 6.75 5.61
N GLU A 28 1.29 7.95 5.32
CA GLU A 28 -0.02 8.35 5.82
C GLU A 28 -1.13 7.56 5.14
N SER A 29 -1.04 7.46 3.80
CA SER A 29 -2.04 6.74 3.03
C SER A 29 -2.23 5.32 3.57
N PHE A 30 -1.12 4.60 3.72
CA PHE A 30 -1.16 3.24 4.22
C PHE A 30 -1.73 3.19 5.64
N SER A 31 -1.25 4.09 6.49
CA SER A 31 -1.70 4.15 7.88
C SER A 31 -3.21 4.29 7.94
N GLU A 32 -3.75 5.20 7.13
CA GLU A 32 -5.19 5.44 7.09
C GLU A 32 -5.92 4.29 6.42
N LEU A 33 -5.33 3.78 5.33
CA LEU A 33 -5.94 2.67 4.59
C LEU A 33 -6.19 1.48 5.51
N TYR A 34 -5.27 1.25 6.45
CA TYR A 34 -5.40 0.15 7.39
C TYR A 34 -6.57 0.36 8.33
N ASP A 35 -6.85 1.61 8.65
CA ASP A 35 -7.95 1.96 9.54
C ASP A 35 -9.30 1.78 8.83
N ILE A 36 -9.30 1.96 7.52
CA ILE A 36 -10.51 1.82 6.73
C ILE A 36 -10.63 0.40 6.15
N ILE A 37 -9.50 -0.30 6.09
CA ILE A 37 -9.49 -1.66 5.57
C ILE A 37 -10.41 -2.58 6.37
N ASP A 38 -10.77 -2.14 7.57
CA ASP A 38 -11.65 -2.91 8.44
C ASP A 38 -13.02 -3.10 7.79
N GLU A 39 -13.38 -2.17 6.91
CA GLU A 39 -14.67 -2.23 6.23
C GLU A 39 -14.63 -3.23 5.08
N ASN A 40 -15.78 -3.48 4.48
CA ASN A 40 -15.88 -4.42 3.37
C ASN A 40 -16.81 -3.89 2.29
N ASP A 41 -17.16 -2.61 2.39
CA ASP A 41 -18.05 -1.98 1.42
C ASP A 41 -17.25 -1.40 0.25
N THR A 42 -17.75 -1.60 -0.96
CA THR A 42 -17.08 -1.10 -2.16
C THR A 42 -17.21 0.42 -2.26
N ASP A 43 -18.30 0.95 -1.73
CA ASP A 43 -18.54 2.39 -1.76
C ASP A 43 -17.51 3.13 -0.91
N VAL A 44 -17.28 2.63 0.30
CA VAL A 44 -16.33 3.25 1.21
C VAL A 44 -14.89 3.07 0.71
N MET A 45 -14.62 1.89 0.16
CA MET A 45 -13.29 1.58 -0.35
C MET A 45 -13.01 2.37 -1.63
N MET A 46 -13.99 2.43 -2.51
CA MET A 46 -13.85 3.16 -3.77
C MET A 46 -13.75 4.67 -3.52
N ASP A 47 -14.51 5.14 -2.53
CA ASP A 47 -14.50 6.56 -2.20
C ASP A 47 -13.17 6.97 -1.56
N PHE A 48 -12.65 6.11 -0.68
CA PHE A 48 -11.39 6.37 -0.01
C PHE A 48 -10.22 6.24 -0.97
N ILE A 49 -10.22 5.17 -1.76
CA ILE A 49 -9.17 4.91 -2.73
C ILE A 49 -9.09 6.03 -3.76
N SER A 50 -10.24 6.37 -4.34
CA SER A 50 -10.31 7.42 -5.35
C SER A 50 -9.94 8.77 -4.76
N ARG A 51 -10.38 9.00 -3.53
CA ARG A 51 -10.10 10.26 -2.85
C ARG A 51 -8.62 10.37 -2.48
N PHE A 52 -8.03 9.25 -2.07
CA PHE A 52 -6.63 9.21 -1.69
C PHE A 52 -5.74 9.12 -2.93
N ALA A 53 -6.32 8.67 -4.04
CA ALA A 53 -5.58 8.53 -5.28
C ALA A 53 -5.96 9.62 -6.27
N ARG A 54 -5.19 9.73 -7.34
CA ARG A 54 -5.43 10.74 -8.36
C ARG A 54 -4.73 10.39 -9.67
N THR A 55 -4.49 9.09 -9.87
CA THR A 55 -3.82 8.62 -11.08
C THR A 55 -2.58 9.46 -11.38
N ASP A 56 -1.46 9.08 -10.79
CA ASP A 56 -0.20 9.79 -11.01
C ASP A 56 0.81 8.91 -11.72
N GLU A 57 1.96 9.49 -12.05
CA GLU A 57 3.02 8.75 -12.74
C GLU A 57 4.39 9.12 -12.18
N ILE A 58 5.42 8.42 -12.65
CA ILE A 58 6.79 8.68 -12.20
C ILE A 58 7.62 9.30 -13.32
N MET A 59 8.34 10.37 -12.98
CA MET A 59 9.18 11.06 -13.95
C MET A 59 10.46 10.27 -14.22
N PRO A 60 11.13 10.58 -15.33
CA PRO A 60 12.38 9.92 -15.73
C PRO A 60 13.54 10.27 -14.80
N GLU A 61 13.41 11.39 -14.10
CA GLU A 61 14.45 11.83 -13.18
C GLU A 61 14.33 11.14 -11.83
N ASP A 62 13.15 10.58 -11.57
CA ASP A 62 12.90 9.88 -10.31
C ASP A 62 12.50 8.43 -10.56
N LYS A 63 12.02 7.76 -9.52
CA LYS A 63 11.59 6.38 -9.62
C LYS A 63 10.63 6.01 -8.50
N THR A 64 10.24 4.74 -8.45
CA THR A 64 9.33 4.26 -7.43
C THR A 64 10.05 3.40 -6.40
N VAL A 65 9.86 3.73 -5.12
CA VAL A 65 10.50 2.98 -4.04
C VAL A 65 10.13 1.51 -4.10
N GLY A 66 8.86 1.22 -4.36
CA GLY A 66 8.41 -0.16 -4.44
C GLY A 66 6.90 -0.27 -4.44
N PHE A 67 6.41 -1.51 -4.47
CA PHE A 67 4.97 -1.75 -4.47
C PHE A 67 4.58 -2.74 -3.38
N VAL A 68 3.39 -2.57 -2.82
CA VAL A 68 2.90 -3.46 -1.78
C VAL A 68 1.64 -4.20 -2.21
N VAL A 69 1.63 -5.51 -2.00
CA VAL A 69 0.48 -6.33 -2.38
C VAL A 69 -0.20 -6.92 -1.14
N VAL A 70 -1.46 -6.55 -0.95
CA VAL A 70 -2.23 -7.04 0.19
C VAL A 70 -3.50 -7.73 -0.26
N ASN A 71 -3.64 -9.01 0.06
CA ASN A 71 -4.81 -9.79 -0.31
C ASN A 71 -5.55 -10.28 0.93
N ALA A 72 -6.72 -9.69 1.18
CA ALA A 72 -7.54 -10.07 2.32
C ALA A 72 -8.11 -11.48 2.16
N ASP A 73 -8.44 -11.84 0.93
CA ASP A 73 -9.00 -13.15 0.63
C ASP A 73 -8.02 -14.25 1.05
N LYS A 74 -6.72 -14.00 0.86
CA LYS A 74 -5.70 -14.96 1.21
C LYS A 74 -5.13 -14.67 2.59
N LYS A 75 -5.50 -13.52 3.16
CA LYS A 75 -5.03 -13.13 4.48
C LYS A 75 -3.52 -13.01 4.51
N LEU A 76 -2.94 -12.51 3.42
CA LEU A 76 -1.50 -12.35 3.32
C LEU A 76 -1.15 -11.04 2.61
N MET A 77 0.02 -10.51 2.92
CA MET A 77 0.49 -9.26 2.30
C MET A 77 1.99 -9.29 2.10
N SER A 78 2.42 -8.94 0.89
CA SER A 78 3.85 -8.92 0.56
C SER A 78 4.28 -7.53 0.10
N VAL A 79 5.42 -7.08 0.61
CA VAL A 79 5.96 -5.77 0.26
C VAL A 79 7.29 -5.89 -0.46
N SER A 80 7.34 -5.39 -1.69
CA SER A 80 8.56 -5.45 -2.50
C SER A 80 9.07 -4.04 -2.81
N PHE A 81 10.28 -3.76 -2.36
CA PHE A 81 10.89 -2.44 -2.58
C PHE A 81 12.34 -2.59 -3.04
N SER A 82 12.76 -1.71 -3.93
CA SER A 82 14.12 -1.73 -4.45
C SER A 82 14.87 -0.45 -4.09
N ASP A 83 16.19 -0.57 -3.95
CA ASP A 83 17.02 0.58 -3.60
C ASP A 83 16.25 1.58 -2.74
N ILE A 84 16.16 1.29 -1.44
CA ILE A 84 15.45 2.16 -0.52
C ILE A 84 16.25 2.39 0.75
N ASP A 85 16.11 3.58 1.33
CA ASP A 85 16.81 3.92 2.55
C ASP A 85 16.11 3.33 3.77
N GLU A 86 16.85 3.20 4.87
CA GLU A 86 16.30 2.65 6.10
C GLU A 86 15.27 3.60 6.70
N ASN A 87 15.37 4.88 6.36
CA ASN A 87 14.44 5.88 6.87
C ASN A 87 13.00 5.52 6.52
N MET A 88 12.77 5.22 5.24
CA MET A 88 11.43 4.85 4.77
C MET A 88 11.12 3.41 5.11
N LYS A 89 12.14 2.56 5.11
CA LYS A 89 11.98 1.14 5.41
C LYS A 89 11.23 0.97 6.73
N LYS A 90 11.53 1.82 7.71
CA LYS A 90 10.90 1.75 9.02
C LYS A 90 9.38 1.89 8.88
N VAL A 91 8.94 2.75 7.96
CA VAL A 91 7.53 2.97 7.74
C VAL A 91 6.89 1.79 7.02
N ILE A 92 7.64 1.17 6.10
CA ILE A 92 7.15 0.03 5.36
C ILE A 92 6.99 -1.19 6.26
N LYS A 93 8.01 -1.46 7.06
CA LYS A 93 7.99 -2.61 7.98
C LYS A 93 6.92 -2.41 9.05
N ALA A 94 6.84 -1.21 9.59
CA ALA A 94 5.86 -0.89 10.63
C ALA A 94 4.43 -1.06 10.09
N THR A 95 4.21 -0.60 8.86
CA THR A 95 2.90 -0.69 8.24
C THR A 95 2.52 -2.15 7.97
N ALA A 96 3.50 -2.95 7.55
CA ALA A 96 3.27 -4.35 7.26
C ALA A 96 2.88 -5.12 8.53
N GLU A 97 3.66 -4.93 9.58
CA GLU A 97 3.41 -5.60 10.85
C GLU A 97 2.09 -5.13 11.45
N LYS A 98 1.74 -3.87 11.22
CA LYS A 98 0.50 -3.30 11.74
C LYS A 98 -0.71 -4.09 11.24
N PHE A 99 -0.66 -4.53 9.98
CA PHE A 99 -1.74 -5.29 9.39
C PHE A 99 -1.91 -6.64 10.09
N LYS A 100 -0.79 -7.20 10.55
CA LYS A 100 -0.81 -8.48 11.23
C LYS A 100 -1.64 -8.41 12.51
N ASN A 101 -1.70 -7.22 13.11
CA ASN A 101 -2.46 -7.01 14.34
C ASN A 101 -3.94 -7.26 14.10
N LYS A 102 -4.35 -7.29 12.83
CA LYS A 102 -5.74 -7.53 12.48
C LYS A 102 -5.96 -9.00 12.13
N GLY A 103 -4.88 -9.77 12.08
CA GLY A 103 -4.99 -11.18 11.77
C GLY A 103 -4.65 -11.48 10.31
N PHE A 104 -3.48 -11.04 9.89
CA PHE A 104 -3.04 -11.27 8.51
C PHE A 104 -1.56 -11.63 8.46
N LYS A 105 -1.14 -12.24 7.36
CA LYS A 105 0.26 -12.63 7.19
C LYS A 105 1.07 -11.51 6.55
N VAL A 106 2.27 -11.30 7.06
CA VAL A 106 3.15 -10.25 6.54
C VAL A 106 4.41 -10.84 5.92
N GLU A 107 4.71 -10.45 4.69
CA GLU A 107 5.88 -10.94 3.99
C GLU A 107 6.70 -9.79 3.41
N THR A 108 8.02 -9.88 3.55
CA THR A 108 8.91 -8.84 3.05
C THR A 108 9.88 -9.40 2.01
N ASP A 109 10.00 -8.71 0.88
CA ASP A 109 10.88 -9.14 -0.19
C ASP A 109 11.69 -7.95 -0.74
N MET A 110 12.85 -8.25 -1.30
CA MET A 110 13.71 -7.21 -1.86
C MET A 110 14.43 -7.72 -3.11
N MET A 1 15.71 12.90 -4.75
CA MET A 1 14.85 12.37 -5.79
C MET A 1 13.47 12.03 -5.23
N THR A 2 12.53 11.73 -6.12
CA THR A 2 11.18 11.39 -5.72
C THR A 2 10.93 9.89 -5.83
N LEU A 3 10.39 9.30 -4.77
CA LEU A 3 10.10 7.87 -4.75
C LEU A 3 8.61 7.62 -4.59
N CYS A 4 8.03 6.86 -5.51
CA CYS A 4 6.61 6.54 -5.46
C CYS A 4 6.39 5.04 -5.34
N ALA A 5 5.30 4.66 -4.66
CA ALA A 5 4.98 3.25 -4.47
C ALA A 5 3.51 2.98 -4.74
N MET A 6 3.22 1.85 -5.38
CA MET A 6 1.84 1.49 -5.69
C MET A 6 1.44 0.22 -4.94
N TYR A 7 0.34 0.31 -4.19
CA TYR A 7 -0.15 -0.82 -3.42
C TYR A 7 -1.59 -1.16 -3.81
N ASN A 8 -1.92 -2.45 -3.73
CA ASN A 8 -3.26 -2.92 -4.07
C ASN A 8 -3.89 -3.67 -2.91
N ILE A 9 -5.16 -3.38 -2.63
CA ILE A 9 -5.88 -4.04 -1.56
C ILE A 9 -7.03 -4.88 -2.09
N SER A 10 -7.12 -6.12 -1.64
CA SER A 10 -8.17 -7.04 -2.08
C SER A 10 -9.07 -7.42 -0.91
N MET A 11 -10.37 -7.17 -1.06
CA MET A 11 -11.34 -7.50 -0.02
C MET A 11 -11.90 -8.90 -0.22
N ALA A 12 -11.43 -9.58 -1.26
CA ALA A 12 -11.89 -10.93 -1.55
C ALA A 12 -11.21 -11.48 -2.80
N GLY A 13 -11.74 -12.58 -3.33
CA GLY A 13 -11.18 -13.18 -4.52
C GLY A 13 -11.70 -12.55 -5.80
N SER A 14 -11.78 -11.22 -5.82
CA SER A 14 -12.28 -10.50 -6.98
C SER A 14 -11.37 -9.33 -7.32
N HIS A 15 -11.47 -8.86 -8.56
CA HIS A 15 -10.65 -7.75 -9.02
C HIS A 15 -10.39 -6.76 -7.89
N PRO A 16 -9.16 -6.79 -7.35
CA PRO A 16 -8.76 -5.91 -6.25
C PRO A 16 -8.64 -4.46 -6.68
N THR A 17 -8.20 -3.60 -5.76
CA THR A 17 -8.04 -2.18 -6.06
C THR A 17 -6.57 -1.77 -5.98
N THR A 18 -6.11 -1.08 -7.02
CA THR A 18 -4.72 -0.62 -7.08
C THR A 18 -4.63 0.88 -6.82
N ILE A 19 -3.56 1.29 -6.12
CA ILE A 19 -3.36 2.70 -5.81
C ILE A 19 -1.87 3.06 -5.89
N CYS A 20 -1.59 4.24 -6.41
CA CYS A 20 -0.21 4.72 -6.53
C CYS A 20 -0.04 6.08 -5.86
N VAL A 21 0.81 6.12 -4.84
CA VAL A 21 1.06 7.34 -4.10
C VAL A 21 2.53 7.44 -3.68
N VAL A 22 3.03 8.67 -3.59
CA VAL A 22 4.42 8.90 -3.19
C VAL A 22 4.65 8.47 -1.75
N MET A 23 5.91 8.14 -1.43
CA MET A 23 6.27 7.71 -0.09
C MET A 23 5.81 8.72 0.95
N ASP A 24 5.89 10.01 0.60
CA ASP A 24 5.48 11.06 1.50
C ASP A 24 4.03 10.90 1.93
N ARG A 25 3.19 10.47 0.99
CA ARG A 25 1.78 10.26 1.27
C ARG A 25 1.46 8.78 1.43
N PHE A 26 2.43 7.94 1.08
CA PHE A 26 2.25 6.49 1.19
C PHE A 26 2.08 6.07 2.64
N LEU A 27 2.93 6.61 3.51
CA LEU A 27 2.89 6.29 4.93
C LEU A 27 1.52 6.65 5.52
N GLU A 28 1.06 7.86 5.24
CA GLU A 28 -0.23 8.33 5.74
C GLU A 28 -1.37 7.57 5.07
N SER A 29 -1.30 7.46 3.75
CA SER A 29 -2.33 6.76 2.98
C SER A 29 -2.54 5.35 3.50
N PHE A 30 -1.45 4.58 3.56
CA PHE A 30 -1.50 3.21 4.04
C PHE A 30 -2.10 3.14 5.45
N SER A 31 -1.59 4.01 6.33
CA SER A 31 -2.07 4.05 7.71
C SER A 31 -3.58 4.21 7.77
N GLU A 32 -4.10 5.11 6.94
CA GLU A 32 -5.53 5.37 6.89
C GLU A 32 -6.27 4.20 6.25
N LEU A 33 -5.68 3.65 5.19
CA LEU A 33 -6.28 2.52 4.48
C LEU A 33 -6.56 1.37 5.44
N TYR A 34 -5.66 1.15 6.38
CA TYR A 34 -5.81 0.07 7.36
C TYR A 34 -7.00 0.33 8.27
N ASP A 35 -7.27 1.60 8.54
CA ASP A 35 -8.38 1.99 9.39
C ASP A 35 -9.71 1.82 8.68
N ILE A 36 -9.70 2.02 7.36
CA ILE A 36 -10.91 1.88 6.55
C ILE A 36 -11.04 0.47 5.99
N ILE A 37 -9.94 -0.28 6.03
CA ILE A 37 -9.94 -1.64 5.52
C ILE A 37 -10.99 -2.49 6.24
N ASP A 38 -11.43 -2.03 7.39
CA ASP A 38 -12.43 -2.75 8.17
C ASP A 38 -13.82 -2.53 7.59
N GLU A 39 -14.01 -1.41 6.90
CA GLU A 39 -15.29 -1.09 6.30
C GLU A 39 -15.79 -2.25 5.44
N ASN A 40 -14.94 -2.72 4.53
CA ASN A 40 -15.31 -3.82 3.66
C ASN A 40 -16.40 -3.41 2.69
N ASP A 41 -16.65 -2.11 2.60
CA ASP A 41 -17.67 -1.59 1.70
C ASP A 41 -17.05 -1.09 0.40
N THR A 42 -17.70 -1.43 -0.72
CA THR A 42 -17.21 -1.02 -2.03
C THR A 42 -17.32 0.48 -2.21
N ASP A 43 -18.44 1.05 -1.76
CA ASP A 43 -18.68 2.49 -1.89
C ASP A 43 -17.67 3.27 -1.06
N VAL A 44 -17.43 2.81 0.18
CA VAL A 44 -16.49 3.47 1.07
C VAL A 44 -15.06 3.28 0.60
N MET A 45 -14.76 2.07 0.11
CA MET A 45 -13.42 1.76 -0.38
C MET A 45 -13.12 2.51 -1.67
N MET A 46 -14.08 2.51 -2.59
CA MET A 46 -13.93 3.18 -3.87
C MET A 46 -13.80 4.70 -3.68
N ASP A 47 -14.57 5.22 -2.73
CA ASP A 47 -14.55 6.65 -2.44
C ASP A 47 -13.24 7.05 -1.75
N PHE A 48 -12.79 6.23 -0.82
CA PHE A 48 -11.55 6.50 -0.10
C PHE A 48 -10.34 6.28 -1.00
N ILE A 49 -10.35 5.19 -1.76
CA ILE A 49 -9.25 4.88 -2.66
C ILE A 49 -9.09 5.96 -3.72
N SER A 50 -10.20 6.34 -4.35
CA SER A 50 -10.18 7.36 -5.38
C SER A 50 -9.73 8.71 -4.81
N ARG A 51 -10.14 8.99 -3.58
CA ARG A 51 -9.79 10.24 -2.92
C ARG A 51 -8.34 10.21 -2.45
N PHE A 52 -7.85 9.02 -2.13
CA PHE A 52 -6.48 8.85 -1.67
C PHE A 52 -5.55 8.51 -2.82
N ALA A 53 -6.13 8.27 -3.99
CA ALA A 53 -5.35 7.94 -5.18
C ALA A 53 -4.99 9.20 -5.97
N ARG A 54 -3.90 9.12 -6.74
CA ARG A 54 -3.45 10.24 -7.54
C ARG A 54 -2.99 9.78 -8.92
N THR A 55 -3.57 10.37 -9.95
CA THR A 55 -3.22 10.02 -11.33
C THR A 55 -1.89 10.62 -11.73
N ASP A 56 -0.82 10.17 -11.09
CA ASP A 56 0.52 10.67 -11.38
C ASP A 56 1.49 9.52 -11.63
N GLU A 57 2.59 9.81 -12.32
CA GLU A 57 3.59 8.80 -12.62
C GLU A 57 4.95 9.20 -12.07
N ILE A 58 5.99 8.48 -12.49
CA ILE A 58 7.34 8.76 -12.02
C ILE A 58 8.19 9.35 -13.15
N MET A 59 8.85 10.46 -12.86
CA MET A 59 9.69 11.14 -13.83
C MET A 59 11.01 10.38 -14.04
N PRO A 60 11.70 10.69 -15.13
CA PRO A 60 12.98 10.05 -15.47
C PRO A 60 14.10 10.47 -14.51
N GLU A 61 13.89 11.57 -13.81
CA GLU A 61 14.88 12.07 -12.87
C GLU A 61 14.70 11.44 -11.49
N ASP A 62 13.52 10.86 -11.27
CA ASP A 62 13.21 10.22 -9.99
C ASP A 62 13.07 8.72 -10.17
N LYS A 63 12.40 8.08 -9.21
CA LYS A 63 12.18 6.63 -9.26
C LYS A 63 10.95 6.25 -8.45
N THR A 64 10.67 4.95 -8.40
CA THR A 64 9.53 4.43 -7.65
C THR A 64 9.96 3.50 -6.54
N VAL A 65 9.45 3.74 -5.33
CA VAL A 65 9.79 2.91 -4.19
C VAL A 65 9.54 1.43 -4.47
N GLY A 66 8.37 1.13 -5.04
CA GLY A 66 8.04 -0.24 -5.36
C GLY A 66 6.55 -0.49 -5.39
N PHE A 67 6.15 -1.76 -5.38
CA PHE A 67 4.74 -2.12 -5.40
C PHE A 67 4.40 -3.05 -4.24
N VAL A 68 3.25 -2.82 -3.62
CA VAL A 68 2.81 -3.64 -2.50
C VAL A 68 1.51 -4.37 -2.82
N VAL A 69 1.49 -5.67 -2.57
CA VAL A 69 0.31 -6.49 -2.83
C VAL A 69 -0.34 -6.95 -1.54
N VAL A 70 -1.61 -6.59 -1.36
CA VAL A 70 -2.35 -6.97 -0.16
C VAL A 70 -3.63 -7.72 -0.52
N ASN A 71 -3.70 -8.98 -0.10
CA ASN A 71 -4.87 -9.82 -0.38
C ASN A 71 -5.52 -10.28 0.91
N ALA A 72 -6.69 -9.72 1.22
CA ALA A 72 -7.42 -10.09 2.42
C ALA A 72 -8.02 -11.49 2.30
N ASP A 73 -8.36 -11.88 1.09
CA ASP A 73 -8.95 -13.20 0.83
C ASP A 73 -8.00 -14.30 1.30
N LYS A 74 -6.71 -14.10 1.09
CA LYS A 74 -5.71 -15.08 1.49
C LYS A 74 -5.13 -14.74 2.85
N LYS A 75 -5.34 -13.50 3.29
CA LYS A 75 -4.84 -13.04 4.57
C LYS A 75 -3.31 -12.90 4.56
N LEU A 76 -2.79 -12.35 3.45
CA LEU A 76 -1.36 -12.16 3.30
C LEU A 76 -1.06 -10.84 2.60
N MET A 77 0.12 -10.28 2.87
CA MET A 77 0.53 -9.02 2.25
C MET A 77 2.03 -9.02 1.97
N SER A 78 2.38 -8.72 0.72
CA SER A 78 3.78 -8.69 0.32
C SER A 78 4.17 -7.30 -0.19
N VAL A 79 5.33 -6.82 0.25
CA VAL A 79 5.80 -5.50 -0.16
C VAL A 79 7.14 -5.61 -0.88
N SER A 80 7.17 -5.16 -2.13
CA SER A 80 8.39 -5.20 -2.94
C SER A 80 8.87 -3.80 -3.28
N PHE A 81 10.08 -3.47 -2.84
CA PHE A 81 10.66 -2.15 -3.10
C PHE A 81 12.11 -2.28 -3.54
N SER A 82 12.54 -1.36 -4.41
CA SER A 82 13.90 -1.37 -4.91
C SER A 82 14.65 -0.12 -4.48
N ASP A 83 15.97 -0.24 -4.35
CA ASP A 83 16.80 0.89 -3.94
C ASP A 83 16.01 1.87 -3.09
N ILE A 84 15.85 1.54 -1.82
CA ILE A 84 15.11 2.39 -0.89
C ILE A 84 15.92 2.67 0.36
N ASP A 85 15.68 3.83 0.98
CA ASP A 85 16.39 4.21 2.19
C ASP A 85 15.74 3.58 3.42
N GLU A 86 16.50 3.50 4.51
CA GLU A 86 16.00 2.92 5.74
C GLU A 86 14.91 3.79 6.37
N ASN A 87 14.95 5.08 6.05
CA ASN A 87 13.97 6.03 6.58
C ASN A 87 12.56 5.62 6.17
N MET A 88 12.38 5.35 4.87
CA MET A 88 11.08 4.95 4.35
C MET A 88 10.77 3.49 4.69
N LYS A 89 11.82 2.67 4.69
CA LYS A 89 11.67 1.25 4.99
C LYS A 89 10.96 1.06 6.32
N LYS A 90 11.28 1.90 7.30
CA LYS A 90 10.68 1.81 8.62
C LYS A 90 9.16 1.95 8.53
N VAL A 91 8.70 2.80 7.63
CA VAL A 91 7.27 3.02 7.45
C VAL A 91 6.62 1.83 6.75
N ILE A 92 7.35 1.22 5.82
CA ILE A 92 6.84 0.06 5.08
C ILE A 92 6.71 -1.15 6.00
N LYS A 93 7.73 -1.40 6.79
CA LYS A 93 7.73 -2.53 7.72
C LYS A 93 6.67 -2.34 8.80
N ALA A 94 6.58 -1.13 9.34
CA ALA A 94 5.60 -0.82 10.37
C ALA A 94 4.18 -0.98 9.85
N THR A 95 3.96 -0.59 8.60
CA THR A 95 2.64 -0.69 7.99
C THR A 95 2.25 -2.15 7.76
N ALA A 96 3.19 -2.93 7.25
CA ALA A 96 2.94 -4.35 6.98
C ALA A 96 2.72 -5.11 8.29
N GLU A 97 3.62 -4.91 9.24
CA GLU A 97 3.52 -5.59 10.54
C GLU A 97 2.24 -5.20 11.26
N LYS A 98 1.79 -3.97 11.03
CA LYS A 98 0.57 -3.47 11.66
C LYS A 98 -0.62 -4.36 11.30
N PHE A 99 -0.65 -4.84 10.07
CA PHE A 99 -1.74 -5.70 9.60
C PHE A 99 -1.80 -6.98 10.43
N LYS A 100 -0.65 -7.43 10.90
CA LYS A 100 -0.58 -8.65 11.70
C LYS A 100 -1.41 -8.51 12.97
N ASN A 101 -1.56 -7.29 13.44
CA ASN A 101 -2.34 -7.02 14.65
C ASN A 101 -3.80 -7.44 14.47
N LYS A 102 -4.19 -7.62 13.21
CA LYS A 102 -5.56 -8.03 12.90
C LYS A 102 -5.60 -9.49 12.45
N GLY A 103 -4.43 -10.10 12.35
CA GLY A 103 -4.35 -11.50 11.93
C GLY A 103 -4.10 -11.63 10.44
N PHE A 104 -2.88 -11.33 10.03
CA PHE A 104 -2.50 -11.42 8.62
C PHE A 104 -1.02 -11.77 8.47
N LYS A 105 -0.62 -12.08 7.24
CA LYS A 105 0.77 -12.45 6.96
C LYS A 105 1.52 -11.28 6.32
N VAL A 106 2.78 -11.11 6.70
CA VAL A 106 3.60 -10.04 6.16
C VAL A 106 4.82 -10.59 5.44
N GLU A 107 5.02 -10.18 4.19
CA GLU A 107 6.16 -10.63 3.41
C GLU A 107 6.90 -9.44 2.80
N THR A 108 8.23 -9.54 2.75
CA THR A 108 9.06 -8.48 2.19
C THR A 108 9.87 -8.98 1.01
N ASP A 109 9.94 -8.17 -0.03
CA ASP A 109 10.69 -8.53 -1.23
C ASP A 109 11.73 -7.46 -1.57
N MET A 110 12.98 -7.73 -1.22
CA MET A 110 14.06 -6.77 -1.49
C MET A 110 15.11 -7.40 -2.42
N MET A 1 16.21 12.96 -6.03
CA MET A 1 15.15 12.36 -6.82
C MET A 1 13.93 12.07 -5.94
N THR A 2 12.81 11.75 -6.59
CA THR A 2 11.57 11.45 -5.87
C THR A 2 11.28 9.95 -5.88
N LEU A 3 10.95 9.42 -4.71
CA LEU A 3 10.65 7.99 -4.59
C LEU A 3 9.18 7.78 -4.27
N CYS A 4 8.51 6.97 -5.08
CA CYS A 4 7.09 6.69 -4.88
C CYS A 4 6.86 5.19 -4.71
N ALA A 5 5.71 4.83 -4.13
CA ALA A 5 5.38 3.43 -3.90
C ALA A 5 3.94 3.14 -4.34
N MET A 6 3.72 1.96 -4.90
CA MET A 6 2.40 1.56 -5.36
C MET A 6 1.94 0.30 -4.63
N TYR A 7 0.76 0.40 -4.00
CA TYR A 7 0.21 -0.72 -3.26
C TYR A 7 -1.18 -1.08 -3.79
N ASN A 8 -1.41 -2.38 -3.97
CA ASN A 8 -2.69 -2.87 -4.47
C ASN A 8 -3.43 -3.68 -3.41
N ILE A 9 -4.72 -3.42 -3.26
CA ILE A 9 -5.53 -4.13 -2.28
C ILE A 9 -6.61 -4.96 -2.96
N SER A 10 -6.71 -6.23 -2.54
CA SER A 10 -7.71 -7.13 -3.12
C SER A 10 -8.88 -7.34 -2.15
N MET A 11 -10.06 -6.94 -2.59
CA MET A 11 -11.27 -7.09 -1.76
C MET A 11 -11.93 -8.44 -2.00
N ALA A 12 -11.49 -9.45 -1.26
CA ALA A 12 -12.05 -10.79 -1.39
C ALA A 12 -11.64 -11.43 -2.72
N GLY A 13 -10.45 -11.07 -3.20
CA GLY A 13 -9.97 -11.61 -4.46
C GLY A 13 -10.87 -11.28 -5.62
N SER A 14 -11.74 -10.29 -5.42
CA SER A 14 -12.67 -9.87 -6.47
C SER A 14 -12.54 -8.37 -6.74
N HIS A 15 -12.47 -8.02 -8.02
CA HIS A 15 -12.34 -6.62 -8.43
C HIS A 15 -11.31 -5.90 -7.56
N PRO A 16 -10.03 -6.19 -7.80
CA PRO A 16 -8.93 -5.57 -7.04
C PRO A 16 -8.76 -4.09 -7.37
N THR A 17 -8.05 -3.38 -6.49
CA THR A 17 -7.82 -1.95 -6.69
C THR A 17 -6.36 -1.59 -6.44
N THR A 18 -5.80 -0.76 -7.31
CA THR A 18 -4.41 -0.34 -7.19
C THR A 18 -4.32 1.15 -6.86
N ILE A 19 -3.35 1.50 -6.02
CA ILE A 19 -3.16 2.89 -5.62
C ILE A 19 -1.69 3.27 -5.71
N CYS A 20 -1.42 4.48 -6.21
CA CYS A 20 -0.06 4.97 -6.34
C CYS A 20 0.13 6.26 -5.55
N VAL A 21 1.03 6.21 -4.57
CA VAL A 21 1.32 7.38 -3.73
C VAL A 21 2.80 7.48 -3.42
N VAL A 22 3.29 8.71 -3.30
CA VAL A 22 4.70 8.95 -3.00
C VAL A 22 5.03 8.51 -1.58
N MET A 23 6.31 8.23 -1.34
CA MET A 23 6.77 7.80 -0.02
C MET A 23 6.28 8.77 1.06
N ASP A 24 6.32 10.06 0.75
CA ASP A 24 5.89 11.08 1.69
C ASP A 24 4.45 10.85 2.13
N ARG A 25 3.60 10.46 1.17
CA ARG A 25 2.20 10.21 1.45
C ARG A 25 1.92 8.72 1.57
N PHE A 26 2.93 7.91 1.26
CA PHE A 26 2.80 6.45 1.33
C PHE A 26 2.59 6.00 2.77
N LEU A 27 3.39 6.53 3.68
CA LEU A 27 3.30 6.19 5.09
C LEU A 27 1.92 6.53 5.65
N GLU A 28 1.46 7.74 5.36
CA GLU A 28 0.16 8.20 5.84
C GLU A 28 -0.97 7.45 5.12
N SER A 29 -0.87 7.37 3.80
CA SER A 29 -1.88 6.69 3.00
C SER A 29 -2.10 5.26 3.50
N PHE A 30 -1.03 4.48 3.47
CA PHE A 30 -1.09 3.09 3.91
C PHE A 30 -1.66 2.99 5.32
N SER A 31 -1.17 3.85 6.21
CA SER A 31 -1.64 3.86 7.60
C SER A 31 -3.15 4.00 7.66
N GLU A 32 -3.68 4.93 6.87
CA GLU A 32 -5.13 5.16 6.84
C GLU A 32 -5.85 4.01 6.15
N LEU A 33 -5.27 3.52 5.06
CA LEU A 33 -5.86 2.42 4.31
C LEU A 33 -6.11 1.22 5.20
N TYR A 34 -5.19 0.98 6.12
CA TYR A 34 -5.30 -0.14 7.05
C TYR A 34 -6.48 0.06 8.01
N ASP A 35 -6.74 1.31 8.35
CA ASP A 35 -7.84 1.64 9.25
C ASP A 35 -9.18 1.46 8.56
N ILE A 36 -9.20 1.67 7.26
CA ILE A 36 -10.43 1.54 6.47
C ILE A 36 -10.55 0.13 5.89
N ILE A 37 -9.43 -0.56 5.78
CA ILE A 37 -9.42 -1.92 5.24
C ILE A 37 -10.32 -2.84 6.05
N ASP A 38 -10.62 -2.42 7.28
CA ASP A 38 -11.48 -3.20 8.16
C ASP A 38 -12.93 -3.20 7.67
N GLU A 39 -13.29 -2.15 6.94
CA GLU A 39 -14.64 -2.01 6.42
C GLU A 39 -14.99 -3.20 5.52
N ASN A 40 -16.17 -3.14 4.91
CA ASN A 40 -16.62 -4.22 4.03
C ASN A 40 -17.57 -3.66 2.95
N ASP A 41 -17.49 -2.37 2.71
CA ASP A 41 -18.33 -1.72 1.72
C ASP A 41 -17.50 -1.27 0.51
N THR A 42 -18.00 -1.53 -0.68
CA THR A 42 -17.31 -1.15 -1.91
C THR A 42 -17.30 0.35 -2.09
N ASP A 43 -18.40 1.00 -1.70
CA ASP A 43 -18.51 2.45 -1.83
C ASP A 43 -17.47 3.15 -0.97
N VAL A 44 -17.25 2.64 0.24
CA VAL A 44 -16.28 3.22 1.15
C VAL A 44 -14.85 2.99 0.65
N MET A 45 -14.60 1.80 0.11
CA MET A 45 -13.29 1.46 -0.39
C MET A 45 -12.98 2.23 -1.67
N MET A 46 -13.95 2.26 -2.59
CA MET A 46 -13.78 2.96 -3.86
C MET A 46 -13.70 4.47 -3.64
N ASP A 47 -14.48 4.97 -2.69
CA ASP A 47 -14.50 6.40 -2.39
C ASP A 47 -13.23 6.80 -1.64
N PHE A 48 -12.79 5.96 -0.72
CA PHE A 48 -11.59 6.23 0.06
C PHE A 48 -10.34 6.13 -0.83
N ILE A 49 -10.28 5.08 -1.64
CA ILE A 49 -9.14 4.88 -2.53
C ILE A 49 -9.09 5.95 -3.62
N SER A 50 -10.27 6.28 -4.16
CA SER A 50 -10.36 7.28 -5.21
C SER A 50 -9.92 8.66 -4.70
N ARG A 51 -10.31 8.97 -3.46
CA ARG A 51 -9.97 10.25 -2.86
C ARG A 51 -8.51 10.25 -2.41
N PHE A 52 -7.99 9.09 -2.06
CA PHE A 52 -6.61 8.97 -1.61
C PHE A 52 -5.67 8.80 -2.81
N ALA A 53 -6.24 8.44 -3.95
CA ALA A 53 -5.46 8.23 -5.16
C ALA A 53 -5.86 9.23 -6.25
N ARG A 54 -5.10 9.25 -7.33
CA ARG A 54 -5.38 10.15 -8.44
C ARG A 54 -4.75 9.65 -9.74
N THR A 55 -4.51 8.34 -9.79
CA THR A 55 -3.90 7.73 -10.97
C THR A 55 -2.68 8.51 -11.43
N ASP A 56 -1.52 8.20 -10.88
CA ASP A 56 -0.28 8.88 -11.24
C ASP A 56 0.84 7.88 -11.49
N GLU A 57 1.85 8.30 -12.24
CA GLU A 57 2.98 7.44 -12.55
C GLU A 57 4.29 8.05 -12.07
N ILE A 58 5.40 7.46 -12.48
CA ILE A 58 6.72 7.95 -12.08
C ILE A 58 7.44 8.59 -13.26
N MET A 59 7.95 9.80 -13.05
CA MET A 59 8.66 10.52 -14.10
C MET A 59 10.08 9.98 -14.27
N PRO A 60 10.70 10.31 -15.41
CA PRO A 60 12.06 9.86 -15.71
C PRO A 60 13.11 10.53 -14.83
N GLU A 61 12.71 11.61 -14.17
CA GLU A 61 13.62 12.34 -13.29
C GLU A 61 13.62 11.74 -11.89
N ASP A 62 12.57 10.99 -11.57
CA ASP A 62 12.44 10.35 -10.27
C ASP A 62 12.40 8.84 -10.40
N LYS A 63 12.00 8.16 -9.33
CA LYS A 63 11.91 6.70 -9.33
C LYS A 63 10.87 6.22 -8.33
N THR A 64 10.69 4.91 -8.24
CA THR A 64 9.73 4.31 -7.33
C THR A 64 10.43 3.50 -6.25
N VAL A 65 10.08 3.76 -4.98
CA VAL A 65 10.68 3.04 -3.87
C VAL A 65 10.32 1.56 -3.91
N GLY A 66 9.08 1.26 -4.27
CA GLY A 66 8.64 -0.12 -4.34
C GLY A 66 7.13 -0.25 -4.40
N PHE A 67 6.65 -1.48 -4.50
CA PHE A 67 5.21 -1.74 -4.55
C PHE A 67 4.79 -2.75 -3.50
N VAL A 68 3.58 -2.59 -2.98
CA VAL A 68 3.06 -3.49 -1.96
C VAL A 68 1.81 -4.23 -2.46
N VAL A 69 1.79 -5.54 -2.30
CA VAL A 69 0.67 -6.35 -2.73
C VAL A 69 -0.08 -6.93 -1.53
N VAL A 70 -1.36 -6.56 -1.40
CA VAL A 70 -2.19 -7.04 -0.30
C VAL A 70 -3.43 -7.74 -0.83
N ASN A 71 -3.61 -9.00 -0.45
CA ASN A 71 -4.76 -9.79 -0.88
C ASN A 71 -5.59 -10.22 0.32
N ALA A 72 -6.79 -9.67 0.43
CA ALA A 72 -7.69 -10.00 1.54
C ALA A 72 -8.19 -11.45 1.41
N ASP A 73 -8.41 -11.89 0.18
CA ASP A 73 -8.88 -13.25 -0.06
C ASP A 73 -7.90 -14.28 0.48
N LYS A 74 -6.61 -14.00 0.33
CA LYS A 74 -5.56 -14.90 0.80
C LYS A 74 -5.11 -14.51 2.21
N LYS A 75 -5.55 -13.34 2.66
CA LYS A 75 -5.19 -12.86 3.99
C LYS A 75 -3.68 -12.72 4.13
N LEU A 76 -3.03 -12.26 3.06
CA LEU A 76 -1.59 -12.07 3.07
C LEU A 76 -1.20 -10.78 2.36
N MET A 77 -0.05 -10.23 2.74
CA MET A 77 0.44 -8.99 2.13
C MET A 77 1.95 -9.01 1.99
N SER A 78 2.44 -8.75 0.78
CA SER A 78 3.87 -8.75 0.52
C SER A 78 4.35 -7.36 0.10
N VAL A 79 5.49 -6.94 0.64
CA VAL A 79 6.05 -5.63 0.33
C VAL A 79 7.40 -5.76 -0.35
N SER A 80 7.50 -5.25 -1.57
CA SER A 80 8.74 -5.32 -2.34
C SER A 80 9.27 -3.92 -2.64
N PHE A 81 10.46 -3.62 -2.13
CA PHE A 81 11.07 -2.32 -2.35
C PHE A 81 12.53 -2.46 -2.76
N SER A 82 12.98 -1.58 -3.65
CA SER A 82 14.36 -1.62 -4.14
C SER A 82 15.09 -0.33 -3.77
N ASP A 83 16.40 -0.44 -3.60
CA ASP A 83 17.23 0.71 -3.24
C ASP A 83 16.45 1.68 -2.37
N ILE A 84 16.38 1.38 -1.08
CA ILE A 84 15.66 2.23 -0.13
C ILE A 84 16.44 2.36 1.18
N ASP A 85 16.35 3.54 1.80
CA ASP A 85 17.03 3.80 3.05
C ASP A 85 16.22 3.25 4.23
N GLU A 86 16.89 3.08 5.37
CA GLU A 86 16.24 2.56 6.57
C GLU A 86 15.20 3.55 7.09
N ASN A 87 15.36 4.82 6.71
CA ASN A 87 14.44 5.86 7.15
C ASN A 87 13.00 5.52 6.74
N MET A 88 12.82 5.21 5.46
CA MET A 88 11.50 4.87 4.95
C MET A 88 11.15 3.42 5.27
N LYS A 89 12.16 2.56 5.26
CA LYS A 89 11.96 1.14 5.56
C LYS A 89 11.20 0.96 6.86
N LYS A 90 11.51 1.79 7.86
CA LYS A 90 10.84 1.73 9.15
C LYS A 90 9.33 1.89 9.00
N VAL A 91 8.92 2.77 8.10
CA VAL A 91 7.50 3.02 7.86
C VAL A 91 6.87 1.86 7.12
N ILE A 92 7.61 1.26 6.20
CA ILE A 92 7.11 0.13 5.42
C ILE A 92 6.93 -1.10 6.30
N LYS A 93 7.94 -1.39 7.12
CA LYS A 93 7.90 -2.54 8.01
C LYS A 93 6.78 -2.39 9.04
N ALA A 94 6.67 -1.18 9.60
CA ALA A 94 5.65 -0.90 10.60
C ALA A 94 4.25 -1.09 10.02
N THR A 95 4.05 -0.64 8.78
CA THR A 95 2.76 -0.75 8.12
C THR A 95 2.42 -2.22 7.84
N ALA A 96 3.43 -3.00 7.47
CA ALA A 96 3.24 -4.41 7.17
C ALA A 96 2.81 -5.17 8.42
N GLU A 97 3.53 -4.97 9.51
CA GLU A 97 3.23 -5.64 10.77
C GLU A 97 1.87 -5.21 11.30
N LYS A 98 1.51 -3.95 11.03
CA LYS A 98 0.23 -3.42 11.49
C LYS A 98 -0.93 -4.23 10.95
N PHE A 99 -0.80 -4.69 9.71
CA PHE A 99 -1.85 -5.49 9.08
C PHE A 99 -2.03 -6.81 9.81
N LYS A 100 -0.94 -7.35 10.34
CA LYS A 100 -0.98 -8.61 11.07
C LYS A 100 -1.85 -8.50 12.32
N ASN A 101 -1.90 -7.29 12.88
CA ASN A 101 -2.69 -7.04 14.09
C ASN A 101 -4.18 -7.28 13.81
N LYS A 102 -4.54 -7.31 12.53
CA LYS A 102 -5.92 -7.53 12.13
C LYS A 102 -6.16 -8.98 11.73
N GLY A 103 -5.12 -9.80 11.88
CA GLY A 103 -5.23 -11.21 11.53
C GLY A 103 -4.90 -11.47 10.08
N PHE A 104 -3.69 -11.10 9.68
CA PHE A 104 -3.24 -11.29 8.30
C PHE A 104 -1.78 -11.70 8.25
N LYS A 105 -1.33 -12.14 7.08
CA LYS A 105 0.06 -12.55 6.90
C LYS A 105 0.90 -11.42 6.34
N VAL A 106 2.11 -11.27 6.86
CA VAL A 106 3.01 -10.22 6.41
C VAL A 106 4.26 -10.81 5.77
N GLU A 107 4.61 -10.31 4.58
CA GLU A 107 5.79 -10.79 3.85
C GLU A 107 6.67 -9.62 3.43
N THR A 108 7.97 -9.79 3.59
CA THR A 108 8.93 -8.75 3.23
C THR A 108 9.91 -9.25 2.18
N ASP A 109 10.11 -8.46 1.13
CA ASP A 109 11.02 -8.83 0.05
C ASP A 109 11.94 -7.66 -0.31
N MET A 110 13.13 -7.98 -0.79
CA MET A 110 14.10 -6.95 -1.17
C MET A 110 14.86 -7.37 -2.42
#